data_6O64
#
_entry.id   6O64
#
_cell.length_a   75.646
_cell.length_b   162.699
_cell.length_c   97.494
_cell.angle_alpha   90.00
_cell.angle_beta   100.21
_cell.angle_gamma   90.00
#
_symmetry.space_group_name_H-M   'P 1 21 1'
#
loop_
_entity.id
_entity.type
_entity.pdbx_description
1 polymer 'Spermidine synthase 2'
2 non-polymer 'ACETATE ION'
3 non-polymer DI(HYDROXYETHYL)ETHER
4 non-polymer 'FORMIC ACID'
5 non-polymer 'MALONATE ION'
6 non-polymer 1,2-ETHANEDIOL
7 water water
#
_entity_poly.entity_id   1
_entity_poly.type   'polypeptide(L)'
_entity_poly.pdbx_seq_one_letter_code
;SNAKEPSCMSSIIPGWFSEISPMWPGEAHSLKVEKILFQGKSDYQDVIVFQSATYGKVLVLDGVIQLTERDECAYQEMIT
HLPLCSISNPKKVLVIGGGDGGVLREVARHSSVEQIDICEIDKMVVDVAKQYFPNVAVGYEDPRVNLIIGDGVAFLKNAA
EGTYDAVIVDSSDPIGPAKELFEKPFFESVNRALRPGGVVCTQAESLWLHMDIIEDIVSNCRDIFKGSVNYAWTSVPTYP
SGVIGFMLCSSEGPQVDFKKPVSLIDTDESSIKSHCPLKYYNAEIHSAAFCLPSFAKKVIDSKAN
;
_entity_poly.pdbx_strand_id   A,B,C,D,E,F,G,H
#
loop_
_chem_comp.id
_chem_comp.type
_chem_comp.name
_chem_comp.formula
ACT non-polymer 'ACETATE ION' 'C2 H3 O2 -1'
EDO non-polymer 1,2-ETHANEDIOL 'C2 H6 O2'
FMT non-polymer 'FORMIC ACID' 'C H2 O2'
MLI non-polymer 'MALONATE ION' 'C3 H2 O4 -2'
PEG non-polymer DI(HYDROXYETHYL)ETHER 'C4 H10 O3'
#
# COMPACT_ATOMS: atom_id res chain seq x y z
N CYS A 8 -51.84 32.63 11.36
CA CYS A 8 -51.00 31.88 10.34
C CYS A 8 -51.22 32.45 8.92
N MET A 9 -52.34 33.13 8.64
CA MET A 9 -52.61 33.81 7.34
C MET A 9 -52.25 35.30 7.44
N SER A 10 -51.55 35.83 6.43
CA SER A 10 -51.13 37.27 6.35
C SER A 10 -50.30 37.69 7.59
N SER A 11 -49.48 36.78 8.14
CA SER A 11 -48.63 37.02 9.34
C SER A 11 -47.33 37.73 8.94
N ILE A 12 -46.89 37.56 7.69
CA ILE A 12 -45.65 38.18 7.17
C ILE A 12 -45.92 38.92 5.86
N ILE A 13 -46.81 38.41 5.01
CA ILE A 13 -47.18 39.06 3.72
C ILE A 13 -48.71 39.08 3.64
N PRO A 14 -49.39 40.23 3.35
CA PRO A 14 -50.84 40.21 3.08
C PRO A 14 -51.19 39.25 1.92
N GLY A 15 -52.16 38.36 2.14
CA GLY A 15 -52.69 37.43 1.13
C GLY A 15 -51.93 36.11 1.07
N TRP A 16 -50.99 35.88 1.99
CA TRP A 16 -50.06 34.74 1.93
C TRP A 16 -50.14 33.94 3.23
N PHE A 17 -50.24 32.62 3.10
CA PHE A 17 -50.06 31.65 4.22
C PHE A 17 -48.55 31.56 4.55
N SER A 18 -48.19 31.72 5.84
CA SER A 18 -46.80 31.56 6.32
C SER A 18 -46.75 30.46 7.37
N GLU A 19 -45.91 29.45 7.15
CA GLU A 19 -45.79 28.27 8.06
C GLU A 19 -44.75 28.58 9.15
N ILE A 20 -45.23 29.01 10.31
CA ILE A 20 -44.38 29.35 11.49
C ILE A 20 -44.59 28.22 12.49
N SER A 21 -43.55 27.96 13.28
CA SER A 21 -43.39 26.80 14.17
C SER A 21 -42.04 26.94 14.85
N PRO A 22 -41.95 26.65 16.17
CA PRO A 22 -40.67 26.62 16.88
C PRO A 22 -39.93 25.32 16.50
N MET A 23 -40.54 24.47 15.68
CA MET A 23 -39.84 23.29 15.09
C MET A 23 -38.95 23.72 13.92
N TRP A 24 -39.18 24.90 13.35
CA TRP A 24 -38.24 25.51 12.37
C TRP A 24 -38.08 27.00 12.69
N PRO A 25 -37.38 27.33 13.81
CA PRO A 25 -37.29 28.72 14.26
C PRO A 25 -36.65 29.59 13.16
N GLY A 26 -37.14 30.80 13.00
CA GLY A 26 -36.42 31.88 12.30
C GLY A 26 -36.70 31.83 10.81
N GLU A 27 -37.61 30.95 10.40
CA GLU A 27 -37.92 30.72 8.96
C GLU A 27 -39.38 30.31 8.77
N ALA A 28 -39.92 30.57 7.60
CA ALA A 28 -41.29 30.13 7.22
C ALA A 28 -41.40 30.06 5.70
N HIS A 29 -42.01 28.99 5.22
CA HIS A 29 -42.41 28.86 3.81
C HIS A 29 -43.69 29.67 3.67
N SER A 30 -43.72 30.54 2.68
CA SER A 30 -44.91 31.38 2.41
C SER A 30 -45.48 31.04 1.03
N LEU A 31 -46.79 30.83 1.03
CA LEU A 31 -47.56 30.56 -0.20
C LEU A 31 -48.71 31.55 -0.32
N LYS A 32 -48.71 32.30 -1.42
CA LYS A 32 -49.80 33.20 -1.85
C LYS A 32 -51.08 32.35 -1.91
N VAL A 33 -52.15 32.79 -1.26
CA VAL A 33 -53.46 32.10 -1.21
C VAL A 33 -54.42 32.74 -2.23
N GLU A 34 -54.91 31.96 -3.20
CA GLU A 34 -55.92 32.44 -4.19
C GLU A 34 -57.26 32.60 -3.45
N LYS A 35 -57.73 31.53 -2.79
CA LYS A 35 -58.92 31.56 -1.91
C LYS A 35 -58.80 30.51 -0.80
N ILE A 36 -59.47 30.77 0.34
CA ILE A 36 -59.69 29.78 1.43
C ILE A 36 -60.87 28.89 1.05
N LEU A 37 -60.74 27.57 1.19
CA LEU A 37 -61.77 26.58 0.76
C LEU A 37 -62.49 25.97 1.95
N PHE A 38 -61.85 25.94 3.13
CA PHE A 38 -62.38 25.31 4.36
C PHE A 38 -61.68 25.83 5.62
N GLN A 39 -62.38 25.74 6.77
CA GLN A 39 -61.84 26.14 8.09
C GLN A 39 -62.64 25.48 9.20
N GLY A 40 -62.16 24.36 9.72
CA GLY A 40 -62.81 23.67 10.83
C GLY A 40 -61.91 23.70 12.04
N LYS A 41 -62.47 23.38 13.20
CA LYS A 41 -61.76 23.14 14.48
C LYS A 41 -62.32 21.85 15.06
N SER A 42 -61.85 20.70 14.60
CA SER A 42 -62.27 19.36 15.10
C SER A 42 -61.95 19.25 16.61
N ASP A 43 -62.25 18.10 17.20
CA ASP A 43 -61.95 17.82 18.63
C ASP A 43 -60.44 17.57 18.78
N TYR A 44 -59.63 17.80 17.74
CA TYR A 44 -58.23 17.32 17.67
C TYR A 44 -57.24 18.36 17.17
N GLN A 45 -57.63 19.30 16.31
CA GLN A 45 -56.69 20.20 15.58
C GLN A 45 -57.48 21.20 14.72
N ASP A 46 -56.83 22.30 14.34
CA ASP A 46 -57.38 23.37 13.47
C ASP A 46 -57.14 22.94 12.02
N VAL A 47 -58.20 22.88 11.21
CA VAL A 47 -58.15 22.35 9.82
C VAL A 47 -58.41 23.49 8.86
N ILE A 48 -57.47 23.72 7.94
CA ILE A 48 -57.62 24.64 6.79
C ILE A 48 -57.26 23.86 5.51
N VAL A 49 -58.09 24.07 4.48
CA VAL A 49 -57.76 23.81 3.06
C VAL A 49 -57.81 25.17 2.39
N PHE A 50 -56.80 25.52 1.59
CA PHE A 50 -56.86 26.69 0.69
C PHE A 50 -56.40 26.30 -0.69
N GLN A 51 -56.93 27.01 -1.68
CA GLN A 51 -56.51 26.95 -3.09
C GLN A 51 -55.31 27.88 -3.17
N SER A 52 -54.11 27.35 -3.43
CA SER A 52 -52.87 28.14 -3.53
C SER A 52 -52.74 28.70 -4.96
N ALA A 53 -52.01 29.81 -5.09
CA ALA A 53 -51.63 30.39 -6.39
C ALA A 53 -51.05 29.28 -7.29
N THR A 54 -50.00 28.55 -6.87
CA THR A 54 -49.16 27.73 -7.79
C THR A 54 -48.88 26.29 -7.31
N TYR A 55 -49.49 25.79 -6.22
CA TYR A 55 -49.25 24.43 -5.69
C TYR A 55 -50.59 23.69 -5.52
N GLY A 56 -51.62 24.14 -6.25
CA GLY A 56 -53.01 23.66 -6.17
C GLY A 56 -53.52 23.70 -4.74
N LYS A 57 -54.25 22.68 -4.35
CA LYS A 57 -54.97 22.73 -3.07
C LYS A 57 -54.00 22.30 -1.97
N VAL A 58 -54.16 22.91 -0.80
CA VAL A 58 -53.20 22.78 0.33
C VAL A 58 -53.99 22.43 1.57
N LEU A 59 -53.61 21.34 2.24
CA LEU A 59 -54.14 20.95 3.56
C LEU A 59 -53.15 21.43 4.63
N VAL A 60 -53.68 21.89 5.76
CA VAL A 60 -52.91 22.49 6.89
C VAL A 60 -53.55 22.00 8.19
N LEU A 61 -52.78 21.41 9.08
CA LEU A 61 -53.29 20.99 10.40
C LEU A 61 -52.45 21.72 11.44
N ASP A 62 -53.11 22.48 12.31
CA ASP A 62 -52.46 23.24 13.41
C ASP A 62 -51.37 24.12 12.80
N GLY A 63 -51.64 24.82 11.69
CA GLY A 63 -50.75 25.82 11.06
C GLY A 63 -49.62 25.17 10.27
N VAL A 64 -49.58 23.84 10.22
CA VAL A 64 -48.48 23.06 9.59
C VAL A 64 -49.00 22.43 8.27
N ILE A 65 -48.25 22.64 7.17
CA ILE A 65 -48.54 22.06 5.84
C ILE A 65 -48.41 20.55 5.91
N GLN A 66 -49.50 19.85 5.57
CA GLN A 66 -49.55 18.38 5.49
C GLN A 66 -49.27 17.95 4.05
N LEU A 67 -49.72 18.74 3.06
CA LEU A 67 -49.58 18.34 1.64
C LEU A 67 -50.06 19.48 0.77
N THR A 68 -49.54 19.52 -0.45
CA THR A 68 -50.05 20.33 -1.57
C THR A 68 -50.22 19.43 -2.78
N GLU A 69 -51.15 19.77 -3.65
CA GLU A 69 -51.46 18.89 -4.80
C GLU A 69 -50.20 18.77 -5.68
N ARG A 70 -49.35 19.81 -5.74
CA ARG A 70 -48.26 19.88 -6.76
C ARG A 70 -47.13 18.91 -6.39
N ASP A 71 -46.84 18.72 -5.10
CA ASP A 71 -45.59 18.04 -4.66
C ASP A 71 -45.86 16.84 -3.76
N GLU A 72 -47.13 16.50 -3.44
CA GLU A 72 -47.44 15.38 -2.50
C GLU A 72 -46.91 14.05 -3.07
N CYS A 73 -46.77 13.94 -4.39
CA CYS A 73 -46.32 12.67 -5.03
C CYS A 73 -44.98 12.25 -4.43
N ALA A 74 -44.09 13.19 -4.16
CA ALA A 74 -42.71 12.98 -3.61
C ALA A 74 -42.74 12.39 -2.21
N TYR A 75 -43.70 12.75 -1.36
CA TYR A 75 -43.84 12.16 -0.02
C TYR A 75 -44.53 10.81 -0.14
N GLN A 76 -45.73 10.80 -0.75
CA GLN A 76 -46.63 9.61 -0.80
C GLN A 76 -45.95 8.46 -1.57
N GLU A 77 -45.23 8.73 -2.65
CA GLU A 77 -44.60 7.62 -3.41
C GLU A 77 -43.39 7.08 -2.64
N MET A 78 -42.71 7.88 -1.83
CA MET A 78 -41.45 7.47 -1.14
C MET A 78 -41.80 6.77 0.19
N ILE A 79 -42.77 7.25 0.96
CA ILE A 79 -43.12 6.60 2.26
C ILE A 79 -43.75 5.24 1.96
N THR A 80 -44.37 5.07 0.78
CA THR A 80 -45.04 3.81 0.35
C THR A 80 -44.11 2.84 -0.36
N HIS A 81 -43.37 3.24 -1.39
CA HIS A 81 -42.62 2.29 -2.24
C HIS A 81 -41.26 1.93 -1.67
N LEU A 82 -40.62 2.81 -0.85
CA LEU A 82 -39.35 2.41 -0.17
C LEU A 82 -39.58 1.16 0.69
N PRO A 83 -40.56 1.14 1.61
CA PRO A 83 -40.84 -0.10 2.32
C PRO A 83 -41.39 -1.22 1.40
N LEU A 84 -42.36 -0.89 0.55
CA LEU A 84 -43.18 -1.94 -0.12
C LEU A 84 -42.41 -2.60 -1.25
N CYS A 85 -41.35 -1.97 -1.78
CA CYS A 85 -40.53 -2.54 -2.86
C CYS A 85 -39.29 -3.19 -2.28
N SER A 86 -39.15 -3.18 -0.94
CA SER A 86 -37.99 -3.79 -0.20
C SER A 86 -38.35 -5.20 0.32
N ILE A 87 -39.60 -5.67 0.08
CA ILE A 87 -40.05 -7.02 0.48
C ILE A 87 -40.89 -7.71 -0.62
N SER A 88 -40.96 -9.05 -0.62
CA SER A 88 -41.72 -9.87 -1.60
C SER A 88 -43.19 -9.92 -1.23
N ASN A 89 -44.05 -9.53 -2.16
CA ASN A 89 -45.50 -9.86 -2.16
C ASN A 89 -46.10 -9.48 -0.80
N PRO A 90 -45.97 -8.20 -0.40
CA PRO A 90 -46.66 -7.71 0.80
C PRO A 90 -48.16 -7.92 0.59
N LYS A 91 -48.87 -8.49 1.59
CA LYS A 91 -50.32 -8.82 1.52
C LYS A 91 -51.11 -7.97 2.53
N LYS A 92 -50.59 -7.84 3.76
CA LYS A 92 -51.27 -7.11 4.86
C LYS A 92 -50.43 -5.87 5.21
N VAL A 93 -51.07 -4.70 5.17
CA VAL A 93 -50.46 -3.36 5.33
C VAL A 93 -51.31 -2.51 6.27
N LEU A 94 -50.64 -1.86 7.24
CA LEU A 94 -51.24 -0.88 8.16
C LEU A 94 -50.63 0.49 7.90
N VAL A 95 -51.50 1.48 7.74
CA VAL A 95 -51.18 2.92 7.63
C VAL A 95 -51.74 3.62 8.85
N ILE A 96 -50.89 4.33 9.58
CA ILE A 96 -51.32 5.29 10.63
C ILE A 96 -51.32 6.68 10.00
N GLY A 97 -52.52 7.26 9.83
CA GLY A 97 -52.75 8.60 9.26
C GLY A 97 -53.41 8.51 7.89
N GLY A 98 -54.44 9.34 7.66
CA GLY A 98 -55.28 9.27 6.44
C GLY A 98 -54.88 10.29 5.38
N GLY A 99 -54.39 11.44 5.81
CA GLY A 99 -54.07 12.56 4.90
C GLY A 99 -55.21 12.76 3.95
N ASP A 100 -54.94 12.74 2.66
CA ASP A 100 -55.94 12.99 1.60
C ASP A 100 -56.19 11.71 0.79
N GLY A 101 -55.76 10.56 1.33
CA GLY A 101 -55.90 9.23 0.67
C GLY A 101 -54.77 8.93 -0.32
N GLY A 102 -53.87 9.87 -0.56
CA GLY A 102 -52.69 9.66 -1.47
C GLY A 102 -51.87 8.39 -1.15
N VAL A 103 -51.58 8.14 0.12
CA VAL A 103 -50.70 7.00 0.55
C VAL A 103 -51.41 5.70 0.25
N LEU A 104 -52.70 5.67 0.58
CA LEU A 104 -53.58 4.51 0.29
C LEU A 104 -53.52 4.25 -1.22
N ARG A 105 -53.74 5.29 -2.01
CA ARG A 105 -53.75 5.15 -3.49
C ARG A 105 -52.40 4.48 -3.87
N GLU A 106 -51.28 4.93 -3.29
CA GLU A 106 -49.96 4.37 -3.66
C GLU A 106 -49.80 2.94 -3.17
N VAL A 107 -50.19 2.62 -1.94
CA VAL A 107 -50.18 1.21 -1.42
C VAL A 107 -50.95 0.31 -2.40
N ALA A 108 -52.08 0.82 -2.95
CA ALA A 108 -53.02 0.02 -3.80
C ALA A 108 -52.35 -0.35 -5.14
N ARG A 109 -51.29 0.35 -5.56
CA ARG A 109 -50.49 -0.04 -6.76
C ARG A 109 -49.92 -1.44 -6.63
N HIS A 110 -49.64 -1.88 -5.41
CA HIS A 110 -49.03 -3.22 -5.13
C HIS A 110 -50.15 -4.25 -5.24
N SER A 111 -50.10 -5.05 -6.29
CA SER A 111 -51.23 -5.92 -6.70
C SER A 111 -51.26 -7.15 -5.77
N SER A 112 -50.16 -7.51 -5.10
CA SER A 112 -50.11 -8.61 -4.09
C SER A 112 -50.77 -8.18 -2.76
N VAL A 113 -50.98 -6.88 -2.55
CA VAL A 113 -51.63 -6.39 -1.30
C VAL A 113 -53.12 -6.78 -1.31
N GLU A 114 -53.58 -7.44 -0.25
CA GLU A 114 -54.97 -7.91 -0.03
C GLU A 114 -55.75 -6.98 0.91
N GLN A 115 -55.10 -6.47 1.97
CA GLN A 115 -55.71 -5.74 3.11
C GLN A 115 -54.89 -4.50 3.45
N ILE A 116 -55.53 -3.34 3.48
CA ILE A 116 -54.94 -2.04 3.87
C ILE A 116 -55.76 -1.50 5.05
N ASP A 117 -55.30 -1.81 6.26
CA ASP A 117 -55.81 -1.17 7.50
C ASP A 117 -55.20 0.24 7.58
N ILE A 118 -56.03 1.25 7.81
CA ILE A 118 -55.57 2.65 8.03
C ILE A 118 -56.31 3.27 9.23
N CYS A 119 -55.56 3.79 10.21
CA CYS A 119 -56.10 4.54 11.35
C CYS A 119 -55.94 6.04 11.14
N GLU A 120 -57.06 6.76 11.27
CA GLU A 120 -57.08 8.25 11.31
C GLU A 120 -58.03 8.60 12.46
N ILE A 121 -57.46 9.18 13.50
CA ILE A 121 -58.20 9.53 14.74
C ILE A 121 -59.23 10.58 14.36
N ASP A 122 -58.87 11.55 13.52
CA ASP A 122 -59.73 12.72 13.25
C ASP A 122 -60.54 12.47 11.98
N LYS A 123 -61.87 12.32 12.11
CA LYS A 123 -62.84 12.03 11.03
C LYS A 123 -62.96 13.24 10.09
N MET A 124 -62.80 14.44 10.64
CA MET A 124 -62.85 15.72 9.87
C MET A 124 -61.81 15.65 8.73
N VAL A 125 -60.66 15.01 8.98
CA VAL A 125 -59.51 14.94 8.03
C VAL A 125 -60.00 14.17 6.79
N VAL A 126 -60.59 13.01 7.07
CA VAL A 126 -61.25 12.12 6.06
C VAL A 126 -62.33 12.91 5.31
N ASP A 127 -63.21 13.64 6.00
CA ASP A 127 -64.38 14.29 5.34
C ASP A 127 -63.84 15.38 4.41
N VAL A 128 -62.88 16.12 4.91
CA VAL A 128 -62.20 17.23 4.16
C VAL A 128 -61.54 16.66 2.89
N ALA A 129 -60.86 15.54 3.02
CA ALA A 129 -60.16 14.85 1.91
C ALA A 129 -61.14 14.54 0.77
N LYS A 130 -62.22 13.80 1.10
CA LYS A 130 -63.25 13.34 0.14
C LYS A 130 -63.90 14.59 -0.51
N GLN A 131 -64.20 15.58 0.31
CA GLN A 131 -64.86 16.80 -0.20
C GLN A 131 -63.86 17.57 -1.08
N TYR A 132 -62.75 18.07 -0.52
CA TYR A 132 -61.89 19.08 -1.18
C TYR A 132 -60.75 18.45 -2.01
N PHE A 133 -60.41 17.16 -1.84
CA PHE A 133 -59.33 16.47 -2.59
C PHE A 133 -59.86 15.17 -3.17
N PRO A 134 -60.96 15.19 -3.96
CA PRO A 134 -61.68 13.98 -4.35
C PRO A 134 -60.94 12.95 -5.23
N ASN A 135 -60.08 13.39 -6.15
CA ASN A 135 -59.36 12.51 -7.09
C ASN A 135 -58.29 11.68 -6.38
N VAL A 136 -57.80 12.14 -5.22
CA VAL A 136 -56.80 11.38 -4.43
C VAL A 136 -57.51 10.63 -3.30
N ALA A 137 -58.53 11.26 -2.72
CA ALA A 137 -59.44 10.67 -1.71
C ALA A 137 -60.02 9.34 -2.23
N VAL A 138 -59.94 9.08 -3.52
CA VAL A 138 -60.31 7.74 -4.04
C VAL A 138 -59.45 6.68 -3.35
N GLY A 139 -58.31 7.00 -2.76
CA GLY A 139 -57.46 5.95 -2.17
C GLY A 139 -58.26 5.17 -1.14
N TYR A 140 -59.09 5.89 -0.37
CA TYR A 140 -59.98 5.36 0.70
C TYR A 140 -61.03 4.42 0.09
N GLU A 141 -61.47 4.65 -1.16
CA GLU A 141 -62.63 3.94 -1.80
C GLU A 141 -62.24 2.53 -2.24
N ASP A 142 -60.95 2.19 -2.32
CA ASP A 142 -60.50 0.90 -2.92
C ASP A 142 -60.96 -0.25 -2.05
N PRO A 143 -61.47 -1.36 -2.63
CA PRO A 143 -62.16 -2.41 -1.86
C PRO A 143 -61.32 -3.08 -0.75
N ARG A 144 -60.00 -3.04 -0.90
CA ARG A 144 -59.02 -3.65 0.04
C ARG A 144 -58.85 -2.77 1.29
N VAL A 145 -59.29 -1.52 1.26
CA VAL A 145 -59.02 -0.56 2.37
C VAL A 145 -60.03 -0.83 3.48
N ASN A 146 -59.54 -0.99 4.71
CA ASN A 146 -60.33 -1.09 5.97
C ASN A 146 -60.04 0.16 6.83
N LEU A 147 -60.92 1.17 6.74
CA LEU A 147 -60.77 2.48 7.44
C LEU A 147 -61.28 2.39 8.89
N ILE A 148 -60.44 2.77 9.85
CA ILE A 148 -60.76 2.93 11.30
C ILE A 148 -60.60 4.39 11.67
N ILE A 149 -61.69 5.02 12.08
CA ILE A 149 -61.70 6.32 12.79
C ILE A 149 -61.34 6.00 14.25
N GLY A 150 -60.06 6.12 14.61
CA GLY A 150 -59.56 5.82 15.96
C GLY A 150 -58.04 6.00 16.10
N ASP A 151 -57.59 5.92 17.34
CA ASP A 151 -56.17 6.01 17.76
C ASP A 151 -55.42 4.81 17.19
N GLY A 152 -54.48 5.07 16.28
CA GLY A 152 -53.58 4.07 15.72
C GLY A 152 -52.67 3.47 16.77
N VAL A 153 -52.20 4.27 17.75
CA VAL A 153 -51.32 3.79 18.86
C VAL A 153 -52.02 2.62 19.54
N ALA A 154 -53.31 2.84 19.86
CA ALA A 154 -54.17 1.87 20.55
C ALA A 154 -54.45 0.71 19.59
N PHE A 155 -54.90 0.99 18.35
CA PHE A 155 -55.19 -0.01 17.29
C PHE A 155 -54.02 -0.99 17.22
N LEU A 156 -52.80 -0.47 17.33
CA LEU A 156 -51.53 -1.19 17.03
C LEU A 156 -51.16 -2.09 18.21
N LYS A 157 -51.18 -1.57 19.45
CA LYS A 157 -51.00 -2.34 20.70
C LYS A 157 -52.09 -3.43 20.80
N ASN A 158 -53.20 -3.29 20.07
CA ASN A 158 -54.32 -4.27 20.11
C ASN A 158 -54.27 -5.29 18.95
N ALA A 159 -53.27 -5.21 18.08
CA ALA A 159 -53.12 -6.08 16.89
C ALA A 159 -52.58 -7.47 17.27
N ALA A 160 -52.94 -8.48 16.50
CA ALA A 160 -52.41 -9.86 16.60
C ALA A 160 -50.94 -9.81 16.22
N GLU A 161 -50.05 -10.23 17.14
CA GLU A 161 -48.59 -10.37 16.94
C GLU A 161 -48.33 -10.95 15.53
N GLY A 162 -47.33 -10.43 14.82
CA GLY A 162 -46.83 -10.97 13.54
C GLY A 162 -47.82 -10.88 12.40
N THR A 163 -48.80 -9.98 12.44
CA THR A 163 -49.88 -9.88 11.43
C THR A 163 -49.40 -9.15 10.17
N TYR A 164 -48.52 -8.17 10.29
CA TYR A 164 -48.31 -7.17 9.21
C TYR A 164 -47.02 -7.46 8.44
N ASP A 165 -47.07 -7.26 7.14
CA ASP A 165 -45.87 -7.24 6.28
C ASP A 165 -45.20 -5.86 6.40
N ALA A 166 -46.01 -4.80 6.52
CA ALA A 166 -45.52 -3.42 6.48
C ALA A 166 -46.43 -2.51 7.29
N VAL A 167 -45.84 -1.55 8.02
CA VAL A 167 -46.58 -0.42 8.67
C VAL A 167 -45.99 0.87 8.11
N ILE A 168 -46.85 1.80 7.75
CA ILE A 168 -46.47 3.15 7.33
C ILE A 168 -47.06 4.10 8.37
N VAL A 169 -46.18 4.86 9.01
CA VAL A 169 -46.49 5.92 10.01
C VAL A 169 -46.42 7.28 9.29
N ASP A 170 -47.55 7.76 8.82
CA ASP A 170 -47.66 9.04 8.10
C ASP A 170 -48.18 10.05 9.10
N SER A 171 -47.32 10.40 10.05
CA SER A 171 -47.64 11.19 11.26
C SER A 171 -47.47 12.68 10.96
N SER A 172 -47.95 13.57 11.82
CA SER A 172 -47.41 14.96 11.84
C SER A 172 -46.13 15.02 12.72
N ASP A 173 -45.72 16.24 13.03
CA ASP A 173 -44.47 16.56 13.76
C ASP A 173 -44.53 15.95 15.17
N PRO A 174 -43.37 15.60 15.75
CA PRO A 174 -43.33 15.04 17.09
C PRO A 174 -43.72 16.14 18.09
N ILE A 175 -44.97 16.58 18.01
CA ILE A 175 -45.52 17.67 18.87
C ILE A 175 -46.87 17.21 19.46
N PRO A 177 -49.22 15.39 21.35
CA PRO A 177 -49.27 13.95 21.63
C PRO A 177 -48.81 13.01 20.48
N ALA A 178 -48.71 13.52 19.24
CA ALA A 178 -48.09 12.84 18.08
C ALA A 178 -46.68 12.33 18.47
N LYS A 179 -46.04 12.96 19.46
CA LYS A 179 -44.66 12.67 19.92
C LYS A 179 -44.52 11.20 20.37
N GLU A 180 -45.61 10.53 20.74
CA GLU A 180 -45.64 9.09 21.13
C GLU A 180 -45.19 8.22 19.97
N LEU A 181 -45.44 8.68 18.75
CA LEU A 181 -45.19 7.90 17.52
C LEU A 181 -43.68 7.78 17.29
N PHE A 182 -42.88 8.42 18.14
CA PHE A 182 -41.42 8.60 17.97
C PHE A 182 -40.64 7.94 19.11
N GLU A 183 -41.34 7.18 19.96
CA GLU A 183 -40.80 6.73 21.27
C GLU A 183 -40.86 5.21 21.33
N LYS A 184 -39.94 4.61 22.10
CA LYS A 184 -39.75 3.15 22.29
C LYS A 184 -41.07 2.37 22.36
N PRO A 185 -42.01 2.67 23.29
CA PRO A 185 -43.20 1.84 23.45
C PRO A 185 -43.95 1.64 22.13
N PHE A 186 -44.20 2.71 21.38
CA PHE A 186 -44.92 2.66 20.07
C PHE A 186 -44.10 1.80 19.09
N PHE A 187 -42.77 2.00 19.05
CA PHE A 187 -41.82 1.19 18.26
C PHE A 187 -41.91 -0.27 18.72
N GLU A 188 -41.94 -0.58 20.01
CA GLU A 188 -42.10 -1.99 20.45
C GLU A 188 -43.44 -2.51 19.88
N SER A 189 -44.52 -1.74 20.02
CA SER A 189 -45.87 -2.07 19.49
C SER A 189 -45.81 -2.53 18.01
N VAL A 190 -45.03 -1.80 17.21
CA VAL A 190 -44.85 -2.06 15.75
C VAL A 190 -44.02 -3.33 15.57
N ASN A 191 -42.88 -3.46 16.26
CA ASN A 191 -41.96 -4.62 16.13
C ASN A 191 -42.77 -5.90 16.36
N ARG A 192 -43.72 -5.82 17.30
CA ARG A 192 -44.59 -6.93 17.74
C ARG A 192 -45.59 -7.28 16.62
N ALA A 193 -46.30 -6.28 16.09
CA ALA A 193 -47.42 -6.47 15.13
C ALA A 193 -46.88 -6.80 13.72
N LEU A 194 -45.57 -6.62 13.50
CA LEU A 194 -44.91 -6.98 12.21
C LEU A 194 -44.63 -8.49 12.27
N ARG A 195 -44.76 -9.18 11.14
CA ARG A 195 -44.24 -10.55 10.94
C ARG A 195 -42.74 -10.50 11.14
N PRO A 196 -42.03 -11.63 11.27
CA PRO A 196 -40.56 -11.59 11.23
C PRO A 196 -40.09 -11.07 9.86
N GLY A 197 -39.14 -10.12 9.87
CA GLY A 197 -38.55 -9.45 8.69
C GLY A 197 -39.54 -8.52 8.04
N GLY A 198 -40.68 -8.24 8.66
CA GLY A 198 -41.67 -7.22 8.26
C GLY A 198 -41.07 -5.83 8.37
N VAL A 199 -41.62 -4.81 7.73
CA VAL A 199 -40.92 -3.50 7.65
C VAL A 199 -41.82 -2.37 8.13
N VAL A 200 -41.20 -1.33 8.66
CA VAL A 200 -41.89 -0.07 9.03
C VAL A 200 -41.23 1.10 8.31
N CYS A 201 -42.03 2.09 7.94
CA CYS A 201 -41.55 3.35 7.32
C CYS A 201 -42.19 4.51 8.07
N THR A 202 -41.39 5.41 8.61
CA THR A 202 -41.93 6.50 9.45
C THR A 202 -41.52 7.85 8.86
N GLN A 203 -42.39 8.85 8.95
CA GLN A 203 -42.04 10.28 8.76
C GLN A 203 -40.97 10.60 9.82
N ALA A 204 -39.77 11.00 9.39
CA ALA A 204 -38.60 11.17 10.28
C ALA A 204 -37.87 12.48 9.92
N GLU A 205 -38.62 13.51 9.59
CA GLU A 205 -38.19 14.93 9.72
C GLU A 205 -36.98 15.22 8.83
N SER A 206 -36.45 16.43 8.99
CA SER A 206 -35.43 17.05 8.11
C SER A 206 -34.02 16.94 8.73
N LEU A 207 -33.08 16.39 7.98
CA LEU A 207 -31.69 16.30 8.41
C LEU A 207 -31.13 17.72 8.66
N TRP A 208 -31.65 18.77 8.01
CA TRP A 208 -31.12 20.15 8.13
C TRP A 208 -31.57 20.78 9.45
N LEU A 209 -32.76 20.43 9.94
CA LEU A 209 -33.43 21.14 11.06
C LEU A 209 -33.41 20.30 12.33
N HIS A 210 -33.28 18.97 12.23
CA HIS A 210 -33.66 18.06 13.34
C HIS A 210 -32.67 16.89 13.50
N MET A 211 -31.36 17.09 13.34
CA MET A 211 -30.33 16.03 13.55
C MET A 211 -30.43 15.43 14.96
N ASP A 212 -30.69 16.23 16.00
CA ASP A 212 -30.85 15.76 17.41
C ASP A 212 -32.03 14.79 17.50
N ILE A 213 -33.21 15.27 17.10
CA ILE A 213 -34.44 14.44 17.11
C ILE A 213 -34.19 13.15 16.29
N ILE A 214 -33.57 13.27 15.12
CA ILE A 214 -33.36 12.10 14.20
C ILE A 214 -32.45 11.07 14.88
N GLU A 215 -31.33 11.54 15.43
CA GLU A 215 -30.36 10.73 16.22
C GLU A 215 -31.10 9.89 17.27
N ASP A 216 -32.03 10.50 18.00
N ASP A 216 -32.02 10.52 18.00
CA ASP A 216 -32.82 9.84 19.08
CA ASP A 216 -32.87 9.87 19.05
C ASP A 216 -33.78 8.80 18.48
C ASP A 216 -33.74 8.79 18.44
N ILE A 217 -34.40 9.09 17.32
CA ILE A 217 -35.31 8.13 16.62
C ILE A 217 -34.44 6.98 16.16
N VAL A 218 -33.28 7.28 15.58
CA VAL A 218 -32.43 6.18 15.02
C VAL A 218 -32.04 5.22 16.17
N SER A 219 -31.50 5.79 17.24
CA SER A 219 -31.05 5.09 18.46
C SER A 219 -32.23 4.30 19.05
N ASN A 220 -33.32 4.96 19.35
CA ASN A 220 -34.58 4.25 19.72
C ASN A 220 -34.82 3.10 18.75
N CYS A 221 -34.73 3.33 17.42
CA CYS A 221 -35.15 2.32 16.40
C CYS A 221 -34.22 1.11 16.47
N ARG A 222 -32.93 1.38 16.55
CA ARG A 222 -31.78 0.43 16.62
C ARG A 222 -31.85 -0.44 17.88
N ASP A 223 -32.39 0.07 19.01
CA ASP A 223 -32.66 -0.76 20.22
C ASP A 223 -33.75 -1.78 19.91
N ILE A 224 -34.86 -1.35 19.30
CA ILE A 224 -36.12 -2.13 19.16
C ILE A 224 -36.03 -3.09 17.97
N PHE A 225 -35.76 -2.61 16.76
CA PHE A 225 -35.75 -3.39 15.50
C PHE A 225 -34.36 -4.00 15.33
N LYS A 226 -34.31 -5.32 15.23
CA LYS A 226 -33.06 -6.11 15.24
C LYS A 226 -32.79 -6.59 13.82
N GLY A 227 -33.66 -6.22 12.86
CA GLY A 227 -33.40 -6.29 11.42
C GLY A 227 -32.55 -5.13 10.98
N SER A 228 -32.87 -4.51 9.82
CA SER A 228 -32.14 -3.32 9.30
C SER A 228 -32.80 -2.07 9.85
N VAL A 229 -32.00 -1.04 10.06
CA VAL A 229 -32.42 0.33 10.51
C VAL A 229 -31.70 1.32 9.59
N ASN A 230 -32.46 1.98 8.74
CA ASN A 230 -31.83 2.92 7.77
C ASN A 230 -32.64 4.20 7.72
N TYR A 231 -31.97 5.29 7.35
CA TYR A 231 -32.64 6.59 7.11
C TYR A 231 -32.58 6.93 5.62
N ALA A 232 -33.68 7.47 5.07
CA ALA A 232 -33.77 7.89 3.67
C ALA A 232 -34.40 9.29 3.60
N TRP A 233 -34.09 10.05 2.55
CA TRP A 233 -34.66 11.42 2.41
C TRP A 233 -35.10 11.67 0.97
N THR A 234 -35.91 12.71 0.85
CA THR A 234 -36.62 13.06 -0.39
C THR A 234 -36.88 14.56 -0.38
N SER A 235 -36.91 15.12 -1.58
CA SER A 235 -37.30 16.50 -1.88
C SER A 235 -38.82 16.67 -1.73
N VAL A 236 -39.24 17.59 -0.87
CA VAL A 236 -40.64 18.07 -0.84
C VAL A 236 -40.58 19.57 -0.63
N PRO A 237 -40.63 20.37 -1.70
CA PRO A 237 -40.57 21.83 -1.58
C PRO A 237 -41.40 22.53 -0.47
N THR A 238 -42.61 22.02 -0.20
CA THR A 238 -43.59 22.58 0.74
C THR A 238 -43.49 21.92 2.12
N TYR A 239 -42.48 21.11 2.40
CA TYR A 239 -42.13 20.72 3.78
C TYR A 239 -40.93 21.53 4.27
N PRO A 240 -40.77 21.77 5.59
CA PRO A 240 -39.74 22.69 6.07
C PRO A 240 -38.33 22.24 5.64
N SER A 241 -37.55 23.16 5.09
CA SER A 241 -36.16 22.95 4.58
C SER A 241 -36.17 22.36 3.17
N GLY A 242 -37.32 21.88 2.69
CA GLY A 242 -37.44 21.39 1.30
C GLY A 242 -37.14 19.88 1.22
N VAL A 243 -36.93 19.24 2.35
CA VAL A 243 -36.68 17.77 2.37
C VAL A 243 -37.37 17.21 3.61
N ILE A 244 -37.71 15.95 3.55
CA ILE A 244 -38.22 15.14 4.69
C ILE A 244 -37.50 13.80 4.61
N GLY A 245 -37.43 13.06 5.72
CA GLY A 245 -36.83 11.73 5.63
C GLY A 245 -37.72 10.70 6.28
N PHE A 246 -37.25 9.48 6.28
CA PHE A 246 -37.98 8.26 6.68
C PHE A 246 -37.01 7.37 7.46
N MET A 247 -37.44 6.78 8.58
CA MET A 247 -36.79 5.54 9.09
C MET A 247 -37.28 4.38 8.25
N LEU A 248 -36.41 3.45 7.88
CA LEU A 248 -36.79 2.13 7.31
C LEU A 248 -36.30 1.08 8.30
N CYS A 249 -37.18 0.33 8.93
CA CYS A 249 -36.76 -0.68 9.97
C CYS A 249 -37.36 -2.04 9.61
N SER A 250 -36.53 -3.09 9.54
CA SER A 250 -37.06 -4.48 9.49
C SER A 250 -36.91 -5.13 10.87
N SER A 251 -37.94 -5.86 11.30
CA SER A 251 -38.01 -6.67 12.54
C SER A 251 -37.01 -7.81 12.38
N GLU A 252 -36.65 -8.48 13.47
CA GLU A 252 -35.85 -9.73 13.43
C GLU A 252 -36.60 -10.79 12.62
N GLY A 253 -35.86 -11.50 11.79
CA GLY A 253 -36.41 -12.37 10.74
C GLY A 253 -35.53 -12.34 9.48
N PRO A 254 -36.06 -12.76 8.31
CA PRO A 254 -35.30 -12.73 7.06
C PRO A 254 -34.73 -11.34 6.73
N GLN A 255 -33.48 -11.30 6.29
CA GLN A 255 -32.73 -10.06 5.95
C GLN A 255 -33.58 -9.19 5.03
N VAL A 256 -33.44 -7.88 5.21
CA VAL A 256 -34.09 -6.89 4.31
C VAL A 256 -33.00 -5.90 3.93
N ASP A 257 -32.87 -5.66 2.65
CA ASP A 257 -31.88 -4.65 2.21
C ASP A 257 -32.69 -3.49 1.62
N PHE A 258 -32.92 -2.43 2.38
CA PHE A 258 -33.76 -1.26 1.97
C PHE A 258 -33.14 -0.47 0.79
N LYS A 259 -31.83 -0.57 0.55
CA LYS A 259 -31.11 0.24 -0.49
C LYS A 259 -31.27 -0.34 -1.89
N LYS A 260 -31.77 -1.56 -2.00
CA LYS A 260 -31.80 -2.34 -3.25
C LYS A 260 -33.16 -2.98 -3.36
N PRO A 261 -34.12 -2.38 -4.05
CA PRO A 261 -35.48 -2.92 -4.10
C PRO A 261 -35.52 -4.33 -4.72
N VAL A 262 -36.37 -5.21 -4.18
CA VAL A 262 -36.45 -6.62 -4.66
C VAL A 262 -37.43 -6.65 -5.83
N SER A 263 -38.24 -5.62 -5.99
CA SER A 263 -39.29 -5.57 -7.01
C SER A 263 -39.41 -4.17 -7.63
N LEU A 264 -40.04 -4.10 -8.81
CA LEU A 264 -40.29 -2.89 -9.63
C LEU A 264 -41.78 -2.53 -9.60
N ILE A 265 -42.16 -1.34 -10.05
CA ILE A 265 -43.55 -0.86 -9.81
C ILE A 265 -43.87 0.25 -10.81
N CYS A 276 -53.02 6.00 -13.70
CA CYS A 276 -52.51 7.34 -13.28
C CYS A 276 -51.06 7.25 -12.78
N PRO A 277 -50.06 7.59 -13.64
CA PRO A 277 -48.67 7.13 -13.48
C PRO A 277 -47.88 7.69 -12.28
N LEU A 278 -46.85 6.96 -11.84
CA LEU A 278 -45.84 7.44 -10.84
C LEU A 278 -45.16 8.70 -11.36
N LYS A 279 -45.02 9.72 -10.52
CA LYS A 279 -44.48 11.03 -10.92
C LYS A 279 -43.07 11.23 -10.34
N TYR A 280 -42.68 10.47 -9.31
CA TYR A 280 -41.47 10.73 -8.49
C TYR A 280 -40.66 9.45 -8.28
N TYR A 281 -41.18 8.50 -7.52
CA TYR A 281 -40.47 7.25 -7.19
C TYR A 281 -40.12 6.48 -8.46
N ASN A 282 -38.92 5.89 -8.43
CA ASN A 282 -38.41 4.89 -9.41
C ASN A 282 -37.25 4.16 -8.70
N ALA A 283 -36.86 3.01 -9.20
CA ALA A 283 -35.81 2.14 -8.62
C ALA A 283 -34.51 2.91 -8.40
N GLU A 284 -34.16 3.86 -9.26
CA GLU A 284 -32.85 4.57 -9.18
C GLU A 284 -32.88 5.52 -7.98
N ILE A 285 -33.95 6.30 -7.88
CA ILE A 285 -34.12 7.22 -6.72
C ILE A 285 -34.28 6.38 -5.44
N HIS A 286 -34.83 5.16 -5.54
CA HIS A 286 -34.98 4.24 -4.37
C HIS A 286 -33.63 4.15 -3.64
N SER A 287 -32.59 3.77 -4.33
CA SER A 287 -31.21 3.65 -3.80
C SER A 287 -30.64 5.02 -3.39
N ALA A 288 -30.80 6.04 -4.23
CA ALA A 288 -30.18 7.35 -4.01
C ALA A 288 -30.69 7.93 -2.69
N ALA A 289 -31.94 7.64 -2.32
CA ALA A 289 -32.65 8.13 -1.13
C ALA A 289 -31.86 7.78 0.13
N PHE A 290 -30.96 6.79 0.12
CA PHE A 290 -30.17 6.34 1.31
C PHE A 290 -28.75 6.93 1.27
N CYS A 291 -28.41 7.77 0.30
CA CYS A 291 -27.07 8.37 0.20
C CYS A 291 -27.15 9.75 0.81
N LEU A 292 -26.79 9.84 2.07
CA LEU A 292 -26.99 11.06 2.87
C LEU A 292 -25.76 11.93 2.70
N PRO A 293 -25.94 13.24 2.91
CA PRO A 293 -24.86 14.18 2.99
C PRO A 293 -23.94 13.75 4.14
N SER A 294 -22.68 14.15 4.09
CA SER A 294 -21.60 13.79 5.05
C SER A 294 -21.96 14.22 6.49
N PHE A 295 -22.49 15.41 6.69
CA PHE A 295 -22.90 15.84 8.05
C PHE A 295 -23.92 14.87 8.65
N ALA A 296 -24.83 14.27 7.86
CA ALA A 296 -25.89 13.38 8.40
C ALA A 296 -25.32 11.98 8.55
N LYS A 297 -24.50 11.60 7.57
CA LYS A 297 -24.11 10.21 7.26
C LYS A 297 -23.26 9.72 8.43
N LYS A 298 -22.37 10.58 8.92
CA LYS A 298 -21.53 10.23 10.09
C LYS A 298 -22.50 9.90 11.23
N VAL A 299 -23.15 10.91 11.79
CA VAL A 299 -24.07 10.82 12.96
C VAL A 299 -24.90 9.52 12.86
N ILE A 300 -25.64 9.36 11.77
CA ILE A 300 -26.74 8.36 11.61
C ILE A 300 -26.23 6.92 11.54
N ASP A 301 -24.91 6.75 11.38
CA ASP A 301 -24.26 5.43 11.16
C ASP A 301 -23.40 4.86 12.33
N SER A 302 -24.00 4.38 13.43
CA SER A 302 -23.30 3.51 14.41
C SER A 302 -24.08 3.38 15.73
N SER B 7 -41.35 45.41 -0.47
CA SER B 7 -42.06 44.14 -0.83
C SER B 7 -41.35 42.93 -0.19
N CYS B 8 -40.05 42.76 -0.40
CA CYS B 8 -39.26 41.63 0.17
C CYS B 8 -39.16 41.74 1.71
N MET B 9 -39.05 42.95 2.27
CA MET B 9 -39.08 43.12 3.74
C MET B 9 -40.53 43.34 4.15
N SER B 10 -41.01 42.49 5.05
CA SER B 10 -42.37 42.51 5.65
C SER B 10 -42.65 43.89 6.24
N SER B 11 -43.74 44.50 5.76
CA SER B 11 -44.37 45.74 6.31
C SER B 11 -45.29 45.36 7.48
N ILE B 12 -45.63 44.07 7.60
CA ILE B 12 -46.57 43.54 8.64
C ILE B 12 -45.83 43.41 9.98
N ILE B 13 -44.70 42.67 10.06
CA ILE B 13 -43.99 42.34 11.34
C ILE B 13 -42.48 42.57 11.19
N PRO B 14 -41.80 43.23 12.16
CA PRO B 14 -40.39 43.63 12.00
C PRO B 14 -39.44 42.46 11.73
N GLY B 15 -38.48 42.67 10.83
CA GLY B 15 -37.29 41.82 10.71
C GLY B 15 -37.62 40.49 10.06
N TRP B 16 -38.56 40.46 9.11
CA TRP B 16 -38.71 39.30 8.16
C TRP B 16 -38.44 39.71 6.72
N PHE B 17 -37.53 38.98 6.09
CA PHE B 17 -37.18 39.03 4.64
C PHE B 17 -37.87 37.89 3.89
N SER B 18 -38.53 38.17 2.78
CA SER B 18 -39.30 37.17 1.99
C SER B 18 -38.80 37.22 0.54
N GLU B 19 -38.35 36.08 -0.01
CA GLU B 19 -37.70 36.02 -1.34
C GLU B 19 -38.77 35.85 -2.42
N ILE B 20 -39.27 36.98 -2.90
CA ILE B 20 -40.35 37.14 -3.91
C ILE B 20 -39.69 37.18 -5.28
N SER B 21 -40.18 36.41 -6.25
CA SER B 21 -39.73 36.53 -7.66
C SER B 21 -40.77 35.89 -8.56
N PRO B 22 -40.96 36.48 -9.75
CA PRO B 22 -41.73 35.82 -10.81
C PRO B 22 -41.01 34.64 -11.48
N MET B 23 -39.76 34.36 -11.15
CA MET B 23 -39.13 33.05 -11.49
C MET B 23 -39.68 31.93 -10.59
N TRP B 24 -40.26 32.26 -9.43
CA TRP B 24 -40.93 31.27 -8.53
C TRP B 24 -42.23 31.86 -8.01
N PRO B 25 -43.22 32.00 -8.92
CA PRO B 25 -44.48 32.66 -8.61
C PRO B 25 -45.30 31.99 -7.50
N GLY B 26 -45.92 32.81 -6.64
CA GLY B 26 -46.84 32.35 -5.59
C GLY B 26 -46.15 31.72 -4.40
N GLU B 27 -44.81 31.84 -4.28
CA GLU B 27 -44.00 31.26 -3.17
C GLU B 27 -42.85 32.20 -2.80
N ALA B 28 -42.53 32.18 -1.52
CA ALA B 28 -41.38 32.85 -0.87
C ALA B 28 -40.92 32.03 0.33
N HIS B 29 -39.60 31.87 0.43
CA HIS B 29 -38.92 31.44 1.67
C HIS B 29 -38.72 32.67 2.54
N SER B 30 -39.41 32.77 3.67
CA SER B 30 -39.24 33.89 4.64
C SER B 30 -38.22 33.49 5.71
N LEU B 31 -37.30 34.42 6.01
CA LEU B 31 -36.23 34.30 7.03
C LEU B 31 -36.32 35.45 8.05
N LYS B 32 -36.29 35.11 9.32
CA LYS B 32 -36.13 36.13 10.38
C LYS B 32 -34.74 36.73 10.28
N VAL B 33 -34.72 38.04 10.19
CA VAL B 33 -33.49 38.87 10.05
C VAL B 33 -33.21 39.59 11.38
N GLU B 34 -32.04 39.39 11.98
CA GLU B 34 -31.63 40.14 13.21
C GLU B 34 -31.09 41.53 12.83
N LYS B 35 -30.18 41.60 11.85
CA LYS B 35 -29.46 42.84 11.47
C LYS B 35 -29.35 42.84 9.96
N ILE B 36 -29.46 43.98 9.29
CA ILE B 36 -28.86 44.19 7.93
C ILE B 36 -27.42 44.64 8.16
N LEU B 37 -26.42 43.91 7.67
CA LEU B 37 -24.98 44.24 7.87
C LEU B 37 -24.51 45.13 6.75
N PHE B 38 -25.24 45.14 5.63
CA PHE B 38 -24.83 45.86 4.41
C PHE B 38 -25.99 45.95 3.43
N GLN B 39 -26.19 47.15 2.91
CA GLN B 39 -27.10 47.48 1.79
C GLN B 39 -26.29 48.34 0.81
N GLY B 40 -26.36 48.07 -0.49
CA GLY B 40 -25.39 48.63 -1.45
C GLY B 40 -25.89 48.54 -2.87
N LYS B 41 -25.54 49.51 -3.69
CA LYS B 41 -25.97 49.52 -5.10
C LYS B 41 -24.72 49.77 -5.94
N SER B 42 -24.20 48.70 -6.53
CA SER B 42 -23.09 48.67 -7.51
C SER B 42 -23.59 49.21 -8.85
N ASP B 43 -22.76 49.11 -9.88
CA ASP B 43 -23.14 49.36 -11.29
C ASP B 43 -24.02 48.22 -11.85
N TYR B 44 -24.11 47.06 -11.18
CA TYR B 44 -24.77 45.86 -11.76
C TYR B 44 -26.02 45.49 -10.99
N GLN B 45 -26.02 45.68 -9.67
CA GLN B 45 -27.08 45.05 -8.85
C GLN B 45 -27.18 45.64 -7.44
N ASP B 46 -28.34 45.45 -6.84
CA ASP B 46 -28.61 45.73 -5.40
C ASP B 46 -27.99 44.60 -4.57
N VAL B 47 -27.33 44.97 -3.47
CA VAL B 47 -26.51 44.05 -2.65
C VAL B 47 -26.89 44.22 -1.19
N ILE B 48 -27.39 43.15 -0.58
CA ILE B 48 -27.78 43.12 0.85
C ILE B 48 -27.06 41.96 1.52
N VAL B 49 -26.48 42.22 2.68
CA VAL B 49 -26.08 41.14 3.61
C VAL B 49 -26.87 41.32 4.89
N PHE B 50 -27.54 40.28 5.36
CA PHE B 50 -28.04 40.31 6.75
C PHE B 50 -27.56 39.12 7.55
N GLN B 51 -27.61 39.39 8.85
CA GLN B 51 -27.48 38.43 9.93
C GLN B 51 -28.89 37.90 10.09
N SER B 52 -29.12 36.63 9.70
CA SER B 52 -30.39 35.91 9.89
C SER B 52 -30.40 35.28 11.29
N ALA B 53 -31.59 35.07 11.84
CA ALA B 53 -31.78 34.41 13.14
C ALA B 53 -31.18 33.01 13.11
N THR B 54 -31.40 32.25 12.05
CA THR B 54 -31.13 30.79 12.08
C THR B 54 -30.24 30.29 10.93
N TYR B 55 -29.90 31.09 9.91
CA TYR B 55 -29.12 30.61 8.74
C TYR B 55 -27.74 31.27 8.71
N GLY B 56 -27.34 31.94 9.81
CA GLY B 56 -26.17 32.83 9.84
C GLY B 56 -26.30 33.96 8.84
N LYS B 57 -25.17 34.36 8.27
CA LYS B 57 -25.15 35.48 7.33
C LYS B 57 -25.66 35.03 5.96
N VAL B 58 -26.41 35.91 5.31
CA VAL B 58 -27.12 35.68 4.03
C VAL B 58 -26.75 36.79 3.03
N LEU B 59 -26.32 36.39 1.84
CA LEU B 59 -25.99 37.28 0.72
C LEU B 59 -27.19 37.30 -0.23
N VAL B 60 -27.67 38.49 -0.54
CA VAL B 60 -28.82 38.71 -1.46
C VAL B 60 -28.37 39.66 -2.56
N LEU B 61 -28.54 39.26 -3.83
CA LEU B 61 -28.33 40.12 -5.02
C LEU B 61 -29.66 40.26 -5.79
N ASP B 62 -30.10 41.50 -6.03
CA ASP B 62 -31.38 41.78 -6.74
C ASP B 62 -32.53 41.00 -6.09
N GLY B 63 -32.56 40.94 -4.76
CA GLY B 63 -33.64 40.32 -3.94
C GLY B 63 -33.57 38.79 -3.92
N VAL B 64 -32.54 38.18 -4.53
CA VAL B 64 -32.39 36.70 -4.64
C VAL B 64 -31.32 36.21 -3.65
N ILE B 65 -31.69 35.30 -2.78
CA ILE B 65 -30.71 34.65 -1.89
C ILE B 65 -29.68 33.96 -2.81
N GLN B 66 -28.41 34.29 -2.63
CA GLN B 66 -27.24 33.68 -3.31
C GLN B 66 -26.59 32.59 -2.46
N LEU B 67 -26.57 32.78 -1.12
CA LEU B 67 -25.97 31.81 -0.16
C LEU B 67 -26.44 32.14 1.27
N THR B 68 -26.43 31.13 2.14
CA THR B 68 -26.37 31.32 3.60
C THR B 68 -25.14 30.58 4.10
N GLU B 69 -24.60 31.00 5.25
CA GLU B 69 -23.52 30.23 5.92
C GLU B 69 -24.07 28.83 6.25
N ARG B 70 -25.33 28.70 6.61
CA ARG B 70 -25.72 27.41 7.18
C ARG B 70 -25.76 26.31 6.09
N ASP B 71 -26.08 26.60 4.83
CA ASP B 71 -26.37 25.54 3.82
C ASP B 71 -25.50 25.71 2.59
N GLU B 72 -24.54 26.65 2.58
CA GLU B 72 -23.81 26.92 1.32
C GLU B 72 -23.03 25.67 0.93
N CYS B 73 -22.63 24.86 1.89
CA CYS B 73 -21.78 23.66 1.65
C CYS B 73 -22.43 22.71 0.60
N ALA B 74 -23.75 22.55 0.63
CA ALA B 74 -24.49 21.65 -0.26
C ALA B 74 -24.27 22.12 -1.70
N TYR B 75 -24.35 23.42 -1.99
CA TYR B 75 -24.10 23.94 -3.35
C TYR B 75 -22.60 23.92 -3.68
N GLN B 76 -21.80 24.58 -2.86
CA GLN B 76 -20.36 24.82 -3.13
C GLN B 76 -19.59 23.50 -3.23
N GLU B 77 -19.94 22.47 -2.46
CA GLU B 77 -19.21 21.18 -2.54
C GLU B 77 -19.64 20.39 -3.77
N MET B 78 -20.92 20.46 -4.14
CA MET B 78 -21.47 19.64 -5.26
C MET B 78 -21.03 20.29 -6.56
N ILE B 79 -21.01 21.62 -6.64
CA ILE B 79 -20.73 22.26 -7.97
C ILE B 79 -19.24 22.09 -8.30
N THR B 80 -18.43 21.87 -7.26
CA THR B 80 -16.95 21.76 -7.36
C THR B 80 -16.55 20.28 -7.50
N HIS B 81 -17.02 19.41 -6.59
CA HIS B 81 -16.51 18.02 -6.47
C HIS B 81 -17.14 17.11 -7.54
N LEU B 82 -18.39 17.38 -7.94
CA LEU B 82 -19.00 16.58 -9.03
C LEU B 82 -18.07 16.65 -10.26
N PRO B 83 -17.63 17.84 -10.76
CA PRO B 83 -16.74 17.84 -11.92
C PRO B 83 -15.30 17.40 -11.58
N LEU B 84 -14.74 17.94 -10.50
CA LEU B 84 -13.30 17.80 -10.18
C LEU B 84 -12.98 16.38 -9.65
N CYS B 85 -13.92 15.68 -9.03
CA CYS B 85 -13.64 14.27 -8.64
C CYS B 85 -13.96 13.29 -9.76
N SER B 86 -14.62 13.74 -10.82
CA SER B 86 -14.97 12.90 -12.00
C SER B 86 -13.76 12.67 -12.90
N ILE B 87 -12.78 13.58 -12.92
CA ILE B 87 -11.56 13.50 -13.80
C ILE B 87 -10.33 13.40 -12.87
N SER B 88 -9.27 12.75 -13.37
CA SER B 88 -7.91 12.63 -12.76
C SER B 88 -7.16 13.96 -12.82
N ASN B 89 -6.56 14.34 -11.72
CA ASN B 89 -5.38 15.25 -11.77
C ASN B 89 -5.73 16.53 -12.53
N PRO B 90 -6.86 17.19 -12.23
CA PRO B 90 -7.17 18.50 -12.83
C PRO B 90 -6.16 19.56 -12.40
N LYS B 91 -5.59 20.32 -13.34
CA LYS B 91 -4.53 21.34 -13.06
C LYS B 91 -5.07 22.76 -13.21
N LYS B 92 -5.85 23.03 -14.25
CA LYS B 92 -6.24 24.42 -14.56
C LYS B 92 -7.76 24.52 -14.58
N VAL B 93 -8.30 25.42 -13.78
CA VAL B 93 -9.77 25.57 -13.55
C VAL B 93 -10.15 27.03 -13.73
N LEU B 94 -11.30 27.26 -14.37
CA LEU B 94 -11.94 28.58 -14.45
C LEU B 94 -13.26 28.57 -13.66
N VAL B 95 -13.43 29.57 -12.77
CA VAL B 95 -14.74 29.85 -12.08
C VAL B 95 -15.37 31.15 -12.63
N ILE B 96 -16.61 31.10 -13.08
CA ILE B 96 -17.39 32.31 -13.44
C ILE B 96 -18.39 32.60 -12.32
N GLY B 97 -18.21 33.74 -11.64
CA GLY B 97 -18.93 34.13 -10.39
C GLY B 97 -18.08 33.87 -9.15
N GLY B 98 -17.97 34.87 -8.25
CA GLY B 98 -17.09 34.82 -7.06
C GLY B 98 -17.82 34.47 -5.77
N GLY B 99 -19.13 34.77 -5.68
CA GLY B 99 -19.91 34.59 -4.45
C GLY B 99 -19.11 35.08 -3.26
N ASP B 100 -19.08 34.27 -2.21
CA ASP B 100 -18.34 34.59 -0.97
C ASP B 100 -16.94 33.95 -0.95
N GLY B 101 -16.45 33.40 -2.08
CA GLY B 101 -15.17 32.67 -2.14
C GLY B 101 -15.30 31.20 -1.79
N GLY B 102 -16.47 30.74 -1.36
CA GLY B 102 -16.62 29.35 -0.86
C GLY B 102 -16.40 28.29 -1.95
N VAL B 103 -16.72 28.61 -3.22
CA VAL B 103 -16.46 27.70 -4.37
C VAL B 103 -14.96 27.62 -4.58
N LEU B 104 -14.23 28.75 -4.51
CA LEU B 104 -12.75 28.82 -4.62
C LEU B 104 -12.08 27.96 -3.56
N ARG B 105 -12.63 27.99 -2.35
CA ARG B 105 -12.19 27.21 -1.18
C ARG B 105 -12.34 25.72 -1.49
N GLU B 106 -13.47 25.32 -2.07
CA GLU B 106 -13.71 23.93 -2.50
C GLU B 106 -12.73 23.53 -3.62
N VAL B 107 -12.58 24.32 -4.68
CA VAL B 107 -11.62 24.01 -5.79
C VAL B 107 -10.23 23.79 -5.14
N ALA B 108 -9.85 24.60 -4.14
CA ALA B 108 -8.48 24.60 -3.53
C ALA B 108 -8.22 23.36 -2.64
N ARG B 109 -9.24 22.62 -2.23
CA ARG B 109 -9.02 21.28 -1.63
C ARG B 109 -8.32 20.34 -2.60
N HIS B 110 -8.50 20.47 -3.89
CA HIS B 110 -7.88 19.53 -4.85
C HIS B 110 -6.41 19.93 -4.99
N SER B 111 -5.51 19.11 -4.49
CA SER B 111 -4.06 19.41 -4.46
C SER B 111 -3.42 19.30 -5.86
N SER B 112 -4.00 18.61 -6.84
CA SER B 112 -3.48 18.61 -8.25
C SER B 112 -3.67 19.99 -8.92
N VAL B 113 -4.65 20.79 -8.48
CA VAL B 113 -4.91 22.11 -9.10
C VAL B 113 -3.69 23.01 -8.89
N GLU B 114 -3.28 23.69 -9.94
CA GLU B 114 -2.16 24.67 -9.98
C GLU B 114 -2.67 26.09 -10.20
N GLN B 115 -3.65 26.26 -11.10
CA GLN B 115 -4.22 27.58 -11.43
C GLN B 115 -5.73 27.61 -11.21
N ILE B 116 -6.22 28.59 -10.48
CA ILE B 116 -7.67 28.89 -10.39
C ILE B 116 -7.90 30.31 -10.89
N ASP B 117 -8.32 30.44 -12.15
CA ASP B 117 -8.80 31.72 -12.73
C ASP B 117 -10.25 31.89 -12.33
N ILE B 118 -10.59 33.07 -11.83
CA ILE B 118 -12.00 33.41 -11.44
C ILE B 118 -12.37 34.82 -11.93
N CYS B 119 -13.52 34.92 -12.58
CA CYS B 119 -14.10 36.16 -13.10
C CYS B 119 -15.31 36.53 -12.29
N GLU B 120 -15.34 37.76 -11.77
CA GLU B 120 -16.54 38.36 -11.13
C GLU B 120 -16.65 39.77 -11.68
N ILE B 121 -17.76 40.05 -12.34
CA ILE B 121 -18.00 41.35 -13.00
C ILE B 121 -18.09 42.43 -11.92
N ASP B 122 -18.60 42.13 -10.73
CA ASP B 122 -18.99 43.12 -9.69
C ASP B 122 -18.03 43.09 -8.50
N LYS B 123 -17.12 44.06 -8.44
CA LYS B 123 -16.10 44.20 -7.37
C LYS B 123 -16.82 44.35 -6.03
N MET B 124 -18.00 44.96 -6.01
CA MET B 124 -18.78 45.10 -4.75
C MET B 124 -19.01 43.69 -4.14
N VAL B 125 -19.31 42.68 -4.97
CA VAL B 125 -19.57 41.28 -4.50
C VAL B 125 -18.28 40.74 -3.83
N VAL B 126 -17.14 40.87 -4.49
CA VAL B 126 -15.80 40.51 -3.93
C VAL B 126 -15.59 41.25 -2.60
N ASP B 127 -15.81 42.56 -2.57
CA ASP B 127 -15.43 43.39 -1.39
C ASP B 127 -16.31 42.94 -0.23
N VAL B 128 -17.60 42.73 -0.53
CA VAL B 128 -18.62 42.31 0.46
C VAL B 128 -18.27 40.94 1.04
N ALA B 129 -17.73 40.03 0.21
CA ALA B 129 -17.28 38.67 0.65
C ALA B 129 -16.15 38.83 1.66
N LYS B 130 -15.18 39.68 1.34
CA LYS B 130 -13.94 39.83 2.14
C LYS B 130 -14.25 40.47 3.49
N GLN B 131 -15.24 41.39 3.52
CA GLN B 131 -15.57 42.18 4.74
C GLN B 131 -16.51 41.34 5.59
N TYR B 132 -17.60 40.86 5.00
CA TYR B 132 -18.72 40.26 5.77
C TYR B 132 -18.60 38.74 5.84
N PHE B 133 -17.91 38.09 4.91
CA PHE B 133 -17.70 36.61 4.91
C PHE B 133 -16.21 36.27 4.85
N PRO B 134 -15.36 36.81 5.75
CA PRO B 134 -13.91 36.65 5.63
C PRO B 134 -13.38 35.22 5.82
N ASN B 135 -14.05 34.40 6.62
CA ASN B 135 -13.56 33.01 6.89
C ASN B 135 -13.74 32.12 5.67
N VAL B 136 -14.64 32.49 4.76
CA VAL B 136 -14.81 31.74 3.48
C VAL B 136 -14.09 32.49 2.36
N ALA B 137 -14.06 33.83 2.43
CA ALA B 137 -13.41 34.70 1.41
C ALA B 137 -11.87 34.58 1.43
N VAL B 138 -11.27 33.91 2.44
CA VAL B 138 -9.85 33.44 2.37
C VAL B 138 -9.67 32.64 1.08
N GLY B 139 -10.74 32.04 0.61
CA GLY B 139 -10.92 31.52 -0.75
C GLY B 139 -10.10 32.30 -1.78
N TYR B 140 -10.28 33.62 -1.81
CA TYR B 140 -9.64 34.56 -2.79
C TYR B 140 -8.12 34.66 -2.58
N GLU B 141 -7.60 34.25 -1.44
CA GLU B 141 -6.21 34.55 -1.03
C GLU B 141 -5.28 33.40 -1.44
N ASP B 142 -5.80 32.20 -1.71
CA ASP B 142 -4.93 31.05 -2.12
C ASP B 142 -4.05 31.48 -3.27
N PRO B 143 -2.72 31.30 -3.17
CA PRO B 143 -1.80 31.84 -4.18
C PRO B 143 -2.01 31.29 -5.61
N ARG B 144 -2.72 30.17 -5.74
CA ARG B 144 -3.15 29.59 -7.04
C ARG B 144 -4.23 30.47 -7.67
N VAL B 145 -4.85 31.33 -6.90
CA VAL B 145 -6.07 32.05 -7.38
C VAL B 145 -5.63 33.28 -8.17
N ASN B 146 -6.25 33.48 -9.33
CA ASN B 146 -6.04 34.68 -10.19
C ASN B 146 -7.42 35.33 -10.38
N LEU B 147 -7.65 36.46 -9.72
CA LEU B 147 -8.94 37.18 -9.71
C LEU B 147 -9.00 38.21 -10.84
N ILE B 148 -9.94 38.05 -11.76
CA ILE B 148 -10.26 39.02 -12.84
C ILE B 148 -11.60 39.64 -12.48
N ILE B 149 -11.58 40.93 -12.16
CA ILE B 149 -12.80 41.77 -12.08
C ILE B 149 -13.13 42.12 -13.53
N GLY B 150 -14.10 41.43 -14.12
CA GLY B 150 -14.48 41.58 -15.52
C GLY B 150 -15.53 40.56 -15.89
N ASP B 151 -16.03 40.66 -17.13
CA ASP B 151 -17.10 39.83 -17.72
C ASP B 151 -16.53 38.46 -18.13
N GLY B 152 -17.23 37.38 -17.77
CA GLY B 152 -16.72 36.00 -17.93
C GLY B 152 -16.98 35.46 -19.32
N VAL B 153 -17.97 36.02 -20.00
CA VAL B 153 -18.38 35.66 -21.39
C VAL B 153 -17.30 36.09 -22.39
N ALA B 154 -16.88 37.34 -22.24
CA ALA B 154 -15.77 37.97 -22.99
C ALA B 154 -14.48 37.23 -22.66
N PHE B 155 -14.16 37.09 -21.37
CA PHE B 155 -12.95 36.36 -20.87
C PHE B 155 -12.81 35.00 -21.58
N LEU B 156 -13.93 34.30 -21.74
CA LEU B 156 -13.93 32.96 -22.36
C LEU B 156 -13.74 33.07 -23.87
N LYS B 157 -14.43 33.99 -24.58
CA LYS B 157 -14.13 34.27 -26.01
C LYS B 157 -12.62 34.47 -26.17
N ASN B 158 -12.00 35.21 -25.23
CA ASN B 158 -10.60 35.69 -25.31
C ASN B 158 -9.59 34.63 -24.85
N ALA B 159 -10.05 33.55 -24.24
CA ALA B 159 -9.19 32.48 -23.67
C ALA B 159 -8.48 31.72 -24.79
N ALA B 160 -7.28 31.24 -24.52
CA ALA B 160 -6.54 30.31 -25.41
C ALA B 160 -7.33 29.02 -25.48
N GLU B 161 -7.52 28.49 -26.69
CA GLU B 161 -8.15 27.18 -26.99
C GLU B 161 -7.49 26.06 -26.16
N GLY B 162 -8.29 25.14 -25.59
CA GLY B 162 -7.75 23.93 -24.92
C GLY B 162 -6.98 24.21 -23.65
N THR B 163 -7.26 25.32 -22.96
CA THR B 163 -6.51 25.78 -21.75
C THR B 163 -6.92 24.99 -20.50
N TYR B 164 -8.22 24.72 -20.30
CA TYR B 164 -8.75 24.40 -18.95
C TYR B 164 -9.10 22.93 -18.83
N ASP B 165 -8.89 22.39 -17.63
CA ASP B 165 -9.40 21.05 -17.27
C ASP B 165 -10.90 21.15 -16.96
N ALA B 166 -11.33 22.26 -16.37
CA ALA B 166 -12.66 22.42 -15.74
C ALA B 166 -13.08 23.88 -15.78
N VAL B 167 -14.36 24.07 -16.05
CA VAL B 167 -15.03 25.39 -15.97
C VAL B 167 -16.20 25.19 -15.02
N ILE B 168 -16.32 26.01 -14.01
CA ILE B 168 -17.46 26.00 -13.07
C ILE B 168 -18.22 27.31 -13.28
N VAL B 169 -19.52 27.26 -13.56
CA VAL B 169 -20.32 28.46 -13.88
C VAL B 169 -21.30 28.67 -12.73
N ASP B 170 -20.85 29.44 -11.75
CA ASP B 170 -21.59 29.76 -10.51
C ASP B 170 -22.36 31.08 -10.74
N SER B 171 -23.44 30.97 -11.50
CA SER B 171 -24.22 32.14 -12.00
C SER B 171 -25.44 32.32 -11.08
N SER B 172 -26.02 33.52 -11.07
CA SER B 172 -27.43 33.72 -10.63
C SER B 172 -28.40 33.25 -11.74
N ASP B 173 -29.65 33.68 -11.61
CA ASP B 173 -30.76 33.16 -12.43
C ASP B 173 -30.63 33.76 -13.84
N PRO B 174 -31.23 33.09 -14.85
CA PRO B 174 -31.15 33.57 -16.23
C PRO B 174 -31.90 34.90 -16.40
N ILE B 175 -31.35 35.97 -15.84
CA ILE B 175 -31.98 37.32 -15.91
C ILE B 175 -30.87 38.37 -16.04
N ALA B 178 -27.41 38.14 -16.75
CA ALA B 178 -26.99 36.76 -16.40
C ALA B 178 -27.45 35.75 -17.46
N LYS B 179 -28.49 36.07 -18.26
CA LYS B 179 -29.23 35.18 -19.21
C LYS B 179 -28.32 34.55 -20.30
N GLU B 180 -27.21 35.21 -20.65
CA GLU B 180 -26.30 34.78 -21.76
C GLU B 180 -25.62 33.45 -21.37
N LEU B 181 -25.38 33.22 -20.07
CA LEU B 181 -24.61 32.06 -19.54
C LEU B 181 -25.37 30.75 -19.75
N PHE B 182 -26.61 30.79 -20.22
CA PHE B 182 -27.43 29.58 -20.45
C PHE B 182 -27.62 29.28 -21.95
N GLU B 183 -26.89 29.94 -22.88
CA GLU B 183 -27.15 29.91 -24.37
C GLU B 183 -26.03 29.22 -25.16
N LYS B 184 -26.35 28.71 -26.34
CA LYS B 184 -25.42 27.95 -27.23
C LYS B 184 -24.07 28.63 -27.45
N PRO B 185 -23.97 29.95 -27.76
CA PRO B 185 -22.67 30.54 -28.08
C PRO B 185 -21.69 30.52 -26.88
N PHE B 186 -22.20 30.82 -25.67
CA PHE B 186 -21.46 30.73 -24.39
C PHE B 186 -20.95 29.30 -24.20
N PHE B 187 -21.81 28.30 -24.37
CA PHE B 187 -21.37 26.88 -24.33
C PHE B 187 -20.33 26.62 -25.41
N GLU B 188 -20.49 27.12 -26.63
CA GLU B 188 -19.48 26.83 -27.71
C GLU B 188 -18.14 27.41 -27.27
N SER B 189 -18.17 28.57 -26.63
CA SER B 189 -17.00 29.26 -26.05
C SER B 189 -16.31 28.36 -25.00
N VAL B 190 -17.10 27.82 -24.06
CA VAL B 190 -16.69 26.84 -23.02
C VAL B 190 -16.05 25.63 -23.71
N ASN B 191 -16.72 25.04 -24.70
CA ASN B 191 -16.24 23.80 -25.38
C ASN B 191 -14.82 24.02 -25.90
N ARG B 192 -14.55 25.23 -26.41
CA ARG B 192 -13.32 25.60 -27.12
C ARG B 192 -12.24 25.89 -26.08
N ALA B 193 -12.59 26.50 -24.95
CA ALA B 193 -11.64 26.83 -23.86
C ALA B 193 -11.21 25.59 -23.06
N LEU B 194 -12.00 24.51 -23.08
CA LEU B 194 -11.66 23.20 -22.43
C LEU B 194 -10.66 22.44 -23.29
N ARG B 195 -9.69 21.82 -22.64
CA ARG B 195 -8.94 20.68 -23.23
C ARG B 195 -9.94 19.61 -23.64
N PRO B 196 -9.51 18.72 -24.57
CA PRO B 196 -10.32 17.58 -24.98
C PRO B 196 -10.68 16.72 -23.76
N GLY B 197 -11.97 16.41 -23.56
CA GLY B 197 -12.47 15.72 -22.35
C GLY B 197 -12.39 16.56 -21.07
N GLY B 198 -12.29 17.88 -21.17
CA GLY B 198 -12.39 18.81 -20.03
C GLY B 198 -13.84 18.92 -19.63
N VAL B 199 -14.11 19.42 -18.45
CA VAL B 199 -15.48 19.33 -17.90
C VAL B 199 -16.03 20.72 -17.61
N VAL B 200 -17.34 20.86 -17.76
CA VAL B 200 -18.02 22.08 -17.31
C VAL B 200 -19.10 21.64 -16.32
N CYS B 201 -19.25 22.40 -15.26
CA CYS B 201 -20.40 22.24 -14.33
C CYS B 201 -21.14 23.58 -14.21
N THR B 202 -22.45 23.61 -14.43
CA THR B 202 -23.14 24.91 -14.37
C THR B 202 -24.36 24.83 -13.45
N GLN B 203 -24.75 25.95 -12.87
CA GLN B 203 -25.99 26.14 -12.10
C GLN B 203 -27.15 25.97 -13.08
N ALA B 204 -28.00 24.96 -12.89
CA ALA B 204 -29.07 24.54 -13.86
C ALA B 204 -30.44 24.44 -13.16
N GLU B 205 -30.68 25.30 -12.19
CA GLU B 205 -32.03 25.68 -11.63
C GLU B 205 -32.76 24.46 -11.04
N SER B 206 -34.06 24.62 -10.78
CA SER B 206 -34.90 23.69 -9.97
C SER B 206 -35.82 22.87 -10.87
N LEU B 207 -35.72 21.54 -10.76
CA LEU B 207 -36.51 20.55 -11.54
C LEU B 207 -37.99 20.77 -11.27
N TRP B 208 -38.34 21.15 -10.05
CA TRP B 208 -39.70 21.50 -9.60
C TRP B 208 -40.20 22.76 -10.30
N LEU B 209 -39.33 23.70 -10.66
CA LEU B 209 -39.78 25.09 -10.96
C LEU B 209 -39.56 25.45 -12.42
N HIS B 210 -38.61 24.81 -13.11
CA HIS B 210 -38.08 25.31 -14.39
C HIS B 210 -37.75 24.12 -15.30
N MET B 211 -38.64 23.14 -15.35
CA MET B 211 -38.52 22.01 -16.31
C MET B 211 -38.28 22.56 -17.74
N ASP B 212 -39.03 23.59 -18.15
CA ASP B 212 -38.91 24.14 -19.52
C ASP B 212 -37.51 24.75 -19.71
N ILE B 213 -37.00 25.50 -18.73
CA ILE B 213 -35.66 26.16 -18.88
C ILE B 213 -34.57 25.09 -18.96
N ILE B 214 -34.76 23.99 -18.23
CA ILE B 214 -33.76 22.91 -18.08
C ILE B 214 -33.75 22.05 -19.34
N GLU B 215 -34.91 21.72 -19.91
CA GLU B 215 -35.01 20.97 -21.20
C GLU B 215 -34.15 21.67 -22.29
N ASP B 216 -34.26 23.00 -22.42
CA ASP B 216 -33.47 23.82 -23.37
C ASP B 216 -31.99 23.80 -22.99
N ILE B 217 -31.71 23.90 -21.70
CA ILE B 217 -30.28 23.91 -21.27
C ILE B 217 -29.65 22.59 -21.70
N VAL B 218 -30.35 21.47 -21.53
CA VAL B 218 -29.77 20.12 -21.80
C VAL B 218 -29.66 19.92 -23.31
N SER B 219 -30.54 20.57 -24.06
CA SER B 219 -30.57 20.42 -25.54
C SER B 219 -29.38 21.13 -26.15
N ASN B 220 -29.11 22.34 -25.68
CA ASN B 220 -27.94 23.15 -26.06
C ASN B 220 -26.69 22.33 -25.74
N CYS B 221 -26.58 21.75 -24.53
CA CYS B 221 -25.34 21.03 -24.11
C CYS B 221 -25.16 19.75 -24.95
N ARG B 222 -26.22 18.95 -25.12
CA ARG B 222 -26.23 17.73 -26.01
C ARG B 222 -25.68 18.09 -27.40
N ASP B 223 -25.99 19.28 -27.94
CA ASP B 223 -25.56 19.80 -29.28
C ASP B 223 -24.08 20.20 -29.28
N ILE B 224 -23.61 20.95 -28.28
CA ILE B 224 -22.23 21.54 -28.25
C ILE B 224 -21.24 20.46 -27.78
N PHE B 225 -21.43 19.92 -26.56
CA PHE B 225 -20.46 18.98 -25.94
C PHE B 225 -20.68 17.56 -26.44
N LYS B 226 -19.66 16.98 -27.04
CA LYS B 226 -19.71 15.64 -27.69
C LYS B 226 -19.09 14.59 -26.77
N GLY B 227 -18.67 14.95 -25.56
CA GLY B 227 -18.22 13.96 -24.57
C GLY B 227 -19.43 13.44 -23.82
N SER B 228 -19.52 13.65 -22.52
CA SER B 228 -20.69 13.15 -21.73
C SER B 228 -21.59 14.33 -21.39
N VAL B 229 -22.88 14.12 -21.21
CA VAL B 229 -23.81 15.21 -20.82
C VAL B 229 -24.74 14.59 -19.76
N ASN B 230 -24.70 15.11 -18.54
CA ASN B 230 -25.45 14.54 -17.39
C ASN B 230 -26.07 15.69 -16.59
N TYR B 231 -27.10 15.40 -15.81
CA TYR B 231 -27.75 16.41 -14.94
C TYR B 231 -27.77 15.85 -13.52
N ALA B 232 -27.40 16.68 -12.52
CA ALA B 232 -27.36 16.30 -11.09
C ALA B 232 -28.14 17.31 -10.27
N TRP B 233 -28.55 16.99 -9.05
CA TRP B 233 -29.29 17.92 -8.16
C TRP B 233 -28.87 17.70 -6.70
N THR B 234 -29.18 18.66 -5.83
CA THR B 234 -28.72 18.68 -4.42
C THR B 234 -29.77 19.46 -3.65
N SER B 235 -29.92 19.15 -2.36
CA SER B 235 -30.77 19.85 -1.38
C SER B 235 -30.09 21.19 -1.02
N VAL B 236 -30.74 22.31 -1.30
CA VAL B 236 -30.30 23.64 -0.80
C VAL B 236 -31.54 24.36 -0.25
N PRO B 237 -31.75 24.25 1.08
CA PRO B 237 -32.97 24.73 1.73
C PRO B 237 -33.34 26.17 1.37
N THR B 238 -32.32 27.02 1.19
CA THR B 238 -32.53 28.49 1.01
C THR B 238 -32.43 28.83 -0.47
N TYR B 239 -32.44 27.85 -1.37
CA TYR B 239 -32.82 28.14 -2.78
C TYR B 239 -34.29 27.82 -2.94
N PRO B 240 -34.96 28.37 -3.97
CA PRO B 240 -36.41 28.23 -4.16
C PRO B 240 -36.75 26.80 -4.54
N SER B 241 -37.72 26.20 -3.85
CA SER B 241 -38.18 24.77 -3.97
C SER B 241 -37.28 23.81 -3.20
N GLY B 242 -36.21 24.34 -2.57
CA GLY B 242 -35.33 23.60 -1.65
C GLY B 242 -34.35 22.73 -2.43
N VAL B 243 -34.25 22.86 -3.75
CA VAL B 243 -33.26 22.07 -4.56
C VAL B 243 -32.77 22.95 -5.70
N ILE B 244 -31.58 22.62 -6.19
CA ILE B 244 -31.00 23.21 -7.43
C ILE B 244 -30.23 22.11 -8.14
N GLY B 245 -30.01 22.31 -9.43
CA GLY B 245 -29.36 21.31 -10.27
C GLY B 245 -28.15 21.88 -10.96
N PHE B 246 -27.47 20.96 -11.65
CA PHE B 246 -26.20 21.16 -12.38
C PHE B 246 -26.14 20.37 -13.70
N MET B 247 -25.69 21.07 -14.75
CA MET B 247 -25.20 20.40 -15.96
C MET B 247 -23.77 20.00 -15.71
N LEU B 248 -23.45 18.74 -16.00
CA LEU B 248 -22.08 18.17 -16.07
C LEU B 248 -21.93 17.76 -17.53
N CYS B 249 -21.01 18.35 -18.27
CA CYS B 249 -20.70 17.99 -19.68
C CYS B 249 -19.19 17.87 -19.83
N SER B 250 -18.75 16.98 -20.72
CA SER B 250 -17.33 16.83 -21.15
C SER B 250 -17.23 17.18 -22.63
N SER B 251 -16.13 17.84 -23.02
CA SER B 251 -15.83 18.07 -24.44
C SER B 251 -15.40 16.75 -25.04
N GLU B 252 -15.37 16.72 -26.37
CA GLU B 252 -14.85 15.59 -27.16
C GLU B 252 -13.43 15.28 -26.73
N GLY B 253 -13.17 14.00 -26.46
CA GLY B 253 -11.82 13.53 -26.04
C GLY B 253 -11.93 12.31 -25.16
N PRO B 254 -11.03 12.17 -24.16
CA PRO B 254 -11.00 10.94 -23.33
C PRO B 254 -12.34 10.66 -22.65
N GLN B 255 -12.54 9.42 -22.23
CA GLN B 255 -13.81 9.02 -21.57
C GLN B 255 -13.93 9.80 -20.28
N VAL B 256 -15.10 10.38 -20.01
CA VAL B 256 -15.46 10.97 -18.68
C VAL B 256 -16.74 10.31 -18.21
N ASP B 257 -16.72 9.89 -16.95
CA ASP B 257 -17.83 9.23 -16.25
C ASP B 257 -18.17 10.12 -15.07
N PHE B 258 -19.21 10.93 -15.21
CA PHE B 258 -19.66 11.86 -14.13
C PHE B 258 -20.34 11.06 -12.99
N LYS B 259 -20.72 9.80 -13.22
CA LYS B 259 -21.67 9.05 -12.36
C LYS B 259 -20.99 8.53 -11.08
N LYS B 260 -19.67 8.35 -11.14
CA LYS B 260 -18.85 7.96 -9.98
C LYS B 260 -17.59 8.81 -9.98
N PRO B 261 -17.00 9.06 -8.78
CA PRO B 261 -15.71 9.72 -8.67
C PRO B 261 -14.58 8.76 -9.04
N VAL B 262 -13.46 9.31 -9.55
CA VAL B 262 -12.15 8.61 -9.62
C VAL B 262 -11.56 8.61 -8.21
N SER B 263 -11.62 9.79 -7.59
CA SER B 263 -10.72 10.26 -6.51
C SER B 263 -11.58 10.62 -5.32
N LEU B 264 -11.13 10.25 -4.13
CA LEU B 264 -11.71 10.76 -2.88
C LEU B 264 -11.14 12.16 -2.61
N ILE B 265 -11.95 13.05 -2.03
CA ILE B 265 -11.46 14.37 -1.53
C ILE B 265 -12.10 14.66 -0.18
N SER B 270 -1.35 16.75 3.09
CA SER B 270 -0.87 18.00 3.75
C SER B 270 -0.75 17.77 5.26
N SER B 271 0.36 18.22 5.86
CA SER B 271 0.61 18.15 7.32
C SER B 271 -0.33 19.14 8.02
N ILE B 272 -0.28 20.39 7.59
CA ILE B 272 -1.22 21.50 8.00
C ILE B 272 -2.43 21.44 7.06
N LYS B 273 -3.60 21.12 7.60
CA LYS B 273 -4.88 21.08 6.83
C LYS B 273 -5.52 22.47 6.90
N SER B 274 -5.73 23.09 5.77
CA SER B 274 -6.40 24.42 5.61
C SER B 274 -7.94 24.26 5.65
N HIS B 275 -8.49 23.09 5.25
CA HIS B 275 -9.96 22.82 5.20
C HIS B 275 -10.51 21.90 6.30
N CYS B 276 -11.73 22.19 6.79
CA CYS B 276 -12.57 21.24 7.59
C CYS B 276 -12.97 20.06 6.72
N PRO B 277 -13.34 18.89 7.28
CA PRO B 277 -14.03 17.87 6.51
C PRO B 277 -15.15 18.44 5.62
N LEU B 278 -15.28 17.83 4.46
CA LEU B 278 -16.51 17.96 3.64
C LEU B 278 -17.72 17.86 4.58
N LYS B 279 -18.64 18.78 4.44
CA LYS B 279 -19.91 18.77 5.23
C LYS B 279 -21.02 18.02 4.47
N TYR B 280 -20.99 17.93 3.12
CA TYR B 280 -22.13 17.44 2.30
C TYR B 280 -21.67 16.38 1.30
N TYR B 281 -20.75 16.73 0.40
CA TYR B 281 -20.22 15.83 -0.66
C TYR B 281 -19.55 14.59 -0.06
N ASN B 282 -19.74 13.44 -0.72
CA ASN B 282 -19.03 12.16 -0.48
C ASN B 282 -19.21 11.31 -1.75
N ALA B 283 -18.57 10.14 -1.80
CA ALA B 283 -18.49 9.35 -3.05
C ALA B 283 -19.87 8.76 -3.38
N GLU B 284 -20.63 8.38 -2.35
CA GLU B 284 -22.01 7.84 -2.50
C GLU B 284 -23.00 8.90 -2.99
N ILE B 285 -22.96 10.13 -2.43
CA ILE B 285 -23.95 11.18 -2.83
C ILE B 285 -23.55 11.67 -4.23
N HIS B 286 -22.24 11.58 -4.60
CA HIS B 286 -21.80 11.90 -5.99
C HIS B 286 -22.74 11.13 -6.95
N SER B 287 -22.86 9.80 -6.77
CA SER B 287 -23.70 8.93 -7.65
C SER B 287 -25.18 9.28 -7.46
N ALA B 288 -25.63 9.43 -6.22
CA ALA B 288 -27.06 9.63 -5.90
C ALA B 288 -27.59 10.88 -6.61
N ALA B 289 -26.73 11.87 -6.85
CA ALA B 289 -27.09 13.22 -7.34
C ALA B 289 -27.60 13.11 -8.77
N PHE B 290 -27.29 12.00 -9.43
CA PHE B 290 -27.68 11.78 -10.84
C PHE B 290 -28.97 10.94 -10.96
N CYS B 291 -29.60 10.54 -9.86
CA CYS B 291 -30.86 9.77 -9.84
C CYS B 291 -32.03 10.72 -9.61
N LEU B 292 -32.75 11.04 -10.68
CA LEU B 292 -33.77 12.12 -10.75
C LEU B 292 -35.15 11.52 -10.51
N PRO B 293 -36.15 12.35 -10.12
CA PRO B 293 -37.51 11.85 -10.02
C PRO B 293 -38.10 11.62 -11.44
N SER B 294 -39.03 10.67 -11.53
CA SER B 294 -39.66 10.21 -12.81
C SER B 294 -40.14 11.39 -13.68
N PHE B 295 -40.71 12.47 -13.13
CA PHE B 295 -41.22 13.62 -13.91
C PHE B 295 -40.07 14.33 -14.61
N ALA B 296 -38.88 14.26 -14.04
CA ALA B 296 -37.70 14.98 -14.54
C ALA B 296 -36.96 14.06 -15.48
N LYS B 297 -36.73 12.86 -15.01
CA LYS B 297 -36.03 11.74 -15.70
C LYS B 297 -36.56 11.60 -17.15
N LYS B 298 -37.85 11.35 -17.37
CA LYS B 298 -38.40 11.20 -18.75
C LYS B 298 -37.70 12.22 -19.67
N VAL B 299 -37.81 13.50 -19.36
CA VAL B 299 -37.34 14.64 -20.21
C VAL B 299 -35.83 14.54 -20.40
N ILE B 300 -35.09 14.62 -19.30
CA ILE B 300 -33.63 14.95 -19.33
C ILE B 300 -32.87 13.83 -20.04
N ASP B 301 -33.35 12.59 -19.93
CA ASP B 301 -32.75 11.37 -20.54
C ASP B 301 -32.68 11.48 -22.08
N SER B 302 -33.35 12.47 -22.67
CA SER B 302 -33.21 12.84 -24.10
C SER B 302 -33.68 14.29 -24.28
N PRO C 14 2.49 -27.21 -43.59
CA PRO C 14 2.21 -27.25 -45.05
C PRO C 14 1.58 -25.94 -45.57
N GLY C 15 2.41 -25.00 -46.06
CA GLY C 15 2.04 -23.64 -46.53
C GLY C 15 1.77 -22.68 -45.37
N TRP C 16 2.52 -22.82 -44.26
CA TRP C 16 2.32 -22.17 -42.93
C TRP C 16 3.62 -21.48 -42.48
N PHE C 17 3.62 -20.15 -42.36
CA PHE C 17 4.74 -19.37 -41.74
C PHE C 17 4.56 -19.39 -40.22
N SER C 18 5.67 -19.51 -39.49
CA SER C 18 5.67 -19.65 -38.02
C SER C 18 6.83 -18.87 -37.41
N GLU C 19 6.55 -17.98 -36.45
CA GLU C 19 7.53 -16.97 -35.93
C GLU C 19 8.14 -17.49 -34.63
N ILE C 20 9.35 -18.06 -34.71
CA ILE C 20 10.08 -18.56 -33.51
C ILE C 20 11.29 -17.65 -33.27
N SER C 21 11.41 -17.13 -32.05
CA SER C 21 12.61 -16.43 -31.55
C SER C 21 12.86 -16.85 -30.11
N PRO C 22 14.14 -16.82 -29.67
CA PRO C 22 14.48 -16.93 -28.25
C PRO C 22 14.04 -15.69 -27.45
N MET C 23 13.69 -14.60 -28.14
CA MET C 23 13.07 -13.44 -27.49
C MET C 23 11.71 -13.83 -26.87
N TRP C 24 11.05 -14.85 -27.42
CA TRP C 24 9.79 -15.40 -26.87
C TRP C 24 9.84 -16.93 -26.84
N PRO C 25 10.56 -17.51 -25.86
CA PRO C 25 10.77 -18.95 -25.83
C PRO C 25 9.42 -19.68 -25.68
N GLY C 26 9.28 -20.81 -26.37
CA GLY C 26 8.19 -21.77 -26.08
C GLY C 26 6.86 -21.34 -26.64
N GLU C 27 6.87 -20.30 -27.47
CA GLU C 27 5.63 -19.81 -28.13
C GLU C 27 5.97 -19.40 -29.56
N ALA C 28 4.93 -19.36 -30.40
CA ALA C 28 4.97 -18.89 -31.79
C ALA C 28 3.54 -18.63 -32.30
N HIS C 29 3.33 -17.46 -32.90
CA HIS C 29 2.14 -17.18 -33.75
C HIS C 29 2.44 -17.77 -35.14
N SER C 30 1.47 -18.46 -35.75
CA SER C 30 1.58 -19.04 -37.12
C SER C 30 0.47 -18.46 -38.01
N LEU C 31 0.81 -18.09 -39.25
CA LEU C 31 -0.12 -17.59 -40.29
C LEU C 31 -0.02 -18.48 -41.52
N LYS C 32 -1.16 -18.99 -41.97
CA LYS C 32 -1.34 -19.60 -43.31
C LYS C 32 -0.86 -18.60 -44.37
N VAL C 33 0.10 -19.05 -45.17
CA VAL C 33 0.77 -18.36 -46.31
C VAL C 33 0.03 -18.70 -47.61
N GLU C 34 -0.63 -17.73 -48.24
CA GLU C 34 -1.31 -17.92 -49.54
C GLU C 34 -0.23 -17.96 -50.63
N LYS C 35 0.84 -17.18 -50.42
CA LYS C 35 1.99 -17.15 -51.38
C LYS C 35 3.16 -16.32 -50.80
N ILE C 36 4.40 -16.62 -51.20
CA ILE C 36 5.59 -15.76 -50.91
C ILE C 36 5.72 -14.73 -52.03
N LEU C 37 5.85 -13.44 -51.70
CA LEU C 37 5.87 -12.34 -52.71
C LEU C 37 7.30 -11.87 -53.01
N PHE C 38 8.24 -12.01 -52.05
CA PHE C 38 9.65 -11.54 -52.14
C PHE C 38 10.46 -12.28 -51.08
N GLN C 39 11.74 -12.45 -51.35
CA GLN C 39 12.79 -12.93 -50.42
C GLN C 39 14.09 -12.34 -50.94
N GLY C 40 14.85 -11.72 -50.06
CA GLY C 40 16.18 -11.18 -50.35
C GLY C 40 16.98 -11.16 -49.06
N LYS C 41 18.29 -11.26 -49.17
CA LYS C 41 19.23 -10.80 -48.12
C LYS C 41 19.75 -9.46 -48.64
N SER C 42 19.61 -8.43 -47.81
CA SER C 42 20.28 -7.12 -47.94
C SER C 42 21.65 -7.25 -47.25
N ASP C 43 22.44 -6.18 -47.18
CA ASP C 43 23.75 -6.26 -46.50
C ASP C 43 23.51 -6.20 -44.98
N TYR C 44 22.25 -6.09 -44.51
CA TYR C 44 21.94 -5.90 -43.06
C TYR C 44 21.06 -7.03 -42.51
N GLN C 45 20.16 -7.65 -43.28
CA GLN C 45 19.20 -8.62 -42.69
C GLN C 45 18.48 -9.43 -43.77
N ASP C 46 17.80 -10.51 -43.34
CA ASP C 46 16.94 -11.33 -44.21
C ASP C 46 15.56 -10.70 -44.33
N VAL C 47 15.05 -10.62 -45.55
CA VAL C 47 13.83 -9.83 -45.89
C VAL C 47 12.81 -10.75 -46.57
N ILE C 48 11.66 -10.94 -45.95
CA ILE C 48 10.56 -11.71 -46.59
C ILE C 48 9.27 -10.89 -46.61
N VAL C 49 8.56 -10.97 -47.73
CA VAL C 49 7.13 -10.58 -47.85
C VAL C 49 6.33 -11.81 -48.30
N PHE C 50 5.18 -12.04 -47.69
CA PHE C 50 4.24 -13.06 -48.20
C PHE C 50 2.82 -12.55 -48.04
N GLN C 51 1.93 -13.05 -48.88
CA GLN C 51 0.48 -12.75 -48.79
C GLN C 51 -0.04 -13.80 -47.83
N SER C 52 -0.62 -13.38 -46.70
CA SER C 52 -1.28 -14.30 -45.73
C SER C 52 -2.70 -14.56 -46.23
N ALA C 53 -3.34 -15.60 -45.69
CA ALA C 53 -4.72 -15.96 -46.07
C ALA C 53 -5.64 -14.91 -45.44
N THR C 54 -5.41 -14.56 -44.18
CA THR C 54 -6.38 -13.83 -43.31
C THR C 54 -5.85 -12.46 -42.79
N TYR C 55 -4.53 -12.18 -42.80
CA TYR C 55 -3.92 -10.92 -42.29
C TYR C 55 -3.30 -10.03 -43.39
N GLY C 56 -3.70 -10.18 -44.66
CA GLY C 56 -3.14 -9.43 -45.80
C GLY C 56 -1.66 -9.70 -45.92
N LYS C 57 -0.92 -8.84 -46.64
CA LYS C 57 0.55 -8.96 -46.87
C LYS C 57 1.32 -8.68 -45.58
N VAL C 58 2.44 -9.37 -45.40
CA VAL C 58 3.19 -9.48 -44.12
C VAL C 58 4.65 -9.23 -44.44
N LEU C 59 5.35 -8.46 -43.61
CA LEU C 59 6.80 -8.17 -43.77
C LEU C 59 7.55 -8.78 -42.59
N VAL C 60 8.53 -9.63 -42.90
CA VAL C 60 9.38 -10.36 -41.90
C VAL C 60 10.84 -9.94 -42.13
N LEU C 61 11.54 -9.61 -41.04
CA LEU C 61 12.98 -9.29 -41.01
C LEU C 61 13.62 -10.18 -39.96
N ASP C 62 14.63 -10.97 -40.38
CA ASP C 62 15.37 -11.94 -39.53
C ASP C 62 14.37 -12.81 -38.75
N GLY C 63 13.31 -13.28 -39.40
CA GLY C 63 12.33 -14.24 -38.83
C GLY C 63 11.21 -13.61 -38.03
N VAL C 64 11.20 -12.26 -37.87
CA VAL C 64 10.30 -11.51 -36.95
C VAL C 64 9.26 -10.71 -37.75
N ILE C 65 7.98 -10.87 -37.39
CA ILE C 65 6.88 -10.09 -38.03
C ILE C 65 7.15 -8.62 -37.71
N GLN C 66 7.28 -7.81 -38.74
CA GLN C 66 7.42 -6.33 -38.63
C GLN C 66 6.04 -5.70 -38.67
N LEU C 67 5.14 -6.22 -39.49
CA LEU C 67 3.79 -5.67 -39.61
C LEU C 67 2.91 -6.64 -40.39
N THR C 68 1.62 -6.35 -40.39
CA THR C 68 0.67 -6.94 -41.34
C THR C 68 -0.29 -5.83 -41.80
N GLU C 69 -0.78 -5.90 -43.02
CA GLU C 69 -1.82 -4.96 -43.48
C GLU C 69 -3.03 -4.99 -42.53
N ARG C 70 -3.30 -6.10 -41.85
CA ARG C 70 -4.57 -6.22 -41.11
C ARG C 70 -4.53 -5.34 -39.87
N ASP C 71 -3.47 -5.43 -39.06
CA ASP C 71 -3.45 -4.81 -37.72
C ASP C 71 -2.33 -3.77 -37.54
N GLU C 72 -1.61 -3.38 -38.59
CA GLU C 72 -0.49 -2.41 -38.39
C GLU C 72 -1.09 -1.08 -37.87
N CYS C 73 -2.34 -0.75 -38.25
CA CYS C 73 -3.06 0.44 -37.72
C CYS C 73 -2.80 0.52 -36.20
N ALA C 74 -2.93 -0.58 -35.44
CA ALA C 74 -2.83 -0.58 -33.96
C ALA C 74 -1.44 -0.06 -33.53
N TYR C 75 -0.41 -0.43 -34.24
CA TYR C 75 0.97 -0.02 -33.88
C TYR C 75 1.28 1.41 -34.40
N GLN C 76 1.00 1.69 -35.66
CA GLN C 76 1.47 2.91 -36.34
C GLN C 76 0.72 4.10 -35.75
N GLU C 77 -0.58 3.94 -35.48
CA GLU C 77 -1.42 5.06 -35.01
C GLU C 77 -1.02 5.35 -33.55
N MET C 78 -0.76 4.31 -32.77
CA MET C 78 -0.41 4.53 -31.34
C MET C 78 1.00 5.12 -31.21
N ILE C 79 1.97 4.63 -31.98
CA ILE C 79 3.37 5.17 -31.82
C ILE C 79 3.44 6.64 -32.27
N THR C 80 2.57 7.06 -33.18
CA THR C 80 2.56 8.42 -33.75
C THR C 80 1.68 9.38 -32.91
N HIS C 81 0.46 8.98 -32.54
CA HIS C 81 -0.57 9.91 -32.04
C HIS C 81 -0.37 10.05 -30.56
N LEU C 82 0.21 9.05 -29.89
CA LEU C 82 0.46 9.16 -28.42
C LEU C 82 1.41 10.34 -28.19
N PRO C 83 2.58 10.39 -28.85
CA PRO C 83 3.45 11.56 -28.71
C PRO C 83 2.86 12.83 -29.34
N LEU C 84 2.41 12.77 -30.60
CA LEU C 84 2.07 14.01 -31.37
C LEU C 84 0.79 14.65 -30.85
N CYS C 85 -0.16 13.91 -30.24
CA CYS C 85 -1.33 14.53 -29.57
C CYS C 85 -1.02 14.91 -28.14
N SER C 86 0.24 14.79 -27.68
CA SER C 86 0.62 15.18 -26.30
C SER C 86 1.30 16.54 -26.26
N ILE C 87 1.59 17.15 -27.43
CA ILE C 87 2.25 18.48 -27.48
C ILE C 87 1.50 19.32 -28.50
N SER C 88 1.60 20.64 -28.39
CA SER C 88 0.80 21.53 -29.29
C SER C 88 1.64 21.94 -30.51
N ASN C 89 1.02 21.86 -31.68
CA ASN C 89 1.54 22.33 -33.00
C ASN C 89 2.96 21.81 -33.26
N PRO C 90 3.20 20.49 -33.23
CA PRO C 90 4.50 19.96 -33.59
C PRO C 90 4.78 20.35 -35.04
N LYS C 91 6.00 20.76 -35.33
CA LYS C 91 6.48 21.18 -36.68
C LYS C 91 7.55 20.21 -37.18
N LYS C 92 8.52 19.92 -36.31
CA LYS C 92 9.72 19.12 -36.64
C LYS C 92 9.68 17.75 -35.96
N VAL C 93 9.79 16.72 -36.78
CA VAL C 93 9.68 15.30 -36.35
C VAL C 93 10.84 14.49 -36.93
N LEU C 94 11.42 13.62 -36.10
CA LEU C 94 12.42 12.60 -36.50
C LEU C 94 11.86 11.18 -36.29
N VAL C 95 11.84 10.36 -37.35
CA VAL C 95 11.45 8.94 -37.28
C VAL C 95 12.71 8.12 -37.56
N ILE C 96 13.02 7.20 -36.65
CA ILE C 96 14.13 6.21 -36.74
C ILE C 96 13.49 4.88 -37.05
N GLY C 97 13.66 4.42 -38.29
CA GLY C 97 13.07 3.18 -38.82
C GLY C 97 12.03 3.47 -39.88
N GLY C 98 12.14 2.81 -41.03
CA GLY C 98 11.36 3.08 -42.25
C GLY C 98 10.06 2.30 -42.31
N GLY C 99 10.05 1.02 -41.91
CA GLY C 99 8.86 0.16 -42.09
C GLY C 99 8.33 0.28 -43.51
N ASP C 100 6.99 0.23 -43.66
CA ASP C 100 6.28 0.28 -44.97
C ASP C 100 5.83 1.69 -45.32
N GLY C 101 6.31 2.69 -44.57
CA GLY C 101 5.88 4.08 -44.75
C GLY C 101 4.63 4.42 -43.94
N GLY C 102 4.06 3.44 -43.26
CA GLY C 102 2.83 3.66 -42.49
C GLY C 102 2.99 4.67 -41.36
N VAL C 103 4.14 4.67 -40.66
CA VAL C 103 4.37 5.64 -39.57
C VAL C 103 4.42 7.05 -40.18
N LEU C 104 5.16 7.23 -41.27
CA LEU C 104 5.20 8.50 -42.04
C LEU C 104 3.78 9.00 -42.38
N ARG C 105 2.92 8.13 -42.91
CA ARG C 105 1.50 8.48 -43.26
C ARG C 105 0.76 8.97 -42.00
N GLU C 106 1.01 8.33 -40.84
CA GLU C 106 0.42 8.77 -39.56
C GLU C 106 0.97 10.14 -39.14
N VAL C 107 2.27 10.38 -39.30
CA VAL C 107 2.81 11.71 -38.88
C VAL C 107 2.20 12.78 -39.78
N ALA C 108 2.08 12.45 -41.08
CA ALA C 108 1.56 13.36 -42.11
C ALA C 108 0.13 13.82 -41.81
N ARG C 109 -0.61 13.13 -40.94
CA ARG C 109 -2.01 13.53 -40.67
C ARG C 109 -2.01 14.82 -39.86
N HIS C 110 -0.91 15.11 -39.17
CA HIS C 110 -0.72 16.31 -38.32
C HIS C 110 -0.37 17.48 -39.23
N SER C 111 -1.32 18.40 -39.42
CA SER C 111 -1.26 19.38 -40.52
C SER C 111 -0.26 20.48 -40.13
N SER C 112 0.01 20.68 -38.83
CA SER C 112 1.08 21.59 -38.35
C SER C 112 2.51 21.09 -38.64
N VAL C 113 2.71 19.79 -38.90
CA VAL C 113 4.08 19.27 -39.10
C VAL C 113 4.60 19.82 -40.44
N GLU C 114 5.84 20.33 -40.44
CA GLU C 114 6.46 20.95 -41.65
C GLU C 114 7.64 20.08 -42.09
N GLN C 115 8.17 19.28 -41.19
CA GLN C 115 9.42 18.58 -41.44
C GLN C 115 9.41 17.20 -40.77
N ILE C 116 9.58 16.15 -41.60
CA ILE C 116 9.65 14.73 -41.21
C ILE C 116 10.96 14.13 -41.72
N ASP C 117 12.00 14.16 -40.87
CA ASP C 117 13.25 13.41 -41.16
C ASP C 117 13.01 11.97 -40.76
N ILE C 118 13.42 11.05 -41.62
CA ILE C 118 13.37 9.61 -41.33
C ILE C 118 14.69 8.96 -41.71
N CYS C 119 15.31 8.18 -40.81
CA CYS C 119 16.55 7.41 -41.11
C CYS C 119 16.16 5.94 -41.19
N GLU C 120 16.45 5.33 -42.36
CA GLU C 120 16.47 3.87 -42.53
C GLU C 120 17.87 3.49 -43.00
N ILE C 121 18.54 2.61 -42.27
CA ILE C 121 19.87 2.09 -42.68
C ILE C 121 19.71 1.14 -43.90
N ASP C 122 18.62 0.39 -44.04
CA ASP C 122 18.49 -0.66 -45.07
C ASP C 122 17.57 -0.20 -46.21
N LYS C 123 18.20 0.18 -47.31
CA LYS C 123 17.58 0.66 -48.57
C LYS C 123 16.60 -0.38 -49.11
N MET C 124 16.82 -1.65 -48.83
CA MET C 124 15.98 -2.75 -49.37
C MET C 124 14.63 -2.73 -48.63
N VAL C 125 14.61 -2.31 -47.37
CA VAL C 125 13.32 -2.13 -46.61
C VAL C 125 12.48 -1.09 -47.36
N VAL C 126 13.07 0.06 -47.72
CA VAL C 126 12.38 1.15 -48.47
C VAL C 126 11.92 0.62 -49.84
N ASP C 127 12.82 -0.02 -50.58
CA ASP C 127 12.57 -0.59 -51.93
C ASP C 127 11.36 -1.54 -51.87
N VAL C 128 11.33 -2.41 -50.86
CA VAL C 128 10.31 -3.51 -50.75
C VAL C 128 8.95 -2.91 -50.34
N ALA C 129 8.97 -1.92 -49.45
CA ALA C 129 7.79 -1.15 -49.02
C ALA C 129 7.07 -0.60 -50.25
N LYS C 130 7.81 0.07 -51.14
CA LYS C 130 7.28 0.79 -52.32
C LYS C 130 6.71 -0.23 -53.32
N GLN C 131 7.43 -1.34 -53.47
CA GLN C 131 7.11 -2.47 -54.39
C GLN C 131 5.86 -3.20 -53.91
N TYR C 132 5.85 -3.67 -52.67
CA TYR C 132 4.83 -4.64 -52.18
C TYR C 132 3.76 -3.96 -51.34
N PHE C 133 3.98 -2.75 -50.80
CA PHE C 133 3.01 -2.05 -49.90
C PHE C 133 2.77 -0.61 -50.37
N PRO C 134 2.48 -0.38 -51.67
CA PRO C 134 2.47 0.98 -52.21
C PRO C 134 1.33 1.86 -51.65
N ASN C 135 0.21 1.28 -51.24
CA ASN C 135 -0.91 2.11 -50.73
C ASN C 135 -0.44 2.84 -49.46
N VAL C 136 0.50 2.22 -48.73
CA VAL C 136 1.02 2.73 -47.43
C VAL C 136 2.35 3.45 -47.66
N ALA C 137 3.19 2.93 -48.55
CA ALA C 137 4.55 3.45 -48.89
C ALA C 137 4.51 4.87 -49.47
N VAL C 138 3.34 5.34 -49.96
CA VAL C 138 3.12 6.79 -50.25
C VAL C 138 3.53 7.62 -49.03
N GLY C 139 3.51 7.04 -47.82
CA GLY C 139 4.14 7.65 -46.62
C GLY C 139 5.40 8.40 -47.00
N TYR C 140 6.27 7.75 -47.80
CA TYR C 140 7.62 8.24 -48.16
C TYR C 140 7.53 9.45 -49.11
N GLU C 141 6.44 9.67 -49.84
CA GLU C 141 6.41 10.70 -50.93
C GLU C 141 5.85 12.04 -50.41
N ASP C 142 5.38 12.18 -49.17
CA ASP C 142 4.91 13.52 -48.74
C ASP C 142 6.08 14.52 -48.87
N PRO C 143 5.84 15.77 -49.33
CA PRO C 143 6.92 16.74 -49.55
C PRO C 143 7.77 17.07 -48.31
N ARG C 144 7.18 16.90 -47.13
CA ARG C 144 7.84 17.26 -45.85
C ARG C 144 8.83 16.17 -45.47
N VAL C 145 8.85 15.05 -46.21
CA VAL C 145 9.59 13.85 -45.77
C VAL C 145 10.98 13.96 -46.34
N ASN C 146 11.97 13.91 -45.45
CA ASN C 146 13.42 13.90 -45.79
C ASN C 146 13.98 12.49 -45.50
N LEU C 147 14.06 11.66 -46.51
CA LEU C 147 14.52 10.26 -46.30
C LEU C 147 16.05 10.27 -46.24
N ILE C 148 16.62 9.77 -45.17
CA ILE C 148 18.09 9.58 -45.02
C ILE C 148 18.36 8.10 -44.93
N ILE C 149 19.06 7.56 -45.91
CA ILE C 149 19.46 6.14 -45.86
C ILE C 149 20.78 6.16 -45.15
N GLY C 150 20.84 5.63 -43.95
CA GLY C 150 21.99 5.85 -43.08
C GLY C 150 21.60 5.55 -41.66
N ASP C 151 22.60 5.58 -40.79
CA ASP C 151 22.49 5.11 -39.41
C ASP C 151 21.87 6.24 -38.58
N GLY C 152 20.69 6.01 -37.98
CA GLY C 152 19.94 7.03 -37.23
C GLY C 152 20.61 7.36 -35.91
N VAL C 153 21.44 6.45 -35.39
CA VAL C 153 22.21 6.69 -34.13
C VAL C 153 23.25 7.79 -34.44
N ALA C 154 24.02 7.62 -35.52
CA ALA C 154 24.94 8.63 -36.09
C ALA C 154 24.17 9.91 -36.40
N PHE C 155 23.09 9.82 -37.18
CA PHE C 155 22.30 10.98 -37.63
C PHE C 155 21.98 11.88 -36.43
N LEU C 156 21.52 11.25 -35.34
CA LEU C 156 21.02 11.91 -34.10
C LEU C 156 22.21 12.51 -33.34
N LYS C 157 23.35 11.82 -33.39
CA LYS C 157 24.65 12.28 -32.87
C LYS C 157 24.98 13.67 -33.44
N ASN C 158 24.79 13.89 -34.74
CA ASN C 158 25.30 15.09 -35.46
C ASN C 158 24.22 16.15 -35.60
N ALA C 159 23.01 15.90 -35.10
CA ALA C 159 21.89 16.85 -35.13
C ALA C 159 22.17 18.02 -34.19
N ALA C 160 21.76 19.20 -34.58
CA ALA C 160 21.75 20.42 -33.73
C ALA C 160 20.88 20.22 -32.49
N GLU C 161 21.41 20.63 -31.36
CA GLU C 161 20.66 20.66 -30.08
C GLU C 161 19.30 21.39 -30.27
N GLY C 162 18.23 20.88 -29.67
CA GLY C 162 16.98 21.63 -29.49
C GLY C 162 16.11 21.70 -30.73
N THR C 163 16.33 20.85 -31.73
CA THR C 163 15.71 20.99 -33.08
C THR C 163 14.31 20.37 -33.09
N TYR C 164 14.13 19.17 -32.56
CA TYR C 164 12.93 18.36 -32.88
C TYR C 164 11.84 18.58 -31.82
N ASP C 165 10.59 18.66 -32.29
CA ASP C 165 9.38 18.60 -31.41
C ASP C 165 9.17 17.17 -30.88
N ALA C 166 9.56 16.17 -31.67
CA ALA C 166 9.23 14.76 -31.37
C ALA C 166 10.24 13.85 -32.06
N VAL C 167 10.60 12.76 -31.40
CA VAL C 167 11.37 11.63 -32.01
C VAL C 167 10.56 10.36 -31.86
N ILE C 168 10.42 9.61 -32.94
CA ILE C 168 9.61 8.36 -32.97
C ILE C 168 10.59 7.24 -33.32
N VAL C 169 10.89 6.36 -32.38
CA VAL C 169 11.87 5.26 -32.58
C VAL C 169 11.11 3.95 -32.87
N ASP C 170 10.84 3.72 -34.15
CA ASP C 170 10.17 2.53 -34.67
C ASP C 170 11.24 1.46 -34.95
N SER C 171 11.86 0.98 -33.88
CA SER C 171 13.01 0.03 -33.88
C SER C 171 12.48 -1.39 -33.87
N SER C 172 13.24 -2.28 -34.51
CA SER C 172 13.06 -3.73 -34.30
C SER C 172 13.54 -4.07 -32.88
N ASP C 173 13.66 -5.35 -32.57
CA ASP C 173 14.16 -5.86 -31.27
C ASP C 173 15.68 -5.64 -31.20
N PRO C 174 16.31 -5.64 -30.00
CA PRO C 174 17.78 -5.66 -29.88
C PRO C 174 18.61 -6.46 -30.92
N ALA C 178 19.80 -2.33 -33.98
CA ALA C 178 18.67 -2.08 -33.03
C ALA C 178 19.20 -2.09 -31.59
N LYS C 179 20.16 -2.96 -31.29
CA LYS C 179 20.68 -3.21 -29.92
C LYS C 179 20.88 -1.87 -29.17
N GLU C 180 21.59 -0.90 -29.77
CA GLU C 180 22.00 0.35 -29.05
C GLU C 180 20.83 1.34 -28.93
N LEU C 181 19.66 1.07 -29.48
CA LEU C 181 18.51 2.04 -29.41
C LEU C 181 17.83 1.90 -28.04
N PHE C 182 18.15 0.85 -27.28
CA PHE C 182 17.51 0.59 -25.97
C PHE C 182 18.47 1.03 -24.86
N GLU C 183 19.62 1.60 -25.26
CA GLU C 183 20.80 1.89 -24.40
C GLU C 183 20.89 3.39 -24.12
N LYS C 184 21.63 3.75 -23.08
CA LYS C 184 21.61 5.07 -22.42
C LYS C 184 22.29 6.15 -23.27
N PRO C 185 23.41 5.92 -23.99
CA PRO C 185 23.99 7.00 -24.80
C PRO C 185 22.98 7.50 -25.84
N PHE C 186 22.27 6.58 -26.50
CA PHE C 186 21.24 6.91 -27.53
C PHE C 186 20.14 7.82 -26.95
N PHE C 187 19.61 7.48 -25.77
CA PHE C 187 18.57 8.30 -25.10
C PHE C 187 19.13 9.70 -24.83
N GLU C 188 20.37 9.78 -24.36
CA GLU C 188 21.01 11.10 -24.11
C GLU C 188 20.95 11.90 -25.42
N SER C 189 21.37 11.26 -26.51
CA SER C 189 21.32 11.82 -27.89
C SER C 189 19.94 12.44 -28.15
N VAL C 190 18.89 11.68 -27.82
CA VAL C 190 17.48 12.09 -28.06
C VAL C 190 17.16 13.33 -27.20
N ASN C 191 17.41 13.31 -25.87
CA ASN C 191 17.23 14.45 -24.92
C ASN C 191 17.87 15.72 -25.51
N ARG C 192 19.08 15.57 -26.05
CA ARG C 192 19.84 16.77 -26.53
C ARG C 192 19.11 17.41 -27.73
N ALA C 193 18.81 16.56 -28.73
CA ALA C 193 18.19 16.88 -30.05
C ALA C 193 16.77 17.44 -29.92
N LEU C 194 16.11 17.19 -28.79
CA LEU C 194 14.72 17.65 -28.56
C LEU C 194 14.80 19.06 -28.03
N ARG C 195 13.87 19.91 -28.46
CA ARG C 195 13.56 21.18 -27.79
C ARG C 195 13.27 20.88 -26.32
N PRO C 196 13.37 21.88 -25.44
CA PRO C 196 12.85 21.72 -24.08
C PRO C 196 11.40 21.22 -24.15
N GLY C 197 11.08 20.12 -23.47
CA GLY C 197 9.67 19.63 -23.39
C GLY C 197 9.23 18.92 -24.67
N GLY C 198 10.18 18.71 -25.57
CA GLY C 198 10.02 17.79 -26.70
C GLY C 198 9.81 16.36 -26.21
N VAL C 199 9.23 15.52 -27.07
CA VAL C 199 8.82 14.15 -26.67
C VAL C 199 9.49 13.13 -27.56
N VAL C 200 9.68 11.96 -26.96
CA VAL C 200 10.12 10.74 -27.70
C VAL C 200 9.13 9.63 -27.36
N CYS C 201 8.86 8.82 -28.36
CA CYS C 201 8.02 7.61 -28.25
C CYS C 201 8.81 6.49 -28.90
N THR C 202 9.08 5.43 -28.15
CA THR C 202 9.92 4.29 -28.60
C THR C 202 9.16 2.97 -28.46
N GLN C 203 9.48 2.04 -29.35
CA GLN C 203 8.99 0.65 -29.27
C GLN C 203 9.62 0.15 -27.97
N ALA C 204 8.83 -0.47 -27.10
CA ALA C 204 9.29 -0.86 -25.74
C ALA C 204 8.71 -2.20 -25.30
N GLU C 205 8.55 -3.15 -26.23
CA GLU C 205 8.35 -4.60 -25.95
C GLU C 205 7.06 -4.97 -25.20
N SER C 206 6.92 -6.27 -24.86
CA SER C 206 5.74 -6.79 -24.12
C SER C 206 5.96 -6.78 -22.60
N LEU C 207 5.01 -6.17 -21.91
CA LEU C 207 4.79 -6.34 -20.46
C LEU C 207 4.66 -7.82 -20.07
N TRP C 208 4.16 -8.71 -20.94
CA TRP C 208 3.96 -10.16 -20.63
C TRP C 208 5.30 -10.87 -20.76
N LEU C 209 6.18 -10.46 -21.68
CA LEU C 209 7.38 -11.26 -22.09
C LEU C 209 8.68 -10.70 -21.55
N HIS C 210 8.85 -9.40 -21.35
CA HIS C 210 10.18 -8.76 -21.18
C HIS C 210 10.18 -7.68 -20.07
N MET C 211 9.51 -7.89 -18.94
CA MET C 211 9.43 -6.92 -17.81
C MET C 211 10.83 -6.51 -17.34
N ASP C 212 11.77 -7.46 -17.32
CA ASP C 212 13.21 -7.25 -16.97
C ASP C 212 13.80 -6.12 -17.84
N ILE C 213 13.81 -6.34 -19.16
CA ILE C 213 14.28 -5.39 -20.20
C ILE C 213 13.55 -4.05 -20.01
N ILE C 214 12.23 -4.12 -19.90
CA ILE C 214 11.34 -2.92 -19.76
C ILE C 214 11.77 -2.13 -18.52
N GLU C 215 12.02 -2.79 -17.40
CA GLU C 215 12.41 -2.10 -16.14
C GLU C 215 13.72 -1.33 -16.35
N ASP C 216 14.64 -1.86 -17.17
CA ASP C 216 15.96 -1.22 -17.42
C ASP C 216 15.75 -0.01 -18.35
N ILE C 217 14.98 -0.18 -19.43
CA ILE C 217 14.64 0.94 -20.34
C ILE C 217 14.04 2.09 -19.51
N VAL C 218 13.10 1.79 -18.59
CA VAL C 218 12.41 2.82 -17.75
C VAL C 218 13.41 3.50 -16.80
N SER C 219 14.25 2.70 -16.13
CA SER C 219 15.31 3.18 -15.21
C SER C 219 16.22 4.15 -15.97
N ASN C 220 16.67 3.76 -17.16
CA ASN C 220 17.54 4.57 -18.07
C ASN C 220 16.86 5.90 -18.39
N CYS C 221 15.59 5.85 -18.83
CA CYS C 221 14.81 7.01 -19.32
C CYS C 221 14.62 8.00 -18.17
N ARG C 222 14.35 7.51 -16.95
CA ARG C 222 14.19 8.39 -15.75
C ARG C 222 15.52 9.11 -15.43
N ASP C 223 16.67 8.55 -15.82
CA ASP C 223 17.99 9.14 -15.45
C ASP C 223 18.37 10.20 -16.49
N ILE C 224 17.84 10.09 -17.70
CA ILE C 224 18.15 10.98 -18.86
C ILE C 224 17.09 12.09 -19.00
N PHE C 225 15.82 11.70 -19.12
CA PHE C 225 14.69 12.59 -19.45
C PHE C 225 14.12 13.13 -18.13
N LYS C 226 14.08 14.45 -17.96
CA LYS C 226 13.76 15.13 -16.67
C LYS C 226 12.33 15.68 -16.71
N GLY C 227 11.64 15.60 -17.84
CA GLY C 227 10.18 15.88 -17.95
C GLY C 227 9.36 14.68 -17.48
N SER C 228 8.31 14.29 -18.21
CA SER C 228 7.53 13.05 -17.90
C SER C 228 8.19 11.81 -18.51
N VAL C 229 8.06 10.67 -17.84
CA VAL C 229 8.52 9.35 -18.33
C VAL C 229 7.39 8.37 -18.08
N ASN C 230 6.91 7.68 -19.11
CA ASN C 230 5.59 6.99 -19.09
C ASN C 230 5.66 5.75 -19.98
N TYR C 231 4.81 4.74 -19.73
CA TYR C 231 4.73 3.53 -20.55
C TYR C 231 3.27 3.33 -20.96
N ALA C 232 3.01 3.19 -22.26
CA ALA C 232 1.68 2.91 -22.83
C ALA C 232 1.75 1.55 -23.53
N TRP C 233 0.61 0.83 -23.66
CA TRP C 233 0.58 -0.47 -24.38
C TRP C 233 -0.59 -0.52 -25.36
N THR C 234 -0.49 -1.39 -26.35
CA THR C 234 -1.53 -1.54 -27.39
C THR C 234 -1.68 -3.01 -27.83
N SER C 235 -2.91 -3.38 -28.15
CA SER C 235 -3.26 -4.66 -28.81
C SER C 235 -2.72 -4.68 -30.24
N VAL C 236 -1.76 -5.57 -30.52
CA VAL C 236 -1.37 -5.98 -31.89
C VAL C 236 -1.37 -7.51 -31.99
N PRO C 237 -2.41 -8.10 -32.61
CA PRO C 237 -2.58 -9.54 -32.67
C PRO C 237 -1.33 -10.28 -33.18
N THR C 238 -0.68 -9.74 -34.19
CA THR C 238 0.48 -10.39 -34.84
C THR C 238 1.81 -9.92 -34.28
N TYR C 239 1.86 -9.35 -33.06
CA TYR C 239 3.13 -9.24 -32.31
C TYR C 239 3.08 -10.24 -31.15
N PRO C 240 4.25 -10.80 -30.74
CA PRO C 240 4.30 -11.76 -29.64
C PRO C 240 3.60 -11.30 -28.35
N SER C 241 2.74 -12.17 -27.81
CA SER C 241 1.86 -12.02 -26.61
C SER C 241 0.55 -11.24 -26.93
N GLY C 242 0.39 -10.74 -28.17
CA GLY C 242 -0.76 -9.92 -28.61
C GLY C 242 -0.66 -8.44 -28.19
N VAL C 243 0.40 -8.01 -27.48
CA VAL C 243 0.54 -6.58 -27.14
C VAL C 243 1.97 -6.11 -27.37
N ILE C 244 2.11 -4.81 -27.62
CA ILE C 244 3.42 -4.12 -27.53
C ILE C 244 3.20 -2.83 -26.76
N GLY C 245 4.29 -2.31 -26.17
CA GLY C 245 4.26 -1.06 -25.41
C GLY C 245 5.29 -0.04 -25.88
N PHE C 246 5.25 1.13 -25.25
CA PHE C 246 6.00 2.32 -25.69
C PHE C 246 6.49 3.09 -24.49
N MET C 247 7.72 3.58 -24.55
CA MET C 247 8.21 4.69 -23.70
C MET C 247 7.73 6.00 -24.28
N LEU C 248 7.21 6.86 -23.41
CA LEU C 248 6.78 8.23 -23.76
C LEU C 248 7.56 9.11 -22.79
N CYS C 249 8.49 9.95 -23.27
CA CYS C 249 9.36 10.77 -22.36
C CYS C 249 9.41 12.19 -22.89
N SER C 250 9.28 13.19 -22.02
CA SER C 250 9.59 14.58 -22.38
C SER C 250 10.91 14.96 -21.74
N SER C 251 11.63 15.86 -22.41
CA SER C 251 12.84 16.52 -21.91
C SER C 251 12.38 17.62 -20.96
N GLU C 252 13.33 18.06 -20.12
CA GLU C 252 13.22 19.26 -19.26
C GLU C 252 12.71 20.41 -20.14
N GLY C 253 11.70 21.11 -19.64
CA GLY C 253 11.07 22.25 -20.30
C GLY C 253 9.60 22.27 -19.92
N PRO C 254 8.70 22.73 -20.79
CA PRO C 254 7.27 22.75 -20.45
C PRO C 254 6.78 21.35 -20.03
N GLN C 255 5.87 21.30 -19.06
CA GLN C 255 5.18 20.07 -18.57
C GLN C 255 4.46 19.41 -19.75
N VAL C 256 4.65 18.09 -19.90
CA VAL C 256 3.89 17.21 -20.82
C VAL C 256 3.11 16.20 -19.96
N ASP C 257 1.80 16.08 -20.17
CA ASP C 257 0.95 14.99 -19.64
C ASP C 257 0.60 14.03 -20.78
N PHE C 258 1.31 12.93 -20.93
CA PHE C 258 1.11 11.94 -22.01
C PHE C 258 -0.28 11.27 -21.90
N LYS C 259 -0.91 11.33 -20.73
CA LYS C 259 -2.19 10.62 -20.44
C LYS C 259 -3.39 11.41 -20.96
N LYS C 260 -3.27 12.71 -21.11
CA LYS C 260 -4.39 13.54 -21.59
C LYS C 260 -3.94 14.33 -22.81
N PRO C 261 -4.35 13.89 -24.01
CA PRO C 261 -3.94 14.56 -25.25
C PRO C 261 -4.39 16.02 -25.16
N VAL C 262 -3.53 16.92 -25.64
CA VAL C 262 -3.85 18.35 -25.72
C VAL C 262 -4.63 18.60 -27.01
N SER C 263 -4.58 17.70 -28.01
CA SER C 263 -5.36 17.91 -29.25
C SER C 263 -6.00 16.60 -29.71
N LEU C 264 -6.94 16.73 -30.63
CA LEU C 264 -7.66 15.67 -31.37
C LEU C 264 -7.06 15.57 -32.77
N ILE C 265 -7.10 14.39 -33.36
CA ILE C 265 -6.63 14.09 -34.75
C ILE C 265 -7.90 13.60 -35.48
N ASP C 266 -8.15 14.02 -36.71
CA ASP C 266 -9.54 13.86 -37.27
C ASP C 266 -10.59 14.55 -36.38
N CYS C 276 -8.74 8.58 -45.84
CA CYS C 276 -8.23 7.24 -45.41
C CYS C 276 -8.18 7.20 -43.88
N PRO C 277 -9.30 6.95 -43.17
CA PRO C 277 -9.43 7.37 -41.78
C PRO C 277 -8.76 6.42 -40.76
N LEU C 278 -8.60 6.89 -39.53
CA LEU C 278 -7.96 6.15 -38.42
C LEU C 278 -8.78 4.90 -38.10
N LYS C 279 -8.13 3.76 -37.96
CA LYS C 279 -8.76 2.44 -37.67
C LYS C 279 -8.72 2.10 -36.18
N TYR C 280 -7.81 2.70 -35.41
CA TYR C 280 -7.49 2.28 -34.01
C TYR C 280 -7.50 3.44 -33.01
N TYR C 281 -6.53 4.37 -33.15
CA TYR C 281 -6.30 5.48 -32.19
C TYR C 281 -7.59 6.28 -32.09
N ASN C 282 -7.83 6.80 -30.88
CA ASN C 282 -8.81 7.87 -30.56
C ASN C 282 -8.38 8.45 -29.20
N ALA C 283 -8.96 9.57 -28.77
CA ALA C 283 -8.58 10.21 -27.49
C ALA C 283 -8.92 9.28 -26.30
N GLU C 284 -9.94 8.42 -26.42
CA GLU C 284 -10.34 7.54 -25.28
C GLU C 284 -9.28 6.47 -25.08
N ILE C 285 -8.82 5.85 -26.14
CA ILE C 285 -7.81 4.76 -26.01
C ILE C 285 -6.43 5.38 -25.71
N HIS C 286 -6.15 6.61 -26.16
CA HIS C 286 -4.99 7.42 -25.70
C HIS C 286 -4.83 7.31 -24.19
N SER C 287 -5.79 7.78 -23.36
CA SER C 287 -5.67 7.71 -21.87
C SER C 287 -5.65 6.26 -21.38
N ALA C 288 -6.41 5.39 -22.02
CA ALA C 288 -6.59 3.98 -21.62
C ALA C 288 -5.26 3.26 -21.77
N ALA C 289 -4.49 3.63 -22.80
CA ALA C 289 -3.19 2.99 -23.14
C ALA C 289 -2.18 3.10 -21.98
N PHE C 290 -2.36 4.06 -21.06
CA PHE C 290 -1.43 4.22 -19.89
C PHE C 290 -1.91 3.42 -18.64
N CYS C 291 -3.09 2.83 -18.68
CA CYS C 291 -3.62 2.12 -17.50
C CYS C 291 -3.15 0.68 -17.59
N LEU C 292 -2.11 0.30 -16.84
CA LEU C 292 -1.40 -0.99 -17.06
C LEU C 292 -1.94 -2.04 -16.07
N PRO C 293 -1.83 -3.35 -16.39
CA PRO C 293 -2.13 -4.40 -15.43
C PRO C 293 -1.23 -4.26 -14.18
N SER C 294 -1.80 -4.56 -13.01
CA SER C 294 -1.21 -4.36 -11.65
C SER C 294 0.23 -4.85 -11.51
N PHE C 295 0.59 -5.96 -12.18
CA PHE C 295 1.94 -6.55 -12.11
C PHE C 295 2.97 -5.63 -12.78
N ALA C 296 2.61 -4.96 -13.86
CA ALA C 296 3.49 -4.02 -14.60
C ALA C 296 3.46 -2.67 -13.89
N LYS C 297 2.27 -2.20 -13.54
CA LYS C 297 2.01 -0.91 -12.84
C LYS C 297 3.04 -0.77 -11.71
N LYS C 298 3.00 -1.63 -10.69
CA LYS C 298 3.88 -1.56 -9.49
C LYS C 298 5.35 -1.33 -9.88
N VAL C 299 5.87 -2.05 -10.88
CA VAL C 299 7.31 -2.03 -11.29
C VAL C 299 7.63 -0.67 -11.90
N ILE C 300 6.93 -0.33 -12.98
CA ILE C 300 7.13 0.89 -13.80
C ILE C 300 6.85 2.15 -12.98
N ASP C 301 5.92 2.11 -12.03
CA ASP C 301 5.55 3.30 -11.22
C ASP C 301 6.73 3.87 -10.40
N SER C 302 7.60 3.05 -9.83
CA SER C 302 8.85 3.48 -9.13
C SER C 302 10.08 3.05 -9.94
N PRO D 14 6.78 -29.92 -34.99
CA PRO D 14 7.32 -30.96 -34.12
C PRO D 14 7.22 -30.62 -32.63
N GLY D 15 6.48 -31.46 -31.90
CA GLY D 15 6.25 -31.40 -30.43
C GLY D 15 5.61 -30.10 -29.93
N TRP D 16 4.93 -29.34 -30.78
CA TRP D 16 4.18 -28.14 -30.34
C TRP D 16 2.68 -28.40 -30.47
N PHE D 17 1.90 -27.90 -29.52
CA PHE D 17 0.43 -27.77 -29.62
C PHE D 17 0.12 -26.53 -30.44
N SER D 18 -0.76 -26.64 -31.42
CA SER D 18 -1.26 -25.48 -32.21
C SER D 18 -2.79 -25.39 -32.10
N GLU D 19 -3.29 -24.16 -31.91
CA GLU D 19 -4.74 -23.88 -31.73
C GLU D 19 -5.33 -23.48 -33.10
N ILE D 20 -6.15 -24.35 -33.70
CA ILE D 20 -6.82 -24.11 -35.02
C ILE D 20 -8.35 -24.09 -34.78
N SER D 21 -9.09 -23.37 -35.65
CA SER D 21 -10.56 -23.31 -35.60
C SER D 21 -11.12 -22.47 -36.73
N PRO D 22 -12.27 -22.89 -37.32
CA PRO D 22 -13.04 -22.06 -38.26
C PRO D 22 -13.39 -20.66 -37.72
N MET D 23 -13.33 -20.46 -36.39
CA MET D 23 -13.65 -19.18 -35.72
C MET D 23 -12.44 -18.23 -35.69
N TRP D 24 -11.21 -18.70 -36.02
CA TRP D 24 -10.04 -17.84 -36.39
C TRP D 24 -9.27 -18.43 -37.57
N PRO D 25 -9.90 -18.40 -38.74
CA PRO D 25 -9.35 -19.05 -39.92
C PRO D 25 -7.99 -18.43 -40.23
N GLY D 26 -7.05 -19.28 -40.68
CA GLY D 26 -5.80 -18.91 -41.36
C GLY D 26 -4.68 -18.54 -40.41
N GLU D 27 -4.84 -18.80 -39.13
CA GLU D 27 -3.79 -18.52 -38.10
C GLU D 27 -3.90 -19.57 -36.99
N ALA D 28 -2.88 -19.64 -36.15
CA ALA D 28 -2.95 -20.41 -34.91
C ALA D 28 -1.85 -19.96 -33.97
N HIS D 29 -2.15 -19.92 -32.68
CA HIS D 29 -1.14 -19.79 -31.60
C HIS D 29 -0.67 -21.21 -31.25
N SER D 30 0.63 -21.40 -31.27
CA SER D 30 1.33 -22.66 -30.97
C SER D 30 2.12 -22.46 -29.68
N LEU D 31 2.11 -23.49 -28.83
CA LEU D 31 2.88 -23.58 -27.57
C LEU D 31 3.68 -24.88 -27.59
N LYS D 32 4.94 -24.80 -27.15
CA LYS D 32 5.90 -25.91 -26.99
C LYS D 32 5.42 -26.81 -25.84
N VAL D 33 5.21 -28.11 -26.09
CA VAL D 33 4.78 -29.08 -25.03
C VAL D 33 6.02 -29.70 -24.37
N GLU D 34 6.10 -29.66 -23.03
CA GLU D 34 7.20 -30.27 -22.23
C GLU D 34 6.77 -31.70 -21.89
N LYS D 35 5.59 -31.84 -21.29
CA LYS D 35 4.94 -33.15 -21.02
C LYS D 35 3.42 -33.00 -21.10
N ILE D 36 2.73 -34.00 -21.68
CA ILE D 36 1.25 -34.18 -21.58
C ILE D 36 0.95 -34.74 -20.19
N LEU D 37 -0.05 -34.21 -19.49
CA LEU D 37 -0.37 -34.62 -18.10
C LEU D 37 -1.73 -35.32 -18.03
N PHE D 38 -2.53 -35.36 -19.12
CA PHE D 38 -3.91 -35.94 -19.21
C PHE D 38 -4.48 -35.77 -20.61
N GLN D 39 -5.16 -36.81 -21.12
CA GLN D 39 -6.17 -36.77 -22.21
C GLN D 39 -7.44 -37.47 -21.71
N GLY D 40 -8.49 -37.57 -22.51
CA GLY D 40 -9.81 -38.05 -22.08
C GLY D 40 -10.91 -37.59 -23.00
N LYS D 41 -12.03 -38.32 -23.03
CA LYS D 41 -13.20 -38.00 -23.87
C LYS D 41 -14.47 -38.14 -23.04
N SER D 42 -14.84 -37.10 -22.28
CA SER D 42 -16.06 -37.06 -21.42
C SER D 42 -17.30 -37.25 -22.29
N ASP D 43 -18.49 -37.24 -21.67
CA ASP D 43 -19.76 -37.32 -22.42
C ASP D 43 -19.83 -36.13 -23.39
N TYR D 44 -19.14 -35.02 -23.10
CA TYR D 44 -19.36 -33.68 -23.72
C TYR D 44 -18.27 -33.31 -24.75
N GLN D 45 -16.98 -33.60 -24.47
CA GLN D 45 -15.87 -32.96 -25.22
C GLN D 45 -14.54 -33.69 -25.01
N ASP D 46 -13.60 -33.37 -25.88
CA ASP D 46 -12.22 -33.91 -25.95
C ASP D 46 -11.33 -33.08 -25.01
N VAL D 47 -10.80 -33.68 -23.95
CA VAL D 47 -10.02 -32.97 -22.90
C VAL D 47 -8.55 -33.31 -23.02
N ILE D 48 -7.72 -32.27 -23.00
CA ILE D 48 -6.24 -32.37 -22.87
C ILE D 48 -5.82 -31.40 -21.77
N VAL D 49 -4.86 -31.82 -20.95
CA VAL D 49 -3.99 -30.92 -20.16
C VAL D 49 -2.59 -31.18 -20.68
N PHE D 50 -1.71 -30.18 -20.67
CA PHE D 50 -0.25 -30.37 -20.86
C PHE D 50 0.53 -29.34 -20.05
N GLN D 51 1.67 -29.76 -19.54
CA GLN D 51 2.76 -28.86 -19.09
C GLN D 51 3.35 -28.20 -20.32
N SER D 52 3.21 -26.88 -20.44
CA SER D 52 3.87 -26.03 -21.46
C SER D 52 5.29 -25.69 -21.01
N ALA D 53 6.17 -25.45 -21.97
CA ALA D 53 7.53 -24.90 -21.75
C ALA D 53 7.46 -23.63 -20.89
N THR D 54 6.65 -22.62 -21.26
CA THR D 54 6.82 -21.23 -20.75
C THR D 54 5.60 -20.68 -20.00
N TYR D 55 4.39 -21.17 -20.25
CA TYR D 55 3.15 -20.61 -19.66
C TYR D 55 2.60 -21.50 -18.54
N GLY D 56 3.42 -22.45 -18.02
CA GLY D 56 2.99 -23.45 -17.02
C GLY D 56 1.86 -24.33 -17.54
N LYS D 57 0.96 -24.76 -16.67
CA LYS D 57 -0.07 -25.76 -17.05
C LYS D 57 -1.15 -25.14 -17.95
N VAL D 58 -1.57 -25.88 -18.97
CA VAL D 58 -2.53 -25.45 -20.03
C VAL D 58 -3.74 -26.40 -20.00
N LEU D 59 -4.96 -25.91 -20.10
CA LEU D 59 -6.17 -26.78 -20.24
C LEU D 59 -6.79 -26.57 -21.64
N VAL D 60 -7.24 -27.65 -22.29
CA VAL D 60 -7.74 -27.63 -23.70
C VAL D 60 -9.06 -28.37 -23.77
N LEU D 61 -10.07 -27.74 -24.34
CA LEU D 61 -11.41 -28.37 -24.52
C LEU D 61 -11.74 -28.24 -26.00
N ASP D 62 -11.55 -29.35 -26.72
CA ASP D 62 -11.86 -29.53 -28.15
C ASP D 62 -10.87 -28.69 -28.96
N GLY D 63 -9.57 -28.81 -28.65
CA GLY D 63 -8.45 -28.18 -29.38
C GLY D 63 -8.19 -26.73 -28.98
N VAL D 64 -9.10 -26.15 -28.20
CA VAL D 64 -9.19 -24.70 -27.87
C VAL D 64 -8.72 -24.49 -26.43
N ILE D 65 -7.69 -23.65 -26.24
CA ILE D 65 -7.12 -23.30 -24.90
C ILE D 65 -8.22 -22.63 -24.07
N GLN D 66 -8.35 -23.06 -22.82
CA GLN D 66 -9.37 -22.55 -21.89
C GLN D 66 -8.67 -21.60 -20.92
N LEU D 67 -7.40 -21.87 -20.65
CA LEU D 67 -6.57 -21.07 -19.72
C LEU D 67 -5.17 -21.65 -19.76
N THR D 68 -4.21 -20.87 -19.27
CA THR D 68 -2.82 -21.28 -18.92
C THR D 68 -2.55 -20.63 -17.57
N GLU D 69 -1.56 -21.13 -16.85
CA GLU D 69 -1.20 -20.65 -15.50
C GLU D 69 -0.71 -19.21 -15.61
N ARG D 70 0.00 -18.88 -16.68
CA ARG D 70 0.81 -17.64 -16.76
C ARG D 70 -0.10 -16.39 -16.88
N ASP D 71 -1.26 -16.49 -17.53
CA ASP D 71 -2.09 -15.31 -17.94
C ASP D 71 -3.57 -15.38 -17.47
N GLU D 72 -4.02 -16.50 -16.87
CA GLU D 72 -5.44 -16.66 -16.47
C GLU D 72 -5.88 -15.48 -15.59
N CYS D 73 -4.97 -14.87 -14.82
CA CYS D 73 -5.19 -13.67 -13.97
C CYS D 73 -5.87 -12.56 -14.81
N ALA D 74 -5.47 -12.37 -16.06
CA ALA D 74 -6.05 -11.34 -16.95
C ALA D 74 -7.55 -11.61 -17.13
N TYR D 75 -7.88 -12.84 -17.48
CA TYR D 75 -9.27 -13.25 -17.79
C TYR D 75 -10.07 -13.30 -16.50
N GLN D 76 -9.55 -13.92 -15.44
CA GLN D 76 -10.36 -14.26 -14.23
C GLN D 76 -10.62 -13.04 -13.37
N GLU D 77 -9.64 -12.14 -13.28
CA GLU D 77 -9.77 -10.90 -12.47
C GLU D 77 -10.69 -9.94 -13.21
N MET D 78 -10.61 -9.91 -14.54
CA MET D 78 -11.41 -8.93 -15.31
C MET D 78 -12.85 -9.44 -15.34
N ILE D 79 -13.10 -10.72 -15.65
CA ILE D 79 -14.50 -11.23 -15.85
C ILE D 79 -15.22 -11.11 -14.50
N THR D 80 -14.46 -11.15 -13.41
CA THR D 80 -15.00 -11.24 -12.05
C THR D 80 -15.17 -9.84 -11.46
N HIS D 81 -14.11 -9.05 -11.47
CA HIS D 81 -14.12 -7.76 -10.73
C HIS D 81 -14.74 -6.63 -11.56
N LEU D 82 -14.79 -6.72 -12.90
CA LEU D 82 -15.56 -5.72 -13.68
C LEU D 82 -17.01 -5.69 -13.22
N PRO D 83 -17.76 -6.83 -13.18
CA PRO D 83 -19.13 -6.81 -12.65
C PRO D 83 -19.19 -6.58 -11.13
N LEU D 84 -18.36 -7.27 -10.36
CA LEU D 84 -18.53 -7.29 -8.88
C LEU D 84 -18.03 -6.00 -8.22
N CYS D 85 -17.06 -5.27 -8.78
CA CYS D 85 -16.64 -3.99 -8.17
C CYS D 85 -17.52 -2.82 -8.69
N SER D 86 -18.41 -3.04 -9.64
CA SER D 86 -19.29 -1.97 -10.21
C SER D 86 -20.58 -1.78 -9.38
N ILE D 87 -20.91 -2.75 -8.51
CA ILE D 87 -22.10 -2.75 -7.61
C ILE D 87 -21.65 -2.89 -6.15
N SER D 88 -22.41 -2.33 -5.22
CA SER D 88 -22.20 -2.43 -3.75
C SER D 88 -22.77 -3.75 -3.27
N ASN D 89 -22.03 -4.43 -2.38
CA ASN D 89 -22.53 -5.52 -1.48
C ASN D 89 -23.22 -6.63 -2.25
N PRO D 90 -22.56 -7.15 -3.30
CA PRO D 90 -23.03 -8.37 -3.96
C PRO D 90 -22.95 -9.51 -2.90
N LYS D 91 -24.01 -10.31 -2.80
CA LYS D 91 -24.14 -11.44 -1.84
C LYS D 91 -24.28 -12.76 -2.61
N LYS D 92 -25.17 -12.82 -3.58
CA LYS D 92 -25.53 -14.09 -4.24
C LYS D 92 -25.08 -14.02 -5.71
N VAL D 93 -24.16 -14.88 -6.04
CA VAL D 93 -23.43 -14.91 -7.34
C VAL D 93 -23.61 -16.29 -7.95
N LEU D 94 -23.94 -16.33 -9.24
CA LEU D 94 -24.06 -17.56 -10.04
C LEU D 94 -22.96 -17.53 -11.09
N VAL D 95 -22.13 -18.56 -11.13
CA VAL D 95 -21.09 -18.74 -12.18
C VAL D 95 -21.47 -19.91 -13.07
N ILE D 96 -21.52 -19.70 -14.38
CA ILE D 96 -21.80 -20.75 -15.40
C ILE D 96 -20.49 -21.09 -16.12
N GLY D 97 -20.04 -22.35 -15.99
CA GLY D 97 -18.69 -22.82 -16.36
C GLY D 97 -17.75 -22.78 -15.17
N GLY D 98 -16.98 -23.84 -14.92
CA GLY D 98 -16.11 -23.99 -13.72
C GLY D 98 -14.62 -23.81 -13.98
N GLY D 99 -14.07 -24.24 -15.12
CA GLY D 99 -12.61 -24.22 -15.36
C GLY D 99 -11.83 -24.81 -14.19
N ASP D 100 -10.73 -24.18 -13.79
CA ASP D 100 -9.81 -24.63 -12.71
C ASP D 100 -10.19 -23.97 -11.37
N GLY D 101 -11.32 -23.27 -11.31
CA GLY D 101 -11.79 -22.64 -10.06
C GLY D 101 -11.24 -21.24 -9.84
N GLY D 102 -10.36 -20.77 -10.74
CA GLY D 102 -9.86 -19.38 -10.78
C GLY D 102 -10.96 -18.34 -10.63
N VAL D 103 -12.05 -18.42 -11.42
CA VAL D 103 -13.17 -17.43 -11.33
C VAL D 103 -13.73 -17.49 -9.89
N LEU D 104 -13.91 -18.69 -9.33
CA LEU D 104 -14.40 -18.87 -7.91
C LEU D 104 -13.44 -18.21 -6.92
N ARG D 105 -12.13 -18.35 -7.12
CA ARG D 105 -11.14 -17.76 -6.19
C ARG D 105 -11.31 -16.23 -6.26
N GLU D 106 -11.48 -15.72 -7.48
CA GLU D 106 -11.74 -14.28 -7.72
C GLU D 106 -13.07 -13.90 -7.09
N VAL D 107 -14.14 -14.65 -7.31
CA VAL D 107 -15.43 -14.22 -6.69
C VAL D 107 -15.23 -14.14 -5.17
N ALA D 108 -14.47 -15.08 -4.59
CA ALA D 108 -14.29 -15.30 -3.13
C ALA D 108 -13.59 -14.11 -2.44
N ARG D 109 -12.86 -13.24 -3.16
CA ARG D 109 -12.21 -12.09 -2.47
C ARG D 109 -13.25 -11.03 -2.04
N HIS D 110 -14.48 -11.08 -2.55
CA HIS D 110 -15.57 -10.15 -2.14
C HIS D 110 -16.19 -10.66 -0.82
N SER D 111 -15.85 -10.05 0.31
CA SER D 111 -16.31 -10.47 1.66
C SER D 111 -17.80 -10.15 1.86
N SER D 112 -18.45 -9.47 0.93
CA SER D 112 -19.92 -9.28 0.93
C SER D 112 -20.61 -10.57 0.47
N VAL D 113 -19.93 -11.36 -0.36
CA VAL D 113 -20.51 -12.55 -1.04
C VAL D 113 -20.69 -13.67 -0.01
N GLU D 114 -21.88 -14.26 0.00
CA GLU D 114 -22.43 -15.22 0.96
C GLU D 114 -22.71 -16.53 0.26
N GLN D 115 -23.10 -16.48 -1.00
CA GLN D 115 -23.37 -17.69 -1.81
C GLN D 115 -22.74 -17.54 -3.19
N ILE D 116 -21.97 -18.55 -3.58
CA ILE D 116 -21.40 -18.68 -4.94
C ILE D 116 -21.92 -19.97 -5.55
N ASP D 117 -23.04 -19.91 -6.28
CA ASP D 117 -23.53 -21.06 -7.10
C ASP D 117 -22.65 -21.15 -8.34
N ILE D 118 -22.28 -22.38 -8.71
CA ILE D 118 -21.55 -22.66 -9.97
C ILE D 118 -22.08 -23.93 -10.62
N CYS D 119 -22.46 -23.84 -11.88
CA CYS D 119 -22.78 -24.96 -12.77
C CYS D 119 -21.63 -25.24 -13.72
N GLU D 120 -21.10 -26.45 -13.67
CA GLU D 120 -20.34 -27.09 -14.75
C GLU D 120 -21.16 -28.29 -15.26
N ILE D 121 -21.42 -28.33 -16.57
CA ILE D 121 -22.19 -29.46 -17.18
C ILE D 121 -21.32 -30.71 -17.09
N ASP D 122 -20.01 -30.55 -17.31
CA ASP D 122 -19.09 -31.69 -17.58
C ASP D 122 -18.24 -31.96 -16.35
N LYS D 123 -18.60 -32.99 -15.59
CA LYS D 123 -17.88 -33.45 -14.38
C LYS D 123 -16.37 -33.61 -14.62
N MET D 124 -15.91 -34.01 -15.81
CA MET D 124 -14.47 -34.35 -16.03
C MET D 124 -13.61 -33.08 -15.86
N VAL D 125 -14.04 -31.98 -16.50
CA VAL D 125 -13.40 -30.63 -16.38
C VAL D 125 -13.02 -30.41 -14.91
N VAL D 126 -14.01 -30.56 -14.01
CA VAL D 126 -13.89 -30.24 -12.55
C VAL D 126 -12.83 -31.12 -11.90
N ASP D 127 -12.82 -32.41 -12.23
CA ASP D 127 -11.85 -33.41 -11.70
C ASP D 127 -10.44 -33.01 -12.15
N VAL D 128 -10.23 -32.86 -13.46
CA VAL D 128 -8.94 -32.40 -14.06
C VAL D 128 -8.44 -31.15 -13.33
N ALA D 129 -9.33 -30.18 -13.07
CA ALA D 129 -9.02 -28.94 -12.33
C ALA D 129 -8.42 -29.29 -10.97
N LYS D 130 -9.14 -30.15 -10.23
CA LYS D 130 -8.77 -30.56 -8.84
C LYS D 130 -7.47 -31.36 -8.84
N GLN D 131 -7.25 -32.17 -9.89
CA GLN D 131 -6.09 -33.12 -9.99
C GLN D 131 -4.81 -32.35 -10.34
N TYR D 132 -4.85 -31.45 -11.33
CA TYR D 132 -3.65 -30.88 -12.00
C TYR D 132 -3.42 -29.38 -11.72
N PHE D 133 -4.39 -28.69 -11.11
CA PHE D 133 -4.26 -27.25 -10.77
C PHE D 133 -4.72 -27.03 -9.34
N PRO D 134 -4.25 -27.85 -8.38
CA PRO D 134 -4.79 -27.84 -7.02
C PRO D 134 -4.66 -26.49 -6.29
N ASN D 135 -3.66 -25.66 -6.67
CA ASN D 135 -3.41 -24.31 -6.07
C ASN D 135 -4.55 -23.32 -6.39
N VAL D 136 -5.20 -23.45 -7.55
CA VAL D 136 -6.31 -22.54 -7.98
C VAL D 136 -7.66 -23.22 -7.73
N ALA D 137 -7.74 -24.57 -7.88
CA ALA D 137 -8.93 -25.43 -7.64
C ALA D 137 -9.39 -25.38 -6.18
N VAL D 138 -8.59 -24.83 -5.25
CA VAL D 138 -9.02 -24.43 -3.88
C VAL D 138 -10.30 -23.60 -3.98
N GLY D 139 -10.47 -22.87 -5.09
CA GLY D 139 -11.62 -22.00 -5.39
C GLY D 139 -12.92 -22.73 -5.19
N TYR D 140 -12.92 -24.06 -5.36
CA TYR D 140 -14.10 -24.94 -5.14
C TYR D 140 -14.35 -25.26 -3.66
N GLU D 141 -13.34 -25.19 -2.80
CA GLU D 141 -13.55 -25.54 -1.37
C GLU D 141 -14.40 -24.51 -0.60
N ASP D 142 -14.23 -23.22 -0.88
CA ASP D 142 -14.81 -22.12 -0.06
C ASP D 142 -16.20 -22.56 0.42
N PRO D 143 -16.47 -22.42 1.73
CA PRO D 143 -17.72 -22.92 2.29
C PRO D 143 -18.91 -22.25 1.63
N ARG D 144 -18.70 -21.13 0.91
CA ARG D 144 -19.78 -20.35 0.24
C ARG D 144 -20.10 -20.95 -1.12
N VAL D 145 -19.20 -21.78 -1.67
CA VAL D 145 -19.38 -22.38 -3.02
C VAL D 145 -20.37 -23.53 -2.95
N ASN D 146 -21.35 -23.51 -3.84
CA ASN D 146 -22.34 -24.58 -4.06
C ASN D 146 -22.17 -25.05 -5.52
N LEU D 147 -21.42 -26.14 -5.69
CA LEU D 147 -21.17 -26.76 -7.02
C LEU D 147 -22.32 -27.69 -7.48
N ILE D 148 -22.85 -27.40 -8.67
CA ILE D 148 -23.92 -28.18 -9.37
C ILE D 148 -23.35 -28.73 -10.68
N ILE D 149 -23.24 -30.05 -10.83
CA ILE D 149 -22.94 -30.70 -12.13
C ILE D 149 -24.24 -30.73 -12.91
N GLY D 150 -24.36 -29.88 -13.93
CA GLY D 150 -25.65 -29.59 -14.59
C GLY D 150 -25.51 -28.51 -15.64
N ASP D 151 -26.39 -28.56 -16.64
CA ASP D 151 -26.55 -27.54 -17.70
C ASP D 151 -26.98 -26.19 -17.08
N GLY D 152 -26.11 -25.18 -17.20
CA GLY D 152 -26.32 -23.81 -16.70
C GLY D 152 -27.60 -23.21 -17.24
N VAL D 153 -27.95 -23.53 -18.48
CA VAL D 153 -29.17 -22.99 -19.14
C VAL D 153 -30.40 -23.50 -18.39
N ALA D 154 -30.44 -24.79 -18.06
CA ALA D 154 -31.62 -25.40 -17.42
C ALA D 154 -31.63 -24.95 -15.94
N PHE D 155 -30.46 -24.85 -15.32
CA PHE D 155 -30.37 -24.32 -13.94
C PHE D 155 -30.97 -22.91 -13.91
N LEU D 156 -30.52 -22.08 -14.84
CA LEU D 156 -30.94 -20.65 -14.94
C LEU D 156 -32.46 -20.58 -15.18
N LYS D 157 -32.98 -21.42 -16.10
CA LYS D 157 -34.44 -21.50 -16.46
C LYS D 157 -35.25 -21.87 -15.22
N ASN D 158 -34.66 -22.64 -14.30
CA ASN D 158 -35.38 -23.22 -13.15
C ASN D 158 -35.17 -22.37 -11.91
N ALA D 159 -34.37 -21.30 -11.99
CA ALA D 159 -34.02 -20.45 -10.83
C ALA D 159 -35.19 -19.55 -10.49
N ALA D 160 -35.27 -19.18 -9.21
CA ALA D 160 -36.29 -18.23 -8.72
C ALA D 160 -35.97 -16.84 -9.29
N GLU D 161 -37.01 -16.21 -9.81
CA GLU D 161 -37.02 -14.80 -10.24
C GLU D 161 -36.32 -13.97 -9.18
N GLY D 162 -35.37 -13.13 -9.58
CA GLY D 162 -34.83 -12.06 -8.75
C GLY D 162 -33.92 -12.59 -7.66
N THR D 163 -33.32 -13.76 -7.89
CA THR D 163 -32.40 -14.46 -6.95
C THR D 163 -31.02 -13.76 -6.87
N TYR D 164 -30.40 -13.46 -8.01
CA TYR D 164 -28.95 -13.14 -8.07
C TYR D 164 -28.65 -11.63 -8.13
N ASP D 165 -27.55 -11.28 -7.49
CA ASP D 165 -26.86 -9.97 -7.61
C ASP D 165 -26.04 -10.00 -8.92
N ALA D 166 -25.31 -11.07 -9.18
CA ALA D 166 -24.41 -11.19 -10.35
C ALA D 166 -24.51 -12.60 -10.95
N VAL D 167 -24.50 -12.64 -12.28
CA VAL D 167 -24.23 -13.87 -13.07
C VAL D 167 -22.95 -13.64 -13.88
N ILE D 168 -22.08 -14.62 -13.82
CA ILE D 168 -20.81 -14.60 -14.57
C ILE D 168 -20.85 -15.82 -15.47
N VAL D 169 -20.81 -15.59 -16.79
CA VAL D 169 -20.83 -16.63 -17.85
C VAL D 169 -19.40 -16.82 -18.36
N ASP D 170 -18.75 -17.88 -17.93
CA ASP D 170 -17.36 -18.23 -18.33
C ASP D 170 -17.43 -19.37 -19.37
N SER D 171 -17.72 -19.04 -20.62
CA SER D 171 -18.10 -20.01 -21.65
C SER D 171 -16.95 -20.25 -22.61
N SER D 172 -17.10 -21.37 -23.29
CA SER D 172 -16.36 -21.70 -24.52
C SER D 172 -17.08 -20.92 -25.65
N ASP D 173 -16.49 -20.92 -26.82
CA ASP D 173 -17.00 -20.21 -28.03
C ASP D 173 -18.43 -20.64 -28.35
N PRO D 174 -19.14 -19.93 -29.27
CA PRO D 174 -20.49 -20.33 -29.72
C PRO D 174 -20.58 -21.52 -30.70
N ALA D 178 -22.40 -24.70 -25.67
CA ALA D 178 -22.48 -23.26 -25.31
C ALA D 178 -22.92 -22.42 -26.52
N LYS D 179 -23.54 -23.04 -27.52
CA LYS D 179 -24.07 -22.39 -28.75
C LYS D 179 -25.15 -21.36 -28.38
N GLU D 180 -26.00 -21.72 -27.42
CA GLU D 180 -27.27 -21.01 -27.02
C GLU D 180 -26.98 -20.03 -25.87
N LEU D 181 -25.78 -20.09 -25.29
CA LEU D 181 -25.26 -19.11 -24.28
C LEU D 181 -25.19 -17.68 -24.87
N PHE D 182 -25.29 -17.50 -26.20
CA PHE D 182 -25.13 -16.20 -26.90
C PHE D 182 -26.44 -15.70 -27.52
N GLU D 183 -27.54 -16.44 -27.36
CA GLU D 183 -28.88 -16.16 -27.97
C GLU D 183 -29.89 -15.61 -26.94
N LYS D 184 -30.89 -14.88 -27.42
CA LYS D 184 -31.91 -14.13 -26.63
C LYS D 184 -32.57 -14.95 -25.50
N PRO D 185 -33.08 -16.18 -25.71
CA PRO D 185 -33.71 -16.92 -24.61
C PRO D 185 -32.84 -17.06 -23.34
N PHE D 186 -31.57 -17.46 -23.52
CA PHE D 186 -30.58 -17.55 -22.42
C PHE D 186 -30.48 -16.19 -21.69
N PHE D 187 -30.40 -15.09 -22.44
CA PHE D 187 -30.24 -13.72 -21.90
C PHE D 187 -31.52 -13.28 -21.14
N GLU D 188 -32.69 -13.65 -21.64
CA GLU D 188 -33.98 -13.32 -20.98
C GLU D 188 -34.02 -14.06 -19.65
N SER D 189 -33.58 -15.30 -19.67
CA SER D 189 -33.41 -16.17 -18.48
C SER D 189 -32.52 -15.50 -17.40
N VAL D 190 -31.34 -15.02 -17.77
CA VAL D 190 -30.42 -14.27 -16.87
C VAL D 190 -31.20 -13.03 -16.39
N ASN D 191 -31.87 -12.28 -17.30
CA ASN D 191 -32.56 -11.05 -16.89
C ASN D 191 -33.62 -11.40 -15.82
N ARG D 192 -34.26 -12.58 -15.88
CA ARG D 192 -35.29 -12.98 -14.88
C ARG D 192 -34.64 -13.34 -13.53
N ALA D 193 -33.52 -14.04 -13.56
CA ALA D 193 -32.79 -14.61 -12.40
C ALA D 193 -32.16 -13.50 -11.54
N LEU D 194 -31.84 -12.37 -12.17
CA LEU D 194 -31.17 -11.23 -11.52
C LEU D 194 -32.23 -10.46 -10.74
N ARG D 195 -31.85 -9.94 -9.56
CA ARG D 195 -32.61 -8.89 -8.84
C ARG D 195 -32.67 -7.65 -9.73
N PRO D 196 -33.59 -6.68 -9.49
CA PRO D 196 -33.56 -5.42 -10.21
C PRO D 196 -32.15 -4.81 -10.06
N GLY D 197 -31.55 -4.39 -11.19
CA GLY D 197 -30.22 -3.77 -11.19
C GLY D 197 -29.13 -4.74 -10.84
N GLY D 198 -29.45 -6.02 -10.87
CA GLY D 198 -28.41 -7.07 -10.86
C GLY D 198 -27.60 -7.02 -12.15
N VAL D 199 -26.45 -7.67 -12.18
CA VAL D 199 -25.46 -7.51 -13.29
C VAL D 199 -25.10 -8.90 -13.80
N VAL D 200 -24.85 -8.96 -15.11
CA VAL D 200 -24.20 -10.12 -15.80
C VAL D 200 -22.94 -9.62 -16.54
N CYS D 201 -21.94 -10.47 -16.51
CA CYS D 201 -20.68 -10.37 -17.27
C CYS D 201 -20.46 -11.68 -18.00
N THR D 202 -20.44 -11.63 -19.34
CA THR D 202 -20.31 -12.81 -20.23
C THR D 202 -18.98 -12.69 -20.97
N GLN D 203 -18.36 -13.82 -21.28
CA GLN D 203 -17.21 -13.88 -22.23
C GLN D 203 -17.78 -13.52 -23.60
N ALA D 204 -17.18 -12.55 -24.29
CA ALA D 204 -17.84 -11.96 -25.47
C ALA D 204 -16.81 -11.73 -26.58
N GLU D 205 -15.85 -12.63 -26.69
CA GLU D 205 -15.06 -12.85 -27.93
C GLU D 205 -14.09 -11.67 -28.22
N SER D 206 -13.52 -11.64 -29.42
CA SER D 206 -12.41 -10.73 -29.80
C SER D 206 -12.94 -9.69 -30.77
N LEU D 207 -12.67 -8.42 -30.48
CA LEU D 207 -12.91 -7.23 -31.36
C LEU D 207 -12.29 -7.43 -32.75
N TRP D 208 -11.10 -8.03 -32.78
CA TRP D 208 -10.35 -8.26 -34.05
C TRP D 208 -10.99 -9.32 -34.98
N LEU D 209 -11.57 -10.40 -34.43
CA LEU D 209 -11.95 -11.61 -35.20
C LEU D 209 -13.45 -11.72 -35.38
N HIS D 210 -14.26 -11.24 -34.44
CA HIS D 210 -15.70 -11.60 -34.36
C HIS D 210 -16.57 -10.33 -34.23
N MET D 211 -16.27 -9.27 -34.98
CA MET D 211 -17.06 -8.00 -34.91
C MET D 211 -18.52 -8.31 -35.26
N ASP D 212 -18.74 -9.13 -36.28
CA ASP D 212 -20.02 -9.76 -36.69
C ASP D 212 -20.86 -10.18 -35.46
N ILE D 213 -20.29 -11.09 -34.68
CA ILE D 213 -20.93 -11.81 -33.55
C ILE D 213 -21.20 -10.83 -32.40
N ILE D 214 -20.20 -10.00 -32.10
CA ILE D 214 -20.25 -9.04 -30.98
C ILE D 214 -21.38 -8.05 -31.24
N GLU D 215 -21.46 -7.53 -32.46
CA GLU D 215 -22.52 -6.57 -32.86
C GLU D 215 -23.89 -7.19 -32.56
N ASP D 216 -24.05 -8.50 -32.77
CA ASP D 216 -25.30 -9.22 -32.48
C ASP D 216 -25.50 -9.37 -30.97
N ILE D 217 -24.48 -9.81 -30.25
CA ILE D 217 -24.58 -9.97 -28.77
C ILE D 217 -25.03 -8.63 -28.19
N VAL D 218 -24.44 -7.54 -28.66
CA VAL D 218 -24.68 -6.20 -28.05
C VAL D 218 -26.16 -5.84 -28.27
N SER D 219 -26.65 -5.99 -29.50
CA SER D 219 -28.03 -5.69 -29.95
C SER D 219 -29.04 -6.53 -29.15
N ASN D 220 -28.82 -7.82 -29.04
CA ASN D 220 -29.63 -8.75 -28.21
C ASN D 220 -29.69 -8.25 -26.76
N CYS D 221 -28.53 -7.93 -26.16
CA CYS D 221 -28.42 -7.44 -24.77
C CYS D 221 -29.17 -6.11 -24.61
N ARG D 222 -29.14 -5.23 -25.64
CA ARG D 222 -29.81 -3.92 -25.57
C ARG D 222 -31.32 -4.14 -25.53
N ASP D 223 -31.88 -5.16 -26.21
CA ASP D 223 -33.34 -5.40 -26.22
C ASP D 223 -33.78 -6.10 -24.94
N ILE D 224 -32.88 -6.74 -24.20
CA ILE D 224 -33.25 -7.49 -22.95
C ILE D 224 -32.95 -6.65 -21.69
N PHE D 225 -31.70 -6.24 -21.46
CA PHE D 225 -31.20 -5.62 -20.21
C PHE D 225 -31.52 -4.14 -20.25
N LYS D 226 -32.45 -3.70 -19.43
CA LYS D 226 -32.97 -2.31 -19.51
C LYS D 226 -32.26 -1.40 -18.49
N GLY D 227 -31.19 -1.89 -17.85
CA GLY D 227 -30.22 -1.05 -17.12
C GLY D 227 -29.06 -0.58 -18.03
N SER D 228 -27.82 -0.75 -17.63
CA SER D 228 -26.64 -0.45 -18.50
C SER D 228 -26.29 -1.64 -19.39
N VAL D 229 -25.75 -1.37 -20.58
CA VAL D 229 -25.11 -2.38 -21.46
C VAL D 229 -23.81 -1.77 -21.95
N ASN D 230 -22.69 -2.45 -21.73
CA ASN D 230 -21.31 -1.98 -22.03
C ASN D 230 -20.46 -3.19 -22.47
N TYR D 231 -19.41 -2.92 -23.23
CA TYR D 231 -18.45 -3.94 -23.74
C TYR D 231 -17.06 -3.56 -23.23
N ALA D 232 -16.36 -4.50 -22.61
CA ALA D 232 -14.99 -4.28 -22.14
C ALA D 232 -14.09 -5.29 -22.84
N TRP D 233 -12.79 -4.99 -22.93
CA TRP D 233 -11.80 -5.98 -23.43
C TRP D 233 -10.51 -5.94 -22.63
N THR D 234 -9.70 -6.97 -22.77
CA THR D 234 -8.44 -7.13 -21.99
C THR D 234 -7.46 -8.02 -22.73
N SER D 235 -6.19 -7.85 -22.41
CA SER D 235 -5.10 -8.65 -23.01
C SER D 235 -5.07 -10.05 -22.39
N VAL D 236 -5.20 -11.09 -23.20
CA VAL D 236 -4.94 -12.50 -22.78
C VAL D 236 -4.11 -13.12 -23.87
N PRO D 237 -2.77 -13.12 -23.70
CA PRO D 237 -1.85 -13.64 -24.70
C PRO D 237 -2.29 -14.95 -25.36
N THR D 238 -2.76 -15.91 -24.56
CA THR D 238 -3.03 -17.28 -25.05
C THR D 238 -4.50 -17.42 -25.49
N TYR D 239 -5.30 -16.36 -25.53
CA TYR D 239 -6.55 -16.40 -26.30
C TYR D 239 -6.25 -15.86 -27.69
N PRO D 240 -7.01 -16.32 -28.72
CA PRO D 240 -6.81 -15.90 -30.09
C PRO D 240 -7.00 -14.39 -30.31
N SER D 241 -6.12 -13.83 -31.14
CA SER D 241 -5.84 -12.39 -31.40
C SER D 241 -5.19 -11.71 -30.17
N GLY D 242 -5.03 -12.42 -29.03
CA GLY D 242 -4.37 -11.90 -27.81
C GLY D 242 -5.29 -11.01 -26.96
N VAL D 243 -6.57 -10.92 -27.32
CA VAL D 243 -7.58 -10.19 -26.53
C VAL D 243 -8.87 -10.98 -26.50
N ILE D 244 -9.63 -10.72 -25.46
CA ILE D 244 -11.01 -11.23 -25.35
C ILE D 244 -11.88 -10.08 -24.82
N GLY D 245 -13.18 -10.12 -25.10
CA GLY D 245 -14.08 -9.10 -24.56
C GLY D 245 -15.14 -9.63 -23.62
N PHE D 246 -15.95 -8.74 -23.07
CA PHE D 246 -16.96 -9.07 -22.07
C PHE D 246 -18.17 -8.21 -22.31
N MET D 247 -19.36 -8.78 -22.16
CA MET D 247 -20.60 -8.00 -22.04
C MET D 247 -20.83 -7.73 -20.57
N LEU D 248 -21.03 -6.47 -20.19
CA LEU D 248 -21.54 -6.05 -18.86
C LEU D 248 -22.94 -5.44 -19.10
N CYS D 249 -23.95 -6.04 -18.51
CA CYS D 249 -25.34 -5.59 -18.53
C CYS D 249 -25.88 -5.60 -17.12
N SER D 250 -26.74 -4.65 -16.83
CA SER D 250 -27.56 -4.60 -15.60
C SER D 250 -29.01 -4.66 -16.06
N SER D 251 -29.86 -5.24 -15.23
CA SER D 251 -31.32 -5.34 -15.41
C SER D 251 -31.98 -4.01 -15.03
N GLU D 252 -33.20 -3.79 -15.53
CA GLU D 252 -34.02 -2.66 -15.06
C GLU D 252 -33.98 -2.61 -13.52
N GLY D 253 -33.71 -1.45 -12.97
CA GLY D 253 -33.53 -1.29 -11.51
C GLY D 253 -32.67 -0.08 -11.21
N PRO D 254 -31.99 -0.09 -10.05
CA PRO D 254 -31.10 1.03 -9.67
C PRO D 254 -29.96 1.24 -10.68
N GLN D 255 -29.48 2.48 -10.78
CA GLN D 255 -28.34 2.84 -11.66
C GLN D 255 -27.17 1.92 -11.36
N VAL D 256 -26.62 1.35 -12.43
CA VAL D 256 -25.33 0.63 -12.44
C VAL D 256 -24.42 1.39 -13.41
N ASP D 257 -23.24 1.76 -12.93
CA ASP D 257 -22.19 2.42 -13.76
C ASP D 257 -21.01 1.48 -13.79
N PHE D 258 -20.82 0.79 -14.90
CA PHE D 258 -19.77 -0.23 -15.11
C PHE D 258 -18.40 0.44 -15.24
N LYS D 259 -18.37 1.74 -15.58
CA LYS D 259 -17.14 2.37 -16.14
C LYS D 259 -16.16 2.65 -15.02
N LYS D 260 -16.63 2.60 -13.77
CA LYS D 260 -15.84 2.91 -12.54
C LYS D 260 -16.25 1.93 -11.46
N PRO D 261 -15.29 1.47 -10.62
CA PRO D 261 -15.61 0.77 -9.37
C PRO D 261 -16.30 1.71 -8.39
N VAL D 262 -17.25 1.16 -7.63
CA VAL D 262 -17.67 1.75 -6.33
C VAL D 262 -16.48 1.58 -5.38
N SER D 263 -15.88 0.37 -5.45
CA SER D 263 -15.08 -0.39 -4.44
C SER D 263 -13.78 -0.93 -5.04
N LEU D 264 -12.66 -0.82 -4.30
CA LEU D 264 -11.35 -1.49 -4.60
C LEU D 264 -11.37 -2.93 -4.06
N ILE D 265 -10.41 -3.77 -4.48
CA ILE D 265 -10.23 -5.16 -3.96
C ILE D 265 -8.92 -5.74 -4.50
N CYS D 276 -2.81 -15.00 -2.79
CA CYS D 276 -1.96 -14.14 -3.65
C CYS D 276 -2.70 -12.84 -3.97
N PRO D 277 -2.03 -11.67 -4.00
CA PRO D 277 -2.72 -10.43 -4.34
C PRO D 277 -3.13 -10.45 -5.82
N LEU D 278 -3.82 -9.38 -6.23
CA LEU D 278 -4.24 -9.21 -7.65
C LEU D 278 -2.98 -8.96 -8.47
N LYS D 279 -2.84 -9.70 -9.56
CA LYS D 279 -1.79 -9.48 -10.60
C LYS D 279 -2.22 -8.49 -11.67
N TYR D 280 -3.52 -8.29 -11.94
CA TYR D 280 -3.94 -7.63 -13.22
C TYR D 280 -4.95 -6.52 -12.94
N TYR D 281 -6.09 -6.85 -12.35
CA TYR D 281 -7.17 -5.87 -12.13
C TYR D 281 -6.68 -4.75 -11.21
N ASN D 282 -7.13 -3.53 -11.46
CA ASN D 282 -7.05 -2.36 -10.53
C ASN D 282 -8.12 -1.34 -10.95
N ALA D 283 -8.32 -0.25 -10.21
CA ALA D 283 -9.44 0.67 -10.50
C ALA D 283 -9.23 1.36 -11.86
N GLU D 284 -8.00 1.69 -12.22
CA GLU D 284 -7.74 2.45 -13.46
C GLU D 284 -8.00 1.59 -14.70
N ILE D 285 -7.50 0.36 -14.72
CA ILE D 285 -7.73 -0.56 -15.88
C ILE D 285 -9.20 -1.00 -15.91
N HIS D 286 -9.88 -0.99 -14.79
CA HIS D 286 -11.35 -1.14 -14.77
C HIS D 286 -11.91 -0.17 -15.80
N SER D 287 -11.49 1.09 -15.73
CA SER D 287 -12.04 2.13 -16.62
C SER D 287 -11.44 1.96 -18.02
N ALA D 288 -10.16 1.70 -18.15
CA ALA D 288 -9.46 1.60 -19.46
C ALA D 288 -10.10 0.54 -20.35
N ALA D 289 -10.58 -0.53 -19.73
CA ALA D 289 -11.13 -1.73 -20.42
C ALA D 289 -12.36 -1.38 -21.28
N PHE D 290 -13.03 -0.26 -21.02
CA PHE D 290 -14.20 0.18 -21.81
C PHE D 290 -13.81 1.15 -22.94
N CYS D 291 -12.53 1.48 -23.06
CA CYS D 291 -11.99 2.33 -24.16
C CYS D 291 -11.56 1.43 -25.32
N LEU D 292 -12.33 1.44 -26.41
CA LEU D 292 -12.13 0.53 -27.57
C LEU D 292 -11.49 1.27 -28.74
N PRO D 293 -10.91 0.48 -29.67
CA PRO D 293 -10.40 0.97 -30.92
C PRO D 293 -11.53 1.55 -31.75
N SER D 294 -11.18 2.48 -32.65
CA SER D 294 -12.16 3.24 -33.46
C SER D 294 -13.02 2.28 -34.26
N PHE D 295 -12.41 1.26 -34.86
CA PHE D 295 -13.10 0.29 -35.73
C PHE D 295 -14.24 -0.38 -34.94
N ALA D 296 -14.03 -0.68 -33.67
CA ALA D 296 -15.01 -1.37 -32.79
C ALA D 296 -16.02 -0.37 -32.23
N LYS D 297 -15.52 0.76 -31.74
CA LYS D 297 -16.29 1.85 -31.10
C LYS D 297 -17.47 2.17 -32.02
N LYS D 298 -17.19 2.24 -33.31
CA LYS D 298 -18.16 2.70 -34.35
C LYS D 298 -19.29 1.68 -34.48
N VAL D 299 -19.01 0.38 -34.32
CA VAL D 299 -20.00 -0.73 -34.37
C VAL D 299 -20.77 -0.77 -33.03
N ILE D 300 -20.06 -0.88 -31.92
CA ILE D 300 -20.56 -1.29 -30.56
C ILE D 300 -21.38 -0.18 -29.89
N ASP D 301 -20.88 1.06 -29.98
CA ASP D 301 -21.48 2.30 -29.41
C ASP D 301 -22.94 2.37 -29.84
N SER E 11 6.18 46.39 24.84
CA SER E 11 7.34 45.70 24.12
C SER E 11 7.38 44.16 24.37
N ILE E 12 6.45 43.59 25.16
CA ILE E 12 6.11 42.14 24.99
C ILE E 12 5.19 41.95 23.78
N ILE E 13 5.74 41.31 22.72
CA ILE E 13 5.01 41.14 21.44
C ILE E 13 3.75 40.35 21.74
N PRO E 14 2.55 40.76 21.26
CA PRO E 14 1.33 39.98 21.48
C PRO E 14 1.30 38.57 20.87
N GLY E 15 0.48 37.71 21.49
CA GLY E 15 0.02 36.46 20.87
C GLY E 15 1.12 35.38 20.81
N TRP E 16 2.04 35.34 21.74
CA TRP E 16 3.06 34.22 21.78
C TRP E 16 2.74 33.24 22.90
N PHE E 17 2.68 31.94 22.55
CA PHE E 17 2.63 30.81 23.51
C PHE E 17 4.07 30.40 23.79
N SER E 18 4.47 30.30 25.05
CA SER E 18 5.83 29.86 25.43
C SER E 18 5.68 28.60 26.28
N GLU E 19 6.21 27.48 25.80
CA GLU E 19 6.13 26.20 26.50
C GLU E 19 7.16 26.19 27.64
N ILE E 20 6.69 26.51 28.82
CA ILE E 20 7.52 26.65 30.03
C ILE E 20 7.26 25.44 30.91
N SER E 21 8.34 24.84 31.39
CA SER E 21 8.22 23.70 32.29
C SER E 21 9.53 23.50 33.02
N PRO E 22 9.43 23.15 34.31
CA PRO E 22 10.61 22.73 35.08
C PRO E 22 11.26 21.42 34.60
N MET E 23 10.64 20.69 33.69
CA MET E 23 11.25 19.49 33.04
CA MET E 23 11.36 19.50 33.13
C MET E 23 12.27 19.96 31.99
N TRP E 24 12.22 21.23 31.59
CA TRP E 24 13.22 21.84 30.70
C TRP E 24 13.49 23.25 31.18
N PRO E 25 14.16 23.39 32.33
CA PRO E 25 14.33 24.74 32.90
C PRO E 25 15.17 25.69 32.02
N GLY E 26 14.82 26.99 32.07
CA GLY E 26 15.52 28.12 31.42
C GLY E 26 15.40 28.13 29.90
N GLU E 27 14.51 27.33 29.32
CA GLU E 27 14.25 27.37 27.88
C GLU E 27 12.76 27.21 27.63
N ALA E 28 12.34 27.65 26.47
CA ALA E 28 10.98 27.45 26.01
C ALA E 28 10.98 27.62 24.52
N HIS E 29 10.20 26.79 23.85
CA HIS E 29 9.94 27.00 22.41
C HIS E 29 8.68 27.89 22.38
N SER E 30 8.75 29.02 21.71
CA SER E 30 7.59 29.96 21.59
C SER E 30 7.02 29.86 20.18
N LEU E 31 5.67 29.81 20.11
CA LEU E 31 4.92 29.78 18.83
C LEU E 31 3.97 30.98 18.80
N LYS E 32 3.94 31.65 17.66
CA LYS E 32 2.91 32.72 17.34
C LYS E 32 1.55 32.03 17.12
N VAL E 33 0.52 32.53 17.83
CA VAL E 33 -0.86 31.99 17.84
C VAL E 33 -1.78 32.99 17.16
N GLU E 34 -2.45 32.53 16.12
CA GLU E 34 -3.48 33.31 15.40
C GLU E 34 -4.76 33.31 16.23
N LYS E 35 -5.09 32.24 16.97
CA LYS E 35 -6.36 32.16 17.74
C LYS E 35 -6.32 30.96 18.69
N ILE E 36 -6.74 31.17 19.92
CA ILE E 36 -7.07 30.06 20.84
C ILE E 36 -8.44 29.47 20.42
N LEU E 37 -8.50 28.18 20.05
CA LEU E 37 -9.74 27.55 19.54
C LEU E 37 -10.50 26.92 20.71
N PHE E 38 -9.83 26.54 21.80
CA PHE E 38 -10.48 25.81 22.88
C PHE E 38 -9.56 25.93 24.07
N GLN E 39 -10.19 26.08 25.22
CA GLN E 39 -9.51 26.03 26.52
C GLN E 39 -10.46 25.34 27.48
N GLY E 40 -9.98 24.47 28.34
CA GLY E 40 -10.89 23.76 29.25
C GLY E 40 -10.12 23.09 30.32
N LYS E 41 -10.80 22.65 31.36
CA LYS E 41 -10.19 21.91 32.48
C LYS E 41 -10.98 20.62 32.54
N SER E 42 -10.31 19.47 32.40
CA SER E 42 -10.94 18.13 32.55
C SER E 42 -10.88 17.78 34.02
N ASP E 43 -11.37 16.62 34.36
CA ASP E 43 -11.03 16.06 35.69
C ASP E 43 -9.52 15.75 35.79
N TYR E 44 -8.69 15.84 34.72
CA TYR E 44 -7.26 15.35 34.73
C TYR E 44 -6.26 16.48 34.52
N GLN E 45 -6.57 17.45 33.66
CA GLN E 45 -5.52 18.38 33.17
C GLN E 45 -6.17 19.56 32.48
N ASP E 46 -5.40 20.63 32.30
CA ASP E 46 -5.81 21.82 31.52
C ASP E 46 -5.63 21.42 30.04
N VAL E 47 -6.59 21.76 29.21
CA VAL E 47 -6.66 21.40 27.76
C VAL E 47 -6.76 22.67 26.93
N ILE E 48 -5.79 22.92 26.06
CA ILE E 48 -5.79 24.09 25.16
C ILE E 48 -5.58 23.57 23.74
N VAL E 49 -6.33 24.10 22.80
CA VAL E 49 -6.01 23.90 21.36
C VAL E 49 -5.81 25.28 20.77
N PHE E 50 -4.73 25.51 20.02
CA PHE E 50 -4.67 26.76 19.26
C PHE E 50 -4.30 26.61 17.79
N GLN E 51 -4.72 27.62 17.02
CA GLN E 51 -4.32 27.78 15.61
C GLN E 51 -3.01 28.59 15.58
N SER E 52 -1.86 27.94 15.31
CA SER E 52 -0.59 28.67 15.33
C SER E 52 -0.47 29.35 13.97
N ALA E 53 0.43 30.33 13.85
CA ALA E 53 0.75 30.97 12.54
C ALA E 53 1.32 29.95 11.56
N THR E 54 2.31 29.15 11.96
CA THR E 54 3.10 28.40 10.96
C THR E 54 3.20 26.90 11.29
N TYR E 55 2.67 26.38 12.40
CA TYR E 55 2.76 24.91 12.69
C TYR E 55 1.36 24.27 12.65
N GLY E 56 0.33 25.01 12.14
CA GLY E 56 -1.06 24.52 12.08
C GLY E 56 -1.63 24.51 13.47
N LYS E 57 -2.56 23.60 13.74
CA LYS E 57 -3.18 23.41 15.07
C LYS E 57 -2.28 22.65 16.06
N VAL E 58 -2.36 23.08 17.30
CA VAL E 58 -1.46 22.71 18.42
C VAL E 58 -2.33 22.27 19.57
N LEU E 59 -2.10 21.05 20.02
CA LEU E 59 -2.79 20.53 21.23
C LEU E 59 -1.87 20.70 22.42
N VAL E 60 -2.35 21.28 23.54
CA VAL E 60 -1.51 21.54 24.73
C VAL E 60 -2.18 20.91 25.95
N LEU E 61 -1.43 20.24 26.81
CA LEU E 61 -1.98 19.63 28.03
C LEU E 61 -1.09 20.03 29.20
N ASP E 62 -1.66 20.62 30.23
CA ASP E 62 -0.87 21.20 31.36
C ASP E 62 0.31 22.04 30.83
N GLY E 63 0.07 22.85 29.80
CA GLY E 63 1.06 23.81 29.28
C GLY E 63 2.15 23.14 28.44
N VAL E 64 2.07 21.85 28.18
CA VAL E 64 3.04 21.06 27.34
C VAL E 64 2.47 20.77 25.97
N ILE E 65 3.25 21.06 24.91
CA ILE E 65 2.85 20.75 23.52
C ILE E 65 2.83 19.22 23.38
N GLN E 66 1.73 18.69 22.92
CA GLN E 66 1.59 17.25 22.75
C GLN E 66 1.77 16.94 21.28
N LEU E 67 1.31 17.86 20.44
CA LEU E 67 1.49 17.70 18.99
C LEU E 67 1.24 19.04 18.26
N THR E 68 1.79 19.14 17.03
CA THR E 68 1.40 20.14 16.01
C THR E 68 1.05 19.44 14.72
N GLU E 69 0.18 20.02 13.94
CA GLU E 69 -0.11 19.44 12.64
C GLU E 69 1.17 19.38 11.82
N ARG E 70 2.05 20.35 11.93
CA ARG E 70 3.17 20.44 10.96
C ARG E 70 4.16 19.28 11.16
N ASP E 71 4.46 18.90 12.38
CA ASP E 71 5.55 17.88 12.53
C ASP E 71 5.11 16.56 13.15
N GLU E 72 3.82 16.37 13.44
CA GLU E 72 3.43 15.17 14.23
C GLU E 72 3.84 13.91 13.47
N CYS E 73 4.07 14.03 12.16
CA CYS E 73 4.39 12.86 11.30
C CYS E 73 5.71 12.20 11.83
N ALA E 74 6.65 13.01 12.34
CA ALA E 74 7.98 12.53 12.80
C ALA E 74 7.78 11.66 14.04
N TYR E 75 6.86 12.01 14.91
CA TYR E 75 6.60 11.30 16.17
C TYR E 75 5.71 10.10 15.86
N GLN E 76 4.64 10.35 15.13
CA GLN E 76 3.57 9.31 14.93
C GLN E 76 4.11 8.18 14.05
N GLU E 77 4.86 8.47 13.01
CA GLU E 77 5.33 7.41 12.09
C GLU E 77 6.44 6.62 12.81
N MET E 78 7.23 7.22 13.67
CA MET E 78 8.40 6.52 14.30
C MET E 78 7.91 5.66 15.48
N ILE E 79 7.03 6.20 16.34
CA ILE E 79 6.55 5.39 17.52
C ILE E 79 5.77 4.16 17.07
N THR E 80 5.26 4.19 15.85
CA THR E 80 4.37 3.16 15.31
C THR E 80 5.14 2.16 14.42
N HIS E 81 5.91 2.67 13.43
CA HIS E 81 6.57 1.81 12.43
C HIS E 81 7.88 1.25 12.98
N LEU E 82 8.53 1.94 13.91
CA LEU E 82 9.71 1.28 14.53
C LEU E 82 9.27 -0.07 15.11
N PRO E 83 8.30 -0.22 16.03
CA PRO E 83 7.94 -1.52 16.55
C PRO E 83 7.24 -2.46 15.54
N LEU E 84 6.31 -1.95 14.75
CA LEU E 84 5.39 -2.79 13.95
C LEU E 84 6.09 -3.25 12.71
N CYS E 85 7.06 -2.51 12.18
CA CYS E 85 7.87 -2.96 11.04
C CYS E 85 8.97 -3.90 11.50
N SER E 86 9.30 -4.01 12.78
CA SER E 86 10.41 -4.86 13.27
C SER E 86 9.97 -6.32 13.44
N ILE E 87 8.68 -6.58 13.52
CA ILE E 87 8.13 -7.94 13.77
C ILE E 87 7.20 -8.30 12.60
N SER E 88 7.06 -9.59 12.34
CA SER E 88 6.18 -10.12 11.27
C SER E 88 4.75 -10.12 11.75
N ASN E 89 3.85 -9.74 10.87
CA ASN E 89 2.37 -9.98 10.96
C ASN E 89 1.78 -9.66 12.34
N PRO E 90 2.05 -8.46 12.89
CA PRO E 90 1.37 -8.06 14.12
C PRO E 90 -0.15 -8.09 13.88
N LYS E 91 -0.92 -8.62 14.84
CA LYS E 91 -2.39 -8.73 14.75
C LYS E 91 -3.11 -7.85 15.78
N LYS E 92 -2.56 -7.82 16.99
CA LYS E 92 -3.27 -7.28 18.15
C LYS E 92 -2.35 -6.24 18.78
N VAL E 93 -2.82 -5.01 18.81
CA VAL E 93 -2.00 -3.83 19.25
C VAL E 93 -2.79 -3.06 20.29
N LEU E 94 -2.10 -2.69 21.37
CA LEU E 94 -2.61 -1.77 22.38
C LEU E 94 -1.85 -0.46 22.28
N VAL E 95 -2.63 0.62 22.17
CA VAL E 95 -2.13 2.02 22.27
C VAL E 95 -2.58 2.60 23.60
N ILE E 96 -1.68 3.17 24.36
CA ILE E 96 -2.01 3.87 25.59
C ILE E 96 -1.80 5.34 25.32
N GLY E 97 -2.88 6.14 25.37
CA GLY E 97 -2.85 7.58 25.07
C GLY E 97 -3.61 7.85 23.78
N GLY E 98 -4.58 8.75 23.80
CA GLY E 98 -5.43 8.97 22.62
C GLY E 98 -5.03 10.01 21.57
N GLY E 99 -4.44 11.12 21.99
CA GLY E 99 -4.00 12.16 21.04
C GLY E 99 -5.05 12.69 20.05
N ASP E 100 -4.65 12.88 18.79
CA ASP E 100 -5.58 13.37 17.73
C ASP E 100 -5.99 12.24 16.79
N GLY E 101 -5.68 10.98 17.11
CA GLY E 101 -5.93 9.85 16.22
C GLY E 101 -4.80 9.48 15.26
N GLY E 102 -3.73 10.27 15.15
CA GLY E 102 -2.71 10.09 14.12
C GLY E 102 -1.93 8.82 14.37
N VAL E 103 -1.67 8.48 15.64
CA VAL E 103 -1.01 7.18 15.98
C VAL E 103 -1.90 6.05 15.50
N LEU E 104 -3.24 6.13 15.71
CA LEU E 104 -4.18 5.06 15.25
C LEU E 104 -4.16 4.99 13.73
N ARG E 105 -4.06 6.09 13.00
CA ARG E 105 -4.00 6.02 11.52
C ARG E 105 -2.73 5.31 11.05
N GLU E 106 -1.59 5.57 11.72
CA GLU E 106 -0.29 4.91 11.41
C GLU E 106 -0.37 3.40 11.69
N VAL E 107 -0.89 3.00 12.86
CA VAL E 107 -1.12 1.56 13.17
C VAL E 107 -1.95 0.96 12.03
N ALA E 108 -3.01 1.65 11.63
CA ALA E 108 -3.98 1.11 10.64
C ALA E 108 -3.33 0.93 9.24
N ARG E 109 -2.18 1.52 8.95
CA ARG E 109 -1.50 1.21 7.66
C ARG E 109 -1.06 -0.26 7.60
N HIS E 110 -0.87 -0.93 8.72
CA HIS E 110 -0.41 -2.34 8.77
C HIS E 110 -1.63 -3.27 8.56
N SER E 111 -1.72 -3.85 7.37
CA SER E 111 -2.90 -4.68 6.99
C SER E 111 -3.00 -5.99 7.79
N SER E 112 -1.90 -6.58 8.26
CA SER E 112 -1.94 -7.74 9.20
C SER E 112 -2.73 -7.39 10.48
N VAL E 113 -2.82 -6.13 10.82
CA VAL E 113 -3.39 -5.74 12.15
C VAL E 113 -4.91 -6.05 12.12
N GLU E 114 -5.41 -6.64 13.20
CA GLU E 114 -6.84 -7.05 13.27
C GLU E 114 -7.54 -6.29 14.37
N GLN E 115 -6.85 -5.82 15.40
CA GLN E 115 -7.51 -5.23 16.59
C GLN E 115 -6.53 -4.20 17.13
N ILE E 116 -7.05 -2.97 17.31
CA ILE E 116 -6.32 -1.81 17.88
C ILE E 116 -7.04 -1.42 19.18
N ASP E 117 -6.66 -1.93 20.33
CA ASP E 117 -7.21 -1.34 21.57
C ASP E 117 -6.53 0.01 21.73
N ILE E 118 -7.31 1.02 22.10
CA ILE E 118 -6.73 2.29 22.55
C ILE E 118 -7.39 2.72 23.86
N CYS E 119 -6.56 3.03 24.86
CA CYS E 119 -6.96 3.49 26.22
CA CYS E 119 -6.99 3.47 26.21
C CYS E 119 -6.53 4.93 26.43
N GLU E 120 -7.51 5.80 26.71
CA GLU E 120 -7.32 7.23 27.07
C GLU E 120 -8.20 7.47 28.30
N ILE E 121 -7.60 7.91 29.40
CA ILE E 121 -8.26 8.16 30.71
C ILE E 121 -9.06 9.47 30.64
N ASP E 122 -8.67 10.42 29.78
CA ASP E 122 -9.37 11.74 29.73
C ASP E 122 -10.25 11.88 28.48
N LYS E 123 -11.56 11.69 28.61
CA LYS E 123 -12.49 11.85 27.47
C LYS E 123 -12.43 13.27 26.84
N MET E 124 -12.01 14.33 27.54
CA MET E 124 -11.95 15.67 26.90
C MET E 124 -10.83 15.70 25.83
N VAL E 125 -9.74 14.96 26.05
CA VAL E 125 -8.69 14.75 25.02
C VAL E 125 -9.32 14.10 23.78
N VAL E 126 -10.15 13.08 23.92
CA VAL E 126 -10.77 12.47 22.71
C VAL E 126 -11.76 13.44 22.06
N ASP E 127 -12.60 14.09 22.85
CA ASP E 127 -13.63 15.01 22.32
C ASP E 127 -12.91 16.12 21.55
N VAL E 128 -11.89 16.68 22.18
CA VAL E 128 -11.20 17.86 21.61
C VAL E 128 -10.56 17.41 20.29
N ALA E 129 -9.99 16.20 20.24
CA ALA E 129 -9.38 15.69 19.00
C ALA E 129 -10.44 15.54 17.90
N LYS E 130 -11.57 14.92 18.20
CA LYS E 130 -12.66 14.73 17.20
C LYS E 130 -13.22 16.09 16.74
N GLN E 131 -13.35 17.06 17.65
CA GLN E 131 -13.85 18.43 17.32
C GLN E 131 -12.86 19.35 16.56
N TYR E 132 -11.59 19.41 16.97
CA TYR E 132 -10.63 20.42 16.46
C TYR E 132 -9.67 19.82 15.44
N PHE E 133 -9.40 18.49 15.46
CA PHE E 133 -8.48 17.78 14.53
C PHE E 133 -9.23 16.67 13.79
N PRO E 134 -10.42 16.96 13.21
CA PRO E 134 -11.28 15.92 12.64
C PRO E 134 -10.69 15.18 11.42
N ASN E 135 -9.79 15.79 10.66
CA ASN E 135 -9.20 15.12 9.48
C ASN E 135 -8.35 13.93 9.92
N VAL E 136 -7.64 14.09 11.03
CA VAL E 136 -6.74 13.06 11.59
C VAL E 136 -7.55 12.19 12.56
N ALA E 137 -8.53 12.75 13.24
CA ALA E 137 -9.35 12.02 14.23
C ALA E 137 -10.14 10.88 13.55
N VAL E 138 -10.10 10.79 12.21
CA VAL E 138 -10.65 9.63 11.47
C VAL E 138 -9.89 8.37 11.93
N GLY E 139 -8.68 8.52 12.47
CA GLY E 139 -7.98 7.35 13.04
C GLY E 139 -8.88 6.52 13.96
N TYR E 140 -9.75 7.17 14.73
CA TYR E 140 -10.64 6.52 15.72
C TYR E 140 -11.75 5.71 15.03
N GLU E 141 -11.97 5.86 13.73
CA GLU E 141 -13.20 5.34 13.09
C GLU E 141 -12.81 4.09 12.29
N ASP E 142 -11.54 3.71 12.27
CA ASP E 142 -11.22 2.40 11.67
C ASP E 142 -12.00 1.32 12.45
N PRO E 143 -12.65 0.37 11.75
CA PRO E 143 -13.46 -0.65 12.42
C PRO E 143 -12.67 -1.55 13.37
N ARG E 144 -11.36 -1.64 13.19
CA ARG E 144 -10.49 -2.47 14.08
C ARG E 144 -10.24 -1.78 15.42
N VAL E 145 -10.61 -0.53 15.55
CA VAL E 145 -10.30 0.31 16.72
C VAL E 145 -11.35 0.09 17.80
N ASN E 146 -10.86 -0.22 19.02
CA ASN E 146 -11.66 -0.46 20.24
C ASN E 146 -11.24 0.61 21.24
N LEU E 147 -11.95 1.74 21.27
CA LEU E 147 -11.63 2.86 22.18
C LEU E 147 -12.12 2.56 23.61
N ILE E 148 -11.25 2.72 24.58
CA ILE E 148 -11.55 2.48 25.99
C ILE E 148 -11.23 3.75 26.72
N ILE E 149 -12.23 4.40 27.31
CA ILE E 149 -12.03 5.60 28.14
C ILE E 149 -11.73 5.05 29.53
N GLY E 150 -10.53 5.21 30.04
CA GLY E 150 -10.06 4.36 31.14
C GLY E 150 -8.61 4.57 31.48
N ASP E 151 -8.26 4.17 32.69
CA ASP E 151 -6.85 4.09 33.13
C ASP E 151 -6.15 2.95 32.37
N GLY E 152 -5.32 3.28 31.39
CA GLY E 152 -4.47 2.33 30.66
C GLY E 152 -3.69 1.44 31.59
N VAL E 153 -3.30 1.94 32.76
CA VAL E 153 -2.57 1.13 33.79
C VAL E 153 -3.47 0.00 34.32
N ALA E 154 -4.70 0.33 34.72
CA ALA E 154 -5.70 -0.67 35.18
C ALA E 154 -6.06 -1.59 34.01
N PHE E 155 -6.28 -1.08 32.80
CA PHE E 155 -6.70 -1.96 31.68
C PHE E 155 -5.65 -3.09 31.48
N LEU E 156 -4.37 -2.71 31.52
CA LEU E 156 -3.27 -3.64 31.29
C LEU E 156 -3.17 -4.60 32.47
N LYS E 157 -3.37 -4.14 33.70
CA LYS E 157 -3.42 -5.08 34.85
C LYS E 157 -4.43 -6.18 34.55
N ASN E 158 -5.55 -5.85 33.92
CA ASN E 158 -6.67 -6.83 33.79
C ASN E 158 -6.58 -7.58 32.47
N ALA E 159 -5.61 -7.25 31.61
CA ALA E 159 -5.52 -7.90 30.29
C ALA E 159 -5.04 -9.34 30.47
N ALA E 160 -5.56 -10.30 29.70
CA ALA E 160 -5.11 -11.71 29.76
C ALA E 160 -3.64 -11.73 29.31
N GLU E 161 -2.80 -12.43 30.07
CA GLU E 161 -1.42 -12.75 29.70
C GLU E 161 -1.30 -13.03 28.22
N GLY E 162 -0.26 -12.51 27.57
CA GLY E 162 0.16 -13.04 26.27
C GLY E 162 -0.81 -12.65 25.17
N THR E 163 -1.67 -11.68 25.37
CA THR E 163 -2.64 -11.19 24.37
C THR E 163 -1.94 -10.40 23.21
N TYR E 164 -1.02 -9.46 23.48
CA TYR E 164 -0.70 -8.41 22.47
C TYR E 164 0.60 -8.77 21.73
N ASP E 165 0.63 -8.45 20.44
CA ASP E 165 1.85 -8.41 19.60
C ASP E 165 2.66 -7.17 19.91
N ALA E 166 1.98 -6.06 20.20
CA ALA E 166 2.66 -4.76 20.35
C ALA E 166 1.85 -3.83 21.25
N VAL E 167 2.56 -3.11 22.10
CA VAL E 167 1.99 -2.04 22.98
C VAL E 167 2.75 -0.80 22.58
N ILE E 168 2.03 0.26 22.33
CA ILE E 168 2.62 1.57 22.00
C ILE E 168 2.15 2.53 23.10
N VAL E 169 3.10 3.08 23.83
CA VAL E 169 2.80 3.99 24.96
C VAL E 169 3.03 5.43 24.45
N ASP E 170 1.97 6.09 24.05
CA ASP E 170 1.97 7.50 23.61
C ASP E 170 1.59 8.41 24.78
N SER E 171 2.51 8.61 25.71
CA SER E 171 2.25 9.35 26.97
C SER E 171 2.78 10.78 26.94
N SER E 172 2.13 11.63 27.71
CA SER E 172 2.66 12.91 28.17
C SER E 172 3.87 12.66 29.12
N ASP E 173 4.41 13.72 29.71
CA ASP E 173 5.64 13.70 30.54
C ASP E 173 5.34 13.08 31.90
N PRO E 174 6.36 12.70 32.70
CA PRO E 174 6.14 12.03 33.97
C PRO E 174 5.35 12.84 35.02
N ILE E 175 5.28 14.16 34.85
CA ILE E 175 4.66 15.06 35.85
C ILE E 175 3.14 14.96 36.08
N GLY E 176 2.36 14.61 35.05
CA GLY E 176 0.90 14.50 35.23
C GLY E 176 0.44 13.06 35.10
N PRO E 177 -0.75 12.81 34.52
CA PRO E 177 -1.43 11.51 34.52
C PRO E 177 -0.63 10.28 34.03
N ALA E 178 0.49 10.50 33.36
CA ALA E 178 1.36 9.42 32.84
C ALA E 178 2.52 9.11 33.79
N LYS E 179 2.54 9.65 35.03
CA LYS E 179 3.74 9.47 35.90
C LYS E 179 4.19 8.02 36.11
N GLU E 180 3.24 7.10 36.26
CA GLU E 180 3.35 5.65 36.63
C GLU E 180 3.85 4.85 35.41
N LEU E 181 3.57 5.34 34.19
CA LEU E 181 3.96 4.71 32.90
C LEU E 181 5.48 4.67 32.74
N PHE E 182 6.24 5.30 33.61
CA PHE E 182 7.72 5.27 33.52
C PHE E 182 8.35 4.37 34.59
N GLU E 183 7.55 3.66 35.42
CA GLU E 183 8.07 2.90 36.59
C GLU E 183 8.01 1.38 36.34
N LYS E 184 8.69 0.60 37.16
CA LYS E 184 8.79 -0.89 36.95
C LYS E 184 7.42 -1.57 36.91
N PRO E 185 6.53 -1.36 37.89
CA PRO E 185 5.31 -2.18 37.93
C PRO E 185 4.58 -2.12 36.57
N PHE E 186 4.50 -0.95 35.94
CA PHE E 186 3.82 -0.78 34.64
C PHE E 186 4.54 -1.62 33.57
N PHE E 187 5.87 -1.60 33.58
CA PHE E 187 6.67 -2.34 32.57
C PHE E 187 6.43 -3.84 32.74
N GLU E 188 6.36 -4.30 33.99
CA GLU E 188 6.10 -5.74 34.29
C GLU E 188 4.70 -6.12 33.77
N SER E 189 3.72 -5.23 33.91
CA SER E 189 2.36 -5.48 33.37
CA SER E 189 2.36 -5.45 33.37
C SER E 189 2.40 -5.51 31.83
N VAL E 190 3.24 -4.66 31.21
CA VAL E 190 3.38 -4.78 29.74
C VAL E 190 3.98 -6.15 29.43
N ASN E 191 5.02 -6.52 30.13
CA ASN E 191 5.74 -7.76 29.76
C ASN E 191 4.74 -8.91 29.79
N ARG E 192 3.85 -8.95 30.80
CA ARG E 192 2.89 -10.08 30.91
C ARG E 192 1.79 -10.05 29.83
N ALA E 193 1.29 -8.88 29.50
CA ALA E 193 0.25 -8.69 28.47
C ALA E 193 0.78 -8.98 27.04
N LEU E 194 2.11 -8.84 26.82
CA LEU E 194 2.68 -9.25 25.52
C LEU E 194 2.71 -10.79 25.39
N ARG E 195 2.41 -11.28 24.17
CA ARG E 195 2.96 -12.62 23.77
C ARG E 195 4.46 -12.68 23.88
N PRO E 196 5.03 -13.92 23.96
CA PRO E 196 6.49 -14.12 23.97
C PRO E 196 7.05 -13.46 22.71
N GLY E 197 8.09 -12.66 22.85
CA GLY E 197 8.61 -11.92 21.69
C GLY E 197 7.76 -10.72 21.29
N GLY E 198 6.68 -10.39 22.00
CA GLY E 198 5.92 -9.16 21.70
C GLY E 198 6.77 -7.92 21.90
N VAL E 199 6.33 -6.73 21.45
CA VAL E 199 7.19 -5.53 21.47
C VAL E 199 6.40 -4.40 22.09
N VAL E 200 7.15 -3.62 22.85
CA VAL E 200 6.67 -2.34 23.35
C VAL E 200 7.53 -1.19 22.82
N CYS E 201 6.84 -0.11 22.44
CA CYS E 201 7.50 1.16 22.14
C CYS E 201 6.89 2.25 23.04
N THR E 202 7.74 3.04 23.69
CA THR E 202 7.24 4.07 24.60
C THR E 202 7.86 5.39 24.26
N GLN E 203 7.19 6.48 24.58
CA GLN E 203 7.75 7.83 24.58
C GLN E 203 8.78 7.84 25.71
N ALA E 204 10.02 8.22 25.39
CA ALA E 204 11.17 8.12 26.31
C ALA E 204 12.07 9.35 26.26
N GLU E 205 11.50 10.54 26.02
CA GLU E 205 12.05 11.87 26.41
C GLU E 205 13.30 12.26 25.58
N SER E 206 14.00 13.31 25.95
CA SER E 206 15.12 13.93 25.23
C SER E 206 16.44 13.56 25.86
N LEU E 207 17.34 12.99 25.05
CA LEU E 207 18.72 12.61 25.46
C LEU E 207 19.44 13.91 25.89
N TRP E 208 19.07 15.05 25.32
CA TRP E 208 19.65 16.35 25.71
C TRP E 208 19.25 16.72 27.13
N LEU E 209 17.99 16.62 27.50
CA LEU E 209 17.46 17.22 28.74
C LEU E 209 17.33 16.18 29.87
N HIS E 210 17.20 14.88 29.54
CA HIS E 210 16.58 13.91 30.45
C HIS E 210 17.47 12.67 30.62
N MET E 211 18.79 12.76 30.40
CA MET E 211 19.67 11.57 30.50
C MET E 211 19.38 10.80 31.80
N ASP E 212 19.18 11.49 32.92
CA ASP E 212 18.99 10.83 34.23
C ASP E 212 17.73 9.95 34.20
N ILE E 213 16.65 10.48 33.69
CA ILE E 213 15.37 9.75 33.57
C ILE E 213 15.51 8.59 32.57
N ILE E 214 16.20 8.80 31.42
CA ILE E 214 16.26 7.80 30.34
C ILE E 214 17.07 6.63 30.92
N GLU E 215 18.14 6.92 31.61
CA GLU E 215 19.04 5.91 32.22
C GLU E 215 18.25 4.93 33.12
N ASP E 216 17.42 5.47 33.99
CA ASP E 216 16.47 4.71 34.83
C ASP E 216 15.41 4.02 34.00
N ILE E 217 14.81 4.68 33.01
CA ILE E 217 13.83 3.91 32.17
C ILE E 217 14.58 2.73 31.56
N VAL E 218 15.73 2.96 30.95
CA VAL E 218 16.54 1.88 30.30
C VAL E 218 16.82 0.77 31.31
N SER E 219 17.38 1.10 32.47
CA SER E 219 17.74 0.15 33.57
C SER E 219 16.53 -0.76 33.89
N ASN E 220 15.40 -0.13 34.11
CA ASN E 220 14.12 -0.79 34.41
C ASN E 220 13.73 -1.74 33.29
N CYS E 221 13.84 -1.28 32.02
CA CYS E 221 13.51 -2.10 30.84
C CYS E 221 14.46 -3.28 30.73
N ARG E 222 15.75 -3.08 31.00
CA ARG E 222 16.71 -4.22 30.92
C ARG E 222 16.36 -5.28 31.98
N ASP E 223 15.94 -4.84 33.16
CA ASP E 223 15.58 -5.79 34.25
C ASP E 223 14.30 -6.57 33.91
N ILE E 224 13.38 -5.99 33.17
CA ILE E 224 12.02 -6.55 33.00
C ILE E 224 11.99 -7.35 31.71
N PHE E 225 12.36 -6.74 30.60
CA PHE E 225 12.19 -7.27 29.22
C PHE E 225 13.41 -8.10 28.87
N LYS E 226 13.25 -9.42 28.78
CA LYS E 226 14.45 -10.30 28.63
C LYS E 226 14.70 -10.59 27.16
N GLY E 227 13.98 -9.94 26.22
CA GLY E 227 14.25 -10.02 24.78
C GLY E 227 15.19 -8.88 24.43
N SER E 228 14.90 -8.08 23.39
CA SER E 228 15.82 -7.03 23.00
C SER E 228 15.46 -5.74 23.75
N VAL E 229 16.42 -4.87 24.11
CA VAL E 229 16.09 -3.53 24.69
C VAL E 229 16.91 -2.50 23.95
N ASN E 230 16.25 -1.55 23.29
CA ASN E 230 16.95 -0.56 22.46
C ASN E 230 16.39 0.84 22.71
N TYR E 231 17.13 1.87 22.34
CA TYR E 231 16.62 3.27 22.45
C TYR E 231 16.76 3.90 21.06
N ALA E 232 15.71 4.56 20.53
CA ALA E 232 15.81 5.20 19.21
C ALA E 232 15.48 6.70 19.38
N TRP E 233 15.88 7.55 18.45
CA TRP E 233 15.52 8.98 18.58
C TRP E 233 15.09 9.56 17.22
N THR E 234 14.37 10.67 17.28
CA THR E 234 13.82 11.32 16.07
C THR E 234 13.73 12.82 16.29
N SER E 235 13.77 13.56 15.19
CA SER E 235 13.62 15.04 15.18
C SER E 235 12.14 15.34 15.27
N VAL E 236 11.79 16.12 16.28
CA VAL E 236 10.44 16.70 16.39
C VAL E 236 10.66 18.14 16.85
N PRO E 237 10.61 19.11 15.92
CA PRO E 237 10.97 20.50 16.21
C PRO E 237 10.21 21.06 17.40
N THR E 238 8.93 20.73 17.61
CA THR E 238 8.12 21.36 18.69
C THR E 238 8.06 20.45 19.92
N TYR E 239 8.94 19.45 20.03
CA TYR E 239 9.20 18.86 21.35
C TYR E 239 10.46 19.54 21.85
N PRO E 240 10.60 19.62 23.18
CA PRO E 240 11.69 20.32 23.82
C PRO E 240 13.00 19.70 23.45
N SER E 241 13.91 20.57 23.13
CA SER E 241 15.27 20.28 22.59
C SER E 241 15.24 19.84 21.13
N GLY E 242 14.05 19.59 20.55
CA GLY E 242 13.91 19.31 19.12
C GLY E 242 14.05 17.82 18.81
N VAL E 243 14.23 17.00 19.85
CA VAL E 243 14.21 15.54 19.67
C VAL E 243 13.33 14.91 20.73
N ILE E 244 12.87 13.69 20.43
CA ILE E 244 12.30 12.81 21.43
C ILE E 244 12.71 11.40 21.03
N GLY E 245 12.86 10.60 22.07
CA GLY E 245 13.32 9.21 21.99
C GLY E 245 12.27 8.20 22.38
N PHE E 246 12.57 6.93 22.09
CA PHE E 246 11.62 5.82 22.28
C PHE E 246 12.39 4.63 22.86
N MET E 247 11.85 4.01 23.90
CA MET E 247 12.33 2.67 24.24
C MET E 247 11.73 1.71 23.23
N LEU E 248 12.48 0.69 22.81
CA LEU E 248 11.89 -0.44 22.06
C LEU E 248 12.33 -1.70 22.85
N CYS E 249 11.43 -2.52 23.31
CA CYS E 249 11.74 -3.74 24.10
C CYS E 249 10.90 -4.89 23.57
N SER E 250 11.48 -6.08 23.59
CA SER E 250 10.73 -7.30 23.30
C SER E 250 10.85 -8.16 24.57
N SER E 251 9.77 -8.86 24.80
CA SER E 251 9.62 -9.85 25.87
C SER E 251 10.38 -11.12 25.45
N GLU E 252 10.82 -11.85 26.47
CA GLU E 252 11.47 -13.15 26.28
C GLU E 252 10.62 -13.99 25.34
N GLY E 253 11.24 -14.56 24.32
CA GLY E 253 10.55 -15.32 23.27
C GLY E 253 11.42 -15.27 22.05
N PRO E 254 10.84 -15.43 20.86
CA PRO E 254 11.62 -15.39 19.64
C PRO E 254 12.44 -14.13 19.47
N GLN E 255 13.45 -14.23 18.58
CA GLN E 255 14.37 -13.11 18.32
C GLN E 255 13.57 -11.95 17.73
N VAL E 256 13.82 -10.79 18.29
CA VAL E 256 13.41 -9.46 17.73
C VAL E 256 14.63 -8.59 17.46
N ASP E 257 14.76 -8.19 16.21
CA ASP E 257 15.84 -7.27 15.80
C ASP E 257 15.18 -5.90 15.49
N PHE E 258 15.25 -4.94 16.39
CA PHE E 258 14.68 -3.58 16.17
C PHE E 258 15.47 -2.81 15.09
N LYS E 259 16.72 -3.15 14.85
CA LYS E 259 17.66 -2.23 14.17
C LYS E 259 17.34 -2.17 12.69
N LYS E 260 16.59 -3.11 12.15
CA LYS E 260 16.19 -3.08 10.73
C LYS E 260 14.76 -3.52 10.64
N PRO E 261 13.99 -3.07 9.65
CA PRO E 261 12.62 -3.55 9.44
C PRO E 261 12.68 -4.99 8.90
N VAL E 262 11.62 -5.77 9.15
CA VAL E 262 11.37 -7.03 8.40
C VAL E 262 10.64 -6.65 7.10
N SER E 263 9.79 -5.62 7.18
CA SER E 263 8.59 -5.31 6.31
C SER E 263 8.66 -3.84 5.88
N LEU E 264 8.26 -3.54 4.62
CA LEU E 264 7.98 -2.17 4.10
C LEU E 264 6.50 -1.80 4.33
N ILE E 265 6.16 -0.61 4.84
CA ILE E 265 4.76 -0.05 4.68
C ILE E 265 4.86 1.30 3.93
N CYS E 276 -1.90 7.57 1.61
CA CYS E 276 -1.09 8.81 1.82
C CYS E 276 0.38 8.48 2.15
N PRO E 277 1.38 8.88 1.35
CA PRO E 277 2.74 8.46 1.62
C PRO E 277 3.19 8.92 3.03
N LEU E 278 3.99 8.07 3.63
CA LEU E 278 4.83 8.38 4.78
C LEU E 278 5.63 9.65 4.47
N LYS E 279 5.58 10.59 5.40
CA LYS E 279 6.33 11.86 5.31
C LYS E 279 7.67 11.71 6.01
N TYR E 280 7.86 10.75 6.91
CA TYR E 280 9.10 10.77 7.72
C TYR E 280 9.83 9.41 7.65
N TYR E 281 9.17 8.40 8.19
CA TYR E 281 9.70 7.03 8.33
C TYR E 281 10.07 6.46 6.94
N ASN E 282 11.10 5.61 6.96
CA ASN E 282 11.54 4.77 5.82
C ASN E 282 12.50 3.73 6.39
N ALA E 283 12.82 2.73 5.59
CA ALA E 283 13.70 1.62 5.98
C ALA E 283 15.05 2.11 6.51
N GLU E 284 15.63 3.09 5.81
CA GLU E 284 16.95 3.69 6.14
C GLU E 284 16.92 4.45 7.47
N ILE E 285 15.89 5.27 7.65
CA ILE E 285 15.82 6.06 8.91
C ILE E 285 15.49 5.15 10.11
N HIS E 286 14.73 4.08 9.88
CA HIS E 286 14.50 3.03 10.92
C HIS E 286 15.85 2.73 11.62
N SER E 287 16.90 2.41 10.84
CA SER E 287 18.19 1.92 11.39
C SER E 287 18.95 3.10 12.00
N ALA E 288 18.94 4.26 11.31
CA ALA E 288 19.65 5.49 11.66
C ALA E 288 19.24 5.93 13.07
N ALA E 289 17.94 5.76 13.38
CA ALA E 289 17.26 6.19 14.63
C ALA E 289 17.95 5.54 15.84
N PHE E 290 18.62 4.41 15.65
CA PHE E 290 19.32 3.73 16.77
C PHE E 290 20.78 4.21 16.90
N CYS E 291 21.24 5.18 16.11
CA CYS E 291 22.68 5.61 16.16
C CYS E 291 22.80 6.85 17.01
N LEU E 292 23.15 6.69 18.26
CA LEU E 292 23.09 7.78 19.25
C LEU E 292 24.41 8.53 19.30
N PRO E 293 24.35 9.77 19.81
CA PRO E 293 25.51 10.59 20.05
C PRO E 293 26.31 9.92 21.15
N SER E 294 27.60 10.25 21.16
CA SER E 294 28.59 9.65 22.10
C SER E 294 28.16 9.84 23.57
N PHE E 295 27.62 10.99 23.96
CA PHE E 295 27.31 11.25 25.39
C PHE E 295 26.18 10.30 25.82
N ALA E 296 25.35 9.89 24.91
CA ALA E 296 24.22 8.98 25.12
C ALA E 296 24.65 7.50 25.13
N LYS E 297 25.58 7.13 24.24
CA LYS E 297 26.01 5.73 24.04
C LYS E 297 26.62 5.29 25.36
N LYS E 298 27.55 6.07 25.88
CA LYS E 298 28.30 5.65 27.09
C LYS E 298 27.31 5.28 28.18
N VAL E 299 26.20 5.99 28.24
CA VAL E 299 25.20 5.77 29.32
C VAL E 299 24.29 4.57 28.97
N ILE E 300 23.69 4.52 27.79
CA ILE E 300 22.52 3.64 27.48
C ILE E 300 22.98 2.22 27.18
N ASP E 301 24.22 2.10 26.71
CA ASP E 301 24.90 0.85 26.29
C ASP E 301 25.63 0.19 27.48
N PRO F 6 18.23 45.54 24.25
CA PRO F 6 18.37 44.91 22.88
C PRO F 6 17.05 44.22 22.42
N SER F 7 16.61 44.41 21.17
CA SER F 7 15.29 43.96 20.63
C SER F 7 15.10 42.48 20.91
N CYS F 8 16.18 41.67 20.84
CA CYS F 8 16.14 40.20 21.06
C CYS F 8 15.89 39.88 22.54
N MET F 9 16.11 40.83 23.45
CA MET F 9 15.92 40.61 24.90
C MET F 9 14.50 41.04 25.26
N SER F 10 13.83 40.19 26.05
CA SER F 10 12.54 40.40 26.73
C SER F 10 11.45 40.82 25.73
N SER F 11 11.51 40.42 24.48
CA SER F 11 10.44 40.68 23.51
C SER F 11 9.28 39.68 23.69
N ILE F 12 9.49 38.56 24.39
CA ILE F 12 8.44 37.53 24.58
C ILE F 12 8.27 37.26 26.05
N ILE F 13 9.35 37.00 26.77
CA ILE F 13 9.34 36.75 28.23
C ILE F 13 10.38 37.67 28.83
N PRO F 14 10.04 38.47 29.85
CA PRO F 14 11.00 39.41 30.41
C PRO F 14 12.20 38.68 31.04
N GLY F 15 13.39 39.09 30.65
CA GLY F 15 14.59 38.47 31.20
C GLY F 15 15.05 37.26 30.36
N TRP F 16 14.44 37.02 29.21
CA TRP F 16 14.74 35.88 28.29
C TRP F 16 15.12 36.43 26.91
N PHE F 17 16.09 35.82 26.31
CA PHE F 17 16.46 36.07 24.89
C PHE F 17 15.46 35.29 24.02
N SER F 18 14.94 35.89 22.96
CA SER F 18 14.07 35.19 22.00
C SER F 18 14.63 35.37 20.61
N GLU F 19 14.85 34.29 19.87
CA GLU F 19 15.39 34.33 18.49
C GLU F 19 14.24 34.42 17.45
N ILE F 20 13.81 35.63 17.11
CA ILE F 20 12.69 35.90 16.14
C ILE F 20 13.31 36.26 14.79
N SER F 21 12.82 35.68 13.70
CA SER F 21 13.32 36.00 12.36
C SER F 21 12.29 35.58 11.30
N PRO F 22 12.19 36.31 10.16
CA PRO F 22 11.36 35.85 9.04
C PRO F 22 11.93 34.61 8.35
N MET F 23 13.17 34.25 8.67
CA MET F 23 13.75 33.00 8.14
CA MET F 23 13.84 33.00 8.24
C MET F 23 13.20 31.78 8.91
N TRP F 24 12.58 31.98 10.07
CA TRP F 24 11.80 30.93 10.80
C TRP F 24 10.55 31.57 11.38
N PRO F 25 9.60 31.88 10.49
CA PRO F 25 8.46 32.72 10.84
C PRO F 25 7.58 31.96 11.83
N GLY F 26 7.02 32.72 12.77
CA GLY F 26 5.95 32.22 13.64
C GLY F 26 6.51 31.32 14.74
N GLU F 27 7.84 31.35 14.94
CA GLU F 27 8.44 30.56 16.04
C GLU F 27 9.65 31.24 16.60
N ALA F 28 10.03 30.92 17.81
CA ALA F 28 11.26 31.44 18.41
C ALA F 28 11.68 30.54 19.58
N HIS F 29 12.98 30.26 19.63
CA HIS F 29 13.59 29.55 20.78
C HIS F 29 13.95 30.64 21.80
N SER F 30 13.50 30.49 23.05
CA SER F 30 13.81 31.46 24.12
C SER F 30 14.74 30.79 25.12
N LEU F 31 15.72 31.56 25.59
CA LEU F 31 16.64 31.15 26.68
C LEU F 31 16.57 32.22 27.78
N LYS F 32 16.36 31.77 29.00
CA LYS F 32 16.51 32.58 30.20
C LYS F 32 17.95 33.15 30.25
N VAL F 33 18.07 34.46 30.41
CA VAL F 33 19.36 35.20 30.52
C VAL F 33 19.66 35.48 31.98
N GLU F 34 20.73 34.96 32.50
CA GLU F 34 21.22 35.23 33.88
C GLU F 34 21.88 36.61 33.83
N LYS F 35 22.64 36.90 32.76
CA LYS F 35 23.41 38.13 32.62
C LYS F 35 23.96 38.33 31.19
N ILE F 36 23.87 39.55 30.67
CA ILE F 36 24.50 39.93 29.37
C ILE F 36 25.92 40.30 29.70
N LEU F 37 26.90 39.59 29.12
CA LEU F 37 28.34 39.75 29.48
C LEU F 37 29.01 40.77 28.55
N PHE F 38 28.49 40.91 27.33
CA PHE F 38 29.12 41.73 26.27
C PHE F 38 28.09 42.09 25.19
N GLN F 39 28.05 43.37 24.85
CA GLN F 39 27.37 43.88 23.63
C GLN F 39 28.39 44.75 22.91
N GLY F 40 28.39 44.63 21.60
CA GLY F 40 29.30 45.38 20.75
C GLY F 40 28.68 45.46 19.39
N LYS F 41 29.10 46.46 18.64
CA LYS F 41 28.79 46.64 17.23
C LYS F 41 30.15 46.75 16.54
N SER F 42 30.48 45.81 15.67
CA SER F 42 31.66 45.86 14.76
C SER F 42 31.26 46.56 13.47
N ASP F 43 32.17 46.65 12.51
CA ASP F 43 31.89 47.08 11.10
C ASP F 43 30.97 46.08 10.39
N TYR F 44 30.76 44.88 10.95
CA TYR F 44 30.03 43.79 10.25
C TYR F 44 28.72 43.52 10.96
N GLN F 45 28.66 43.55 12.29
CA GLN F 45 27.47 42.91 12.92
C GLN F 45 27.42 43.26 14.40
N ASP F 46 26.21 43.06 14.95
CA ASP F 46 25.91 43.23 16.39
C ASP F 46 26.32 41.96 17.12
N VAL F 47 27.08 42.12 18.18
CA VAL F 47 27.70 40.95 18.86
C VAL F 47 27.24 40.95 20.30
N ILE F 48 26.58 39.88 20.68
CA ILE F 48 26.05 39.75 22.04
C ILE F 48 26.68 38.51 22.63
N VAL F 49 27.22 38.60 23.83
CA VAL F 49 27.49 37.35 24.60
C VAL F 49 26.66 37.41 25.86
N PHE F 50 25.90 36.36 26.16
CA PHE F 50 25.22 36.31 27.47
C PHE F 50 25.44 35.01 28.19
N GLN F 51 25.30 35.08 29.50
CA GLN F 51 25.31 33.88 30.37
C GLN F 51 23.86 33.36 30.44
N SER F 52 23.53 32.21 29.85
CA SER F 52 22.17 31.63 29.95
C SER F 52 21.98 30.91 31.30
N ALA F 53 20.75 30.64 31.71
CA ALA F 53 20.42 29.84 32.91
C ALA F 53 20.96 28.42 32.78
N THR F 54 20.70 27.74 31.66
CA THR F 54 20.85 26.26 31.52
C THR F 54 21.62 25.84 30.27
N TYR F 55 22.11 26.75 29.43
CA TYR F 55 22.90 26.37 28.22
C TYR F 55 24.28 26.98 28.29
N GLY F 56 24.65 27.56 29.42
CA GLY F 56 26.00 28.15 29.56
C GLY F 56 26.04 29.45 28.77
N LYS F 57 27.21 29.81 28.26
CA LYS F 57 27.41 31.10 27.56
C LYS F 57 26.96 30.90 26.15
N VAL F 58 26.41 31.98 25.60
CA VAL F 58 25.77 32.05 24.25
C VAL F 58 26.34 33.24 23.48
N LEU F 59 26.70 33.01 22.23
CA LEU F 59 27.15 34.01 21.25
C LEU F 59 26.06 34.24 20.25
N VAL F 60 25.62 35.50 20.15
CA VAL F 60 24.59 35.95 19.21
C VAL F 60 25.22 36.93 18.26
N LEU F 61 24.90 36.76 16.98
CA LEU F 61 25.32 37.66 15.87
C LEU F 61 24.03 38.10 15.17
N ASP F 62 23.80 39.42 15.20
CA ASP F 62 22.62 40.06 14.59
C ASP F 62 21.35 39.33 15.01
N GLY F 63 21.22 39.00 16.29
CA GLY F 63 20.00 38.38 16.81
C GLY F 63 19.95 36.88 16.70
N VAL F 64 20.95 36.25 16.09
CA VAL F 64 20.89 34.79 15.80
C VAL F 64 21.88 34.04 16.67
N ILE F 65 21.41 33.04 17.38
CA ILE F 65 22.32 32.20 18.20
C ILE F 65 23.32 31.53 17.28
N GLN F 66 24.60 31.74 17.53
CA GLN F 66 25.68 31.06 16.76
C GLN F 66 26.14 29.79 17.45
N LEU F 67 26.04 29.79 18.78
CA LEU F 67 26.52 28.65 19.55
C LEU F 67 26.15 28.85 21.01
N THR F 68 26.00 27.73 21.72
CA THR F 68 25.93 27.64 23.20
C THR F 68 27.01 26.67 23.63
N GLU F 69 27.58 26.90 24.83
CA GLU F 69 28.53 25.93 25.45
C GLU F 69 27.84 24.55 25.58
N ARG F 70 26.55 24.44 25.85
CA ARG F 70 25.97 23.11 26.19
C ARG F 70 25.86 22.21 24.94
N ASP F 71 25.56 22.78 23.76
CA ASP F 71 25.26 21.95 22.55
C ASP F 71 26.16 22.24 21.38
N GLU F 72 27.18 23.08 21.51
CA GLU F 72 28.07 23.35 20.35
C GLU F 72 28.79 22.07 19.90
N CYS F 73 29.00 21.12 20.79
CA CYS F 73 29.66 19.86 20.36
C CYS F 73 28.98 19.26 19.12
N ALA F 74 27.65 19.30 19.04
CA ALA F 74 26.87 18.59 17.98
C ALA F 74 27.09 19.21 16.60
N TYR F 75 27.22 20.50 16.53
CA TYR F 75 27.48 21.19 15.27
C TYR F 75 28.96 21.09 14.93
N GLN F 76 29.82 21.40 15.89
CA GLN F 76 31.28 21.50 15.68
C GLN F 76 31.88 20.13 15.35
N GLU F 77 31.52 19.09 16.09
CA GLU F 77 32.13 17.75 15.87
C GLU F 77 31.62 17.22 14.55
N MET F 78 30.42 17.57 14.15
CA MET F 78 29.81 17.02 12.92
C MET F 78 30.39 17.73 11.70
N ILE F 79 30.36 19.07 11.67
CA ILE F 79 30.84 19.81 10.47
C ILE F 79 32.31 19.43 10.21
N THR F 80 33.03 19.10 11.29
CA THR F 80 34.49 18.78 11.25
C THR F 80 34.72 17.31 10.80
N HIS F 81 34.10 16.35 11.46
CA HIS F 81 34.52 14.92 11.35
C HIS F 81 33.74 14.26 10.25
N LEU F 82 32.60 14.82 9.87
CA LEU F 82 31.97 14.31 8.63
C LEU F 82 32.96 14.44 7.49
N PRO F 83 33.47 15.63 7.10
CA PRO F 83 34.41 15.70 5.98
C PRO F 83 35.76 15.02 6.30
N LEU F 84 36.34 15.27 7.46
CA LEU F 84 37.74 14.86 7.70
C LEU F 84 37.87 13.32 7.90
N CYS F 85 36.78 12.64 8.29
CA CYS F 85 36.78 11.19 8.50
C CYS F 85 36.38 10.47 7.20
N SER F 86 36.09 11.17 6.11
CA SER F 86 35.72 10.59 4.79
C SER F 86 36.91 10.53 3.80
N ILE F 87 38.06 11.04 4.18
CA ILE F 87 39.30 11.07 3.35
C ILE F 87 40.43 10.68 4.30
N SER F 88 41.56 10.24 3.76
CA SER F 88 42.65 9.65 4.54
C SER F 88 43.72 10.70 4.84
N ASN F 89 44.22 10.75 6.08
CA ASN F 89 45.40 11.61 6.43
C ASN F 89 45.29 13.02 5.85
N PRO F 90 44.23 13.80 6.19
CA PRO F 90 44.12 15.17 5.72
C PRO F 90 45.35 15.88 6.29
N LYS F 91 45.97 16.73 5.49
CA LYS F 91 47.17 17.48 5.94
C LYS F 91 46.86 18.98 5.98
N LYS F 92 46.16 19.48 4.97
CA LYS F 92 45.89 20.91 4.74
C LYS F 92 44.37 21.18 4.77
N VAL F 93 43.90 21.96 5.77
CA VAL F 93 42.46 22.32 5.99
C VAL F 93 42.27 23.84 6.00
N LEU F 94 41.28 24.31 5.24
CA LEU F 94 40.71 25.67 5.32
C LEU F 94 39.40 25.73 6.11
N VAL F 95 39.29 26.66 7.05
CA VAL F 95 37.99 26.95 7.71
C VAL F 95 37.58 28.39 7.40
N ILE F 96 36.37 28.59 6.87
CA ILE F 96 35.71 29.91 6.72
C ILE F 96 34.69 30.10 7.88
N GLY F 97 34.90 31.10 8.74
CA GLY F 97 34.17 31.40 10.01
C GLY F 97 34.98 30.95 11.23
N GLY F 98 35.17 31.80 12.24
CA GLY F 98 36.01 31.48 13.42
C GLY F 98 35.23 31.03 14.66
N GLY F 99 34.02 31.59 14.86
CA GLY F 99 33.18 31.23 16.03
C GLY F 99 33.98 31.39 17.31
N ASP F 100 33.91 30.42 18.19
CA ASP F 100 34.60 30.50 19.48
C ASP F 100 35.91 29.77 19.35
N GLY F 101 36.25 29.29 18.16
CA GLY F 101 37.42 28.42 17.99
C GLY F 101 37.13 26.92 18.16
N GLY F 102 35.86 26.53 18.38
CA GLY F 102 35.53 25.12 18.65
C GLY F 102 35.80 24.25 17.42
N VAL F 103 35.50 24.76 16.24
CA VAL F 103 35.64 23.93 15.02
C VAL F 103 37.13 23.66 14.88
N LEU F 104 37.96 24.65 15.23
CA LEU F 104 39.44 24.51 15.07
C LEU F 104 39.95 23.48 16.07
N ARG F 105 39.33 23.44 17.23
CA ARG F 105 39.73 22.46 18.27
C ARG F 105 39.50 21.06 17.69
N GLU F 106 38.40 20.89 16.93
CA GLU F 106 37.99 19.59 16.31
C GLU F 106 38.88 19.24 15.14
N VAL F 107 39.19 20.19 14.28
CA VAL F 107 40.21 19.97 13.19
C VAL F 107 41.54 19.55 13.87
N ALA F 108 41.97 20.20 14.94
CA ALA F 108 43.21 19.85 15.67
C ALA F 108 43.20 18.41 16.22
N ARG F 109 42.06 17.75 16.39
CA ARG F 109 42.11 16.31 16.79
C ARG F 109 42.79 15.44 15.72
N HIS F 110 42.75 15.85 14.46
CA HIS F 110 43.27 15.04 13.36
C HIS F 110 44.80 15.25 13.33
N SER F 111 45.56 14.28 13.86
CA SER F 111 47.04 14.41 14.00
C SER F 111 47.70 14.42 12.63
N SER F 112 47.03 14.00 11.57
CA SER F 112 47.62 14.07 10.20
C SER F 112 47.72 15.52 9.75
N VAL F 113 46.91 16.41 10.34
CA VAL F 113 46.74 17.79 9.81
C VAL F 113 47.98 18.57 10.19
N GLU F 114 48.54 19.31 9.26
CA GLU F 114 49.82 20.07 9.51
C GLU F 114 49.51 21.55 9.53
N GLN F 115 48.61 21.97 8.63
CA GLN F 115 48.21 23.37 8.42
C GLN F 115 46.68 23.51 8.57
N ILE F 116 46.25 24.46 9.40
CA ILE F 116 44.81 24.85 9.51
C ILE F 116 44.73 26.34 9.21
N ASP F 117 44.33 26.70 7.99
CA ASP F 117 44.02 28.10 7.63
C ASP F 117 42.59 28.44 8.07
N ILE F 118 42.38 29.63 8.66
CA ILE F 118 41.02 30.04 9.11
C ILE F 118 40.82 31.51 8.82
N CYS F 119 39.75 31.79 8.09
CA CYS F 119 39.35 33.12 7.63
C CYS F 119 38.16 33.55 8.46
N GLU F 120 38.35 34.59 9.29
CA GLU F 120 37.25 35.29 10.01
C GLU F 120 37.29 36.77 9.61
N ILE F 121 36.24 37.25 8.98
CA ILE F 121 36.17 38.67 8.54
C ILE F 121 36.13 39.63 9.74
N ASP F 122 35.58 39.22 10.89
CA ASP F 122 35.22 40.12 12.00
C ASP F 122 36.11 39.82 13.19
N LYS F 123 37.16 40.62 13.39
CA LYS F 123 38.12 40.51 14.51
C LYS F 123 37.40 40.53 15.86
N MET F 124 36.27 41.22 15.95
CA MET F 124 35.55 41.35 17.23
C MET F 124 35.10 39.97 17.73
N VAL F 125 34.73 39.07 16.82
CA VAL F 125 34.29 37.68 17.17
C VAL F 125 35.48 36.86 17.71
N VAL F 126 36.63 36.94 17.06
CA VAL F 126 37.86 36.34 17.60
C VAL F 126 38.09 36.91 19.01
N ASP F 127 38.03 38.24 19.19
CA ASP F 127 38.35 38.81 20.54
C ASP F 127 37.33 38.36 21.58
N VAL F 128 36.05 38.35 21.21
CA VAL F 128 35.01 37.82 22.12
C VAL F 128 35.26 36.34 22.45
N ALA F 129 35.63 35.52 21.48
CA ALA F 129 35.92 34.09 21.71
C ALA F 129 36.98 33.99 22.77
N LYS F 130 38.04 34.76 22.59
CA LYS F 130 39.23 34.69 23.47
C LYS F 130 38.81 35.19 24.84
N GLN F 131 37.98 36.23 24.93
CA GLN F 131 37.61 36.82 26.24
C GLN F 131 36.61 35.90 26.94
N TYR F 132 35.54 35.44 26.31
CA TYR F 132 34.37 34.86 27.03
C TYR F 132 34.30 33.36 26.87
N PHE F 133 34.97 32.77 25.89
CA PHE F 133 34.98 31.28 25.69
C PHE F 133 36.41 30.76 25.68
N PRO F 134 37.25 31.16 26.68
CA PRO F 134 38.70 30.91 26.62
C PRO F 134 39.09 29.43 26.59
N ASN F 135 38.30 28.55 27.22
CA ASN F 135 38.57 27.10 27.25
C ASN F 135 38.38 26.49 25.86
N VAL F 136 37.61 27.12 24.97
CA VAL F 136 37.40 26.62 23.57
C VAL F 136 38.18 27.48 22.59
N ALA F 137 38.38 28.78 22.91
CA ALA F 137 39.19 29.68 22.06
C ALA F 137 40.66 29.20 22.05
N VAL F 138 41.11 28.28 22.93
CA VAL F 138 42.46 27.62 22.81
C VAL F 138 42.63 27.04 21.39
N GLY F 139 41.53 26.63 20.74
CA GLY F 139 41.58 26.18 19.33
C GLY F 139 42.45 27.11 18.52
N TYR F 140 42.33 28.42 18.75
CA TYR F 140 43.04 29.46 17.97
C TYR F 140 44.56 29.37 18.10
N GLU F 141 45.06 28.85 19.23
CA GLU F 141 46.48 28.95 19.65
C GLU F 141 47.27 27.75 19.11
N ASP F 142 46.62 26.73 18.54
CA ASP F 142 47.37 25.54 18.06
C ASP F 142 48.38 26.02 17.02
N PRO F 143 49.66 25.56 17.11
CA PRO F 143 50.70 26.11 16.25
C PRO F 143 50.46 25.78 14.77
N ARG F 144 49.53 24.89 14.46
CA ARG F 144 49.26 24.59 13.03
C ARG F 144 48.26 25.58 12.43
N VAL F 145 47.75 26.50 13.24
CA VAL F 145 46.63 27.43 12.91
C VAL F 145 47.15 28.75 12.31
N ASN F 146 46.70 29.09 11.11
CA ASN F 146 47.04 30.39 10.49
C ASN F 146 45.73 31.19 10.45
N LEU F 147 45.54 32.08 11.43
CA LEU F 147 44.36 32.97 11.55
C LEU F 147 44.49 34.17 10.62
N ILE F 148 43.58 34.31 9.68
CA ILE F 148 43.50 35.44 8.73
C ILE F 148 42.22 36.24 9.04
N ILE F 149 42.37 37.48 9.49
CA ILE F 149 41.22 38.45 9.61
C ILE F 149 40.95 38.97 8.21
N GLY F 150 39.95 38.49 7.53
CA GLY F 150 39.72 38.89 6.14
C GLY F 150 38.55 38.11 5.57
N ASP F 151 38.07 38.54 4.42
CA ASP F 151 37.00 37.89 3.67
C ASP F 151 37.46 36.49 3.21
N GLY F 152 36.79 35.43 3.63
CA GLY F 152 37.13 34.08 3.13
C GLY F 152 36.76 33.90 1.66
N VAL F 153 35.78 34.63 1.14
CA VAL F 153 35.52 34.56 -0.33
C VAL F 153 36.80 35.06 -1.04
N ALA F 154 37.28 36.28 -0.73
CA ALA F 154 38.52 36.84 -1.36
C ALA F 154 39.65 35.84 -1.22
N PHE F 155 39.84 35.27 -0.05
CA PHE F 155 40.96 34.35 0.27
C PHE F 155 40.93 33.12 -0.64
N LEU F 156 39.79 32.47 -0.79
CA LEU F 156 39.70 31.25 -1.65
C LEU F 156 39.97 31.61 -3.12
N LYS F 157 39.44 32.74 -3.55
CA LYS F 157 39.62 33.27 -4.92
C LYS F 157 41.12 33.40 -5.22
N ASN F 158 41.90 33.99 -4.31
CA ASN F 158 43.35 34.24 -4.52
C ASN F 158 44.16 33.07 -3.96
N ALA F 159 43.55 31.96 -3.57
CA ALA F 159 44.31 30.74 -3.26
C ALA F 159 44.63 29.95 -4.54
N ALA F 160 45.47 28.94 -4.35
CA ALA F 160 46.21 28.22 -5.40
C ALA F 160 45.52 26.88 -5.61
N GLU F 161 45.10 26.59 -6.84
CA GLU F 161 44.43 25.33 -7.24
C GLU F 161 45.07 24.13 -6.55
N GLY F 162 44.26 23.18 -6.02
CA GLY F 162 44.73 21.86 -5.57
C GLY F 162 45.44 21.90 -4.22
N THR F 163 45.46 23.05 -3.52
CA THR F 163 46.00 23.24 -2.13
C THR F 163 45.38 22.31 -1.04
N TYR F 164 44.06 22.39 -0.82
CA TYR F 164 43.35 21.88 0.40
C TYR F 164 42.85 20.45 0.23
N ASP F 165 43.05 19.65 1.27
CA ASP F 165 42.36 18.36 1.51
C ASP F 165 40.87 18.61 1.84
N ALA F 166 40.60 19.64 2.63
CA ALA F 166 39.22 19.90 3.08
C ALA F 166 39.05 21.40 3.35
N VAL F 167 37.90 21.91 2.90
CA VAL F 167 37.33 23.23 3.24
C VAL F 167 36.08 22.99 4.11
N ILE F 168 35.94 23.70 5.21
CA ILE F 168 34.74 23.72 6.11
C ILE F 168 34.22 25.14 6.12
N VAL F 169 32.96 25.33 5.73
CA VAL F 169 32.26 26.64 5.58
C VAL F 169 31.25 26.78 6.74
N ASP F 170 31.73 27.31 7.86
CA ASP F 170 30.98 27.52 9.11
C ASP F 170 30.32 28.90 9.04
N SER F 171 29.38 29.02 8.13
CA SER F 171 28.72 30.32 7.87
C SER F 171 27.47 30.49 8.71
N SER F 172 26.95 31.71 8.67
CA SER F 172 25.68 32.14 9.29
C SER F 172 24.55 31.93 8.27
N ASP F 173 23.40 32.54 8.52
CA ASP F 173 22.26 32.38 7.58
C ASP F 173 22.51 33.14 6.26
N PRO F 174 21.87 32.73 5.16
CA PRO F 174 22.02 33.41 3.86
C PRO F 174 21.22 34.71 3.75
N ILE F 175 21.66 35.77 4.45
CA ILE F 175 20.79 36.97 4.70
C ILE F 175 21.47 38.21 4.07
N GLY F 176 22.61 38.66 4.60
CA GLY F 176 23.35 39.83 4.08
C GLY F 176 24.39 39.37 3.05
N PRO F 177 25.62 39.95 3.07
CA PRO F 177 26.71 39.41 2.24
C PRO F 177 27.08 37.92 2.40
N ALA F 178 26.40 37.15 3.28
CA ALA F 178 26.60 35.69 3.52
C ALA F 178 25.94 34.87 2.41
N LYS F 179 24.93 35.43 1.73
CA LYS F 179 24.14 34.85 0.58
C LYS F 179 25.03 34.33 -0.57
N GLU F 180 26.18 34.97 -0.82
CA GLU F 180 27.12 34.56 -1.90
C GLU F 180 27.79 33.21 -1.56
N LEU F 181 27.79 32.76 -0.31
CA LEU F 181 28.42 31.48 0.12
C LEU F 181 27.59 30.28 -0.34
N PHE F 182 26.40 30.52 -0.92
CA PHE F 182 25.45 29.46 -1.32
C PHE F 182 25.34 29.45 -2.85
N GLU F 183 26.21 30.19 -3.56
CA GLU F 183 26.14 30.46 -5.03
C GLU F 183 27.26 29.76 -5.80
N LYS F 184 27.04 29.53 -7.10
CA LYS F 184 27.96 28.72 -7.94
C LYS F 184 29.40 29.27 -7.89
N PRO F 185 29.63 30.61 -8.00
CA PRO F 185 31.00 31.13 -8.16
C PRO F 185 31.90 30.72 -6.99
N PHE F 186 31.41 30.97 -5.76
CA PHE F 186 32.07 30.46 -4.52
C PHE F 186 32.32 28.94 -4.62
N PHE F 187 31.35 28.16 -5.10
CA PHE F 187 31.55 26.69 -5.08
C PHE F 187 32.69 26.35 -6.05
N GLU F 188 32.76 27.06 -7.17
CA GLU F 188 33.80 26.75 -8.17
C GLU F 188 35.18 27.07 -7.58
N SER F 189 35.23 28.19 -6.87
CA SER F 189 36.37 28.65 -6.05
C SER F 189 36.86 27.53 -5.15
N VAL F 190 35.92 26.88 -4.44
CA VAL F 190 36.25 25.77 -3.51
C VAL F 190 36.77 24.61 -4.35
N ASN F 191 36.11 24.29 -5.47
CA ASN F 191 36.52 23.13 -6.29
C ASN F 191 37.96 23.34 -6.79
N ARG F 192 38.33 24.57 -7.12
CA ARG F 192 39.72 24.88 -7.56
C ARG F 192 40.68 24.63 -6.40
N ALA F 193 40.44 25.23 -5.22
CA ALA F 193 41.37 25.21 -4.06
C ALA F 193 41.56 23.78 -3.51
N LEU F 194 40.66 22.84 -3.75
CA LEU F 194 40.85 21.43 -3.31
C LEU F 194 41.63 20.61 -4.35
N ARG F 195 42.39 19.67 -3.82
CA ARG F 195 43.07 18.52 -4.48
C ARG F 195 42.01 17.62 -5.09
N PRO F 196 42.31 16.87 -6.17
CA PRO F 196 41.37 15.89 -6.71
C PRO F 196 40.79 15.03 -5.58
N GLY F 197 39.46 14.91 -5.54
CA GLY F 197 38.77 14.12 -4.50
C GLY F 197 38.90 14.74 -3.10
N GLY F 198 39.26 16.03 -3.04
CA GLY F 198 39.21 16.87 -1.83
C GLY F 198 37.75 17.11 -1.41
N VAL F 199 37.51 17.55 -0.19
CA VAL F 199 36.09 17.60 0.31
C VAL F 199 35.79 18.95 0.93
N VAL F 200 34.57 19.42 0.69
CA VAL F 200 33.98 20.65 1.29
C VAL F 200 32.80 20.16 2.15
N CYS F 201 32.72 20.71 3.34
CA CYS F 201 31.55 20.63 4.24
C CYS F 201 30.97 22.05 4.47
N THR F 202 29.69 22.28 4.18
CA THR F 202 29.08 23.61 4.47
C THR F 202 27.83 23.50 5.37
N GLN F 203 27.57 24.53 6.21
CA GLN F 203 26.29 24.74 6.90
C GLN F 203 25.20 24.85 5.82
N ALA F 204 24.15 24.03 5.90
CA ALA F 204 23.13 24.01 4.83
C ALA F 204 21.70 23.94 5.41
N GLU F 205 21.43 24.73 6.45
CA GLU F 205 20.08 25.04 6.96
C GLU F 205 19.30 23.82 7.51
N SER F 206 17.99 24.00 7.70
CA SER F 206 17.07 23.00 8.31
C SER F 206 16.14 22.43 7.25
N LEU F 207 16.04 21.13 7.13
CA LEU F 207 15.06 20.55 6.17
C LEU F 207 13.65 20.69 6.68
N TRP F 208 13.42 21.17 7.90
CA TRP F 208 12.06 21.46 8.36
C TRP F 208 11.64 22.83 7.85
N LEU F 209 12.60 23.74 7.72
CA LEU F 209 12.35 25.20 7.57
C LEU F 209 12.64 25.66 6.14
N HIS F 210 13.54 25.03 5.40
CA HIS F 210 14.34 25.62 4.30
CA HIS F 210 14.06 25.68 4.16
C HIS F 210 14.43 24.64 3.10
N MET F 211 13.46 23.77 2.85
CA MET F 211 13.57 22.78 1.75
C MET F 211 13.86 23.47 0.42
N ASP F 212 13.26 24.62 0.11
CA ASP F 212 13.39 25.31 -1.20
C ASP F 212 14.86 25.72 -1.39
N ILE F 213 15.39 26.47 -0.42
CA ILE F 213 16.82 26.84 -0.33
C ILE F 213 17.69 25.59 -0.40
N ILE F 214 17.38 24.54 0.37
CA ILE F 214 18.28 23.34 0.32
C ILE F 214 18.34 22.78 -1.09
N GLU F 215 17.22 22.71 -1.80
CA GLU F 215 17.10 22.13 -3.17
C GLU F 215 18.01 22.90 -4.16
N ASP F 216 18.05 24.23 -4.05
CA ASP F 216 18.94 25.13 -4.84
C ASP F 216 20.40 24.86 -4.53
N ILE F 217 20.76 24.80 -3.24
CA ILE F 217 22.16 24.53 -2.80
C ILE F 217 22.62 23.21 -3.40
N VAL F 218 21.78 22.19 -3.35
CA VAL F 218 22.15 20.82 -3.82
C VAL F 218 22.35 20.87 -5.34
N SER F 219 21.43 21.50 -6.06
CA SER F 219 21.56 21.72 -7.50
C SER F 219 22.87 22.49 -7.78
N ASN F 220 23.07 23.64 -7.15
CA ASN F 220 24.34 24.38 -7.32
C ASN F 220 25.48 23.38 -7.16
N CYS F 221 25.50 22.59 -6.09
CA CYS F 221 26.63 21.70 -5.76
C CYS F 221 26.85 20.61 -6.81
N ARG F 222 25.78 19.95 -7.27
CA ARG F 222 25.78 18.84 -8.25
C ARG F 222 26.42 19.31 -9.56
N ASP F 223 26.15 20.55 -10.00
CA ASP F 223 26.75 21.21 -11.20
C ASP F 223 28.26 21.43 -11.07
N ILE F 224 28.74 21.81 -9.89
CA ILE F 224 30.15 22.26 -9.71
C ILE F 224 31.00 21.09 -9.25
N PHE F 225 30.55 20.31 -8.27
CA PHE F 225 31.37 19.21 -7.74
C PHE F 225 31.01 17.97 -8.53
N LYS F 226 32.02 17.23 -8.98
CA LYS F 226 31.80 16.06 -9.88
C LYS F 226 32.15 14.76 -9.17
N GLY F 227 32.72 14.83 -7.98
CA GLY F 227 32.75 13.67 -7.07
C GLY F 227 31.37 13.44 -6.47
N SER F 228 31.35 13.24 -5.17
CA SER F 228 30.09 12.96 -4.41
C SER F 228 29.47 14.29 -3.99
N VAL F 229 28.13 14.35 -3.98
CA VAL F 229 27.26 15.42 -3.38
C VAL F 229 26.19 14.77 -2.50
N ASN F 230 26.32 14.98 -1.19
CA ASN F 230 25.45 14.40 -0.15
C ASN F 230 25.03 15.52 0.83
N TYR F 231 23.90 15.29 1.46
CA TYR F 231 23.28 16.12 2.51
C TYR F 231 23.14 15.24 3.78
N ALA F 232 23.77 15.70 4.85
CA ALA F 232 23.66 15.18 6.23
C ALA F 232 22.89 16.16 7.16
N TRP F 233 22.33 15.64 8.24
CA TRP F 233 21.74 16.51 9.28
C TRP F 233 22.14 16.02 10.65
N THR F 234 21.97 16.86 11.60
CA THR F 234 22.35 16.66 13.01
C THR F 234 21.37 17.43 13.92
N SER F 235 21.18 16.94 15.14
CA SER F 235 20.46 17.60 16.25
C SER F 235 21.28 18.72 16.86
N VAL F 236 20.75 19.92 16.83
CA VAL F 236 21.33 21.05 17.58
C VAL F 236 20.19 21.78 18.19
N PRO F 237 19.90 21.56 19.50
CA PRO F 237 18.69 22.11 20.10
C PRO F 237 18.49 23.63 20.02
N THR F 238 19.58 24.39 19.95
CA THR F 238 19.50 25.86 19.99
C THR F 238 19.73 26.42 18.60
N TYR F 239 19.68 25.61 17.52
CA TYR F 239 19.46 26.10 16.13
C TYR F 239 17.99 25.91 15.81
N PRO F 240 17.42 26.77 14.94
CA PRO F 240 15.97 26.83 14.71
C PRO F 240 15.50 25.48 14.15
N SER F 241 14.44 24.90 14.69
CA SER F 241 13.76 23.62 14.38
C SER F 241 14.51 22.48 15.10
N GLY F 242 15.67 22.77 15.70
CA GLY F 242 16.44 21.81 16.51
C GLY F 242 17.39 20.96 15.70
N VAL F 243 17.42 21.18 14.38
CA VAL F 243 18.32 20.46 13.44
C VAL F 243 18.99 21.47 12.48
N ILE F 244 20.16 21.09 11.99
CA ILE F 244 20.82 21.82 10.90
C ILE F 244 21.50 20.81 10.02
N GLY F 245 21.71 21.18 8.74
CA GLY F 245 22.22 20.23 7.75
C GLY F 245 23.55 20.68 7.25
N PHE F 246 24.23 19.78 6.55
CA PHE F 246 25.50 20.08 5.91
C PHE F 246 25.48 19.58 4.45
N MET F 247 26.06 20.38 3.55
CA MET F 247 26.54 19.85 2.24
C MET F 247 27.88 19.16 2.42
N LEU F 248 27.99 17.97 1.88
CA LEU F 248 29.27 17.24 1.71
C LEU F 248 29.45 17.06 0.22
N CYS F 249 30.58 17.52 -0.29
CA CYS F 249 30.91 17.41 -1.73
C CYS F 249 32.39 17.08 -1.90
N SER F 250 32.68 16.22 -2.84
CA SER F 250 34.07 15.87 -3.23
C SER F 250 34.27 16.31 -4.69
N SER F 251 35.49 16.77 -4.99
CA SER F 251 35.90 17.19 -6.35
C SER F 251 36.18 15.95 -7.19
N GLU F 252 36.03 16.10 -8.51
CA GLU F 252 36.51 15.07 -9.48
C GLU F 252 37.88 14.52 -9.05
N GLY F 253 38.05 13.20 -9.03
CA GLY F 253 39.19 12.56 -8.34
C GLY F 253 38.86 11.16 -7.84
N PRO F 254 39.70 10.56 -6.97
CA PRO F 254 39.37 9.28 -6.35
C PRO F 254 38.05 9.42 -5.55
N GLN F 255 37.18 8.45 -5.74
CA GLN F 255 35.79 8.51 -5.23
C GLN F 255 35.82 8.72 -3.72
N VAL F 256 34.85 9.48 -3.21
CA VAL F 256 34.60 9.64 -1.76
C VAL F 256 33.21 9.03 -1.49
N ASP F 257 33.14 8.17 -0.47
CA ASP F 257 31.86 7.72 0.11
C ASP F 257 31.66 8.46 1.43
N PHE F 258 30.91 9.55 1.40
CA PHE F 258 30.64 10.31 2.66
C PHE F 258 29.88 9.42 3.67
N LYS F 259 29.10 8.44 3.24
CA LYS F 259 28.22 7.68 4.14
C LYS F 259 28.99 6.74 5.04
N LYS F 260 30.20 6.33 4.64
CA LYS F 260 31.01 5.37 5.43
C LYS F 260 32.36 6.00 5.71
N PRO F 261 32.72 6.34 6.94
CA PRO F 261 34.01 6.95 7.18
C PRO F 261 35.16 5.97 6.83
N VAL F 262 36.28 6.54 6.42
CA VAL F 262 37.54 5.78 6.13
C VAL F 262 38.40 5.79 7.39
N SER F 263 38.07 6.56 8.41
CA SER F 263 38.92 6.62 9.62
C SER F 263 38.09 6.88 10.85
N LEU F 264 38.62 6.46 12.00
CA LEU F 264 38.07 6.63 13.37
C LEU F 264 38.87 7.76 14.00
N ILE F 265 38.26 8.49 14.93
CA ILE F 265 38.83 9.58 15.76
C ILE F 265 38.19 9.49 17.16
N CYS F 276 40.20 16.35 25.59
CA CYS F 276 38.81 16.19 26.10
C CYS F 276 37.99 15.38 25.09
N PRO F 277 37.32 14.27 25.50
CA PRO F 277 36.66 13.36 24.57
C PRO F 277 35.52 14.01 23.77
N LEU F 278 35.26 13.43 22.59
CA LEU F 278 34.09 13.73 21.74
C LEU F 278 32.81 13.55 22.55
N LYS F 279 31.89 14.48 22.44
CA LYS F 279 30.60 14.37 23.12
C LYS F 279 29.49 13.90 22.19
N TYR F 280 29.63 13.98 20.87
CA TYR F 280 28.49 13.73 19.96
C TYR F 280 28.87 12.77 18.83
N TYR F 281 29.93 13.13 18.10
CA TYR F 281 30.31 12.43 16.84
C TYR F 281 30.81 11.05 17.21
N ASN F 282 30.55 10.12 16.34
CA ASN F 282 31.14 8.77 16.34
C ASN F 282 30.84 8.17 14.97
N ALA F 283 31.46 7.05 14.64
CA ALA F 283 31.29 6.41 13.33
C ALA F 283 29.82 6.03 13.07
N GLU F 284 29.06 5.64 14.09
CA GLU F 284 27.65 5.17 13.93
C GLU F 284 26.77 6.31 13.43
N ILE F 285 26.83 7.42 14.11
CA ILE F 285 26.02 8.62 13.77
C ILE F 285 26.55 9.27 12.51
N HIS F 286 27.86 9.04 12.18
CA HIS F 286 28.41 9.48 10.89
C HIS F 286 27.53 8.95 9.78
N SER F 287 27.29 7.63 9.73
CA SER F 287 26.43 7.03 8.70
C SER F 287 24.97 7.45 8.86
N ALA F 288 24.46 7.51 10.09
CA ALA F 288 23.06 7.83 10.38
C ALA F 288 22.71 9.26 9.85
N ALA F 289 23.70 10.19 9.81
CA ALA F 289 23.48 11.65 9.53
C ALA F 289 23.10 11.80 8.04
N PHE F 290 23.28 10.77 7.22
CA PHE F 290 22.90 10.78 5.77
C PHE F 290 21.56 10.12 5.56
N CYS F 291 20.86 9.63 6.60
CA CYS F 291 19.55 9.00 6.39
C CYS F 291 18.43 10.00 6.73
N LEU F 292 17.76 10.52 5.70
CA LEU F 292 16.91 11.72 5.83
C LEU F 292 15.49 11.20 5.88
N PRO F 293 14.60 11.95 6.52
CA PRO F 293 13.18 11.65 6.47
C PRO F 293 12.64 11.66 5.05
N SER F 294 11.54 10.99 4.84
CA SER F 294 11.04 10.70 3.47
C SER F 294 10.80 12.00 2.69
N PHE F 295 10.23 13.04 3.33
CA PHE F 295 9.88 14.30 2.62
C PHE F 295 11.14 14.95 2.05
N ALA F 296 12.28 14.86 2.73
CA ALA F 296 13.55 15.49 2.32
C ALA F 296 14.23 14.59 1.30
N LYS F 297 14.28 13.30 1.55
CA LYS F 297 15.01 12.31 0.75
C LYS F 297 14.44 12.34 -0.68
N LYS F 298 13.13 12.38 -0.86
CA LYS F 298 12.58 12.41 -2.23
C LYS F 298 13.19 13.60 -2.99
N VAL F 299 13.18 14.78 -2.37
CA VAL F 299 13.68 16.03 -3.04
C VAL F 299 15.18 15.92 -3.20
N ILE F 300 15.89 15.67 -2.11
CA ILE F 300 17.37 15.82 -2.11
C ILE F 300 17.96 14.81 -3.09
N ASP F 301 17.19 13.80 -3.51
CA ASP F 301 17.69 12.65 -4.30
C ASP F 301 17.60 12.82 -5.83
N SER F 302 16.46 13.24 -6.40
CA SER F 302 16.31 13.43 -7.88
C SER F 302 16.81 14.81 -8.31
N GLU G 5 44.29 -46.93 -4.99
CA GLU G 5 43.13 -46.95 -4.01
C GLU G 5 43.45 -45.97 -2.89
N PRO G 6 42.80 -44.79 -2.85
CA PRO G 6 42.99 -43.90 -1.71
C PRO G 6 42.55 -44.66 -0.44
N SER G 7 43.15 -44.30 0.70
CA SER G 7 42.94 -44.95 2.01
C SER G 7 41.54 -44.60 2.53
N CYS G 8 40.89 -43.55 2.01
CA CYS G 8 39.50 -43.14 2.35
C CYS G 8 38.47 -43.99 1.58
N MET G 9 38.91 -44.88 0.69
CA MET G 9 38.02 -45.66 -0.20
C MET G 9 37.97 -47.10 0.29
N SER G 10 36.75 -47.64 0.48
CA SER G 10 36.50 -49.01 1.00
C SER G 10 37.05 -49.20 2.42
N SER G 11 37.31 -48.14 3.20
CA SER G 11 37.68 -48.29 4.64
C SER G 11 36.49 -48.83 5.45
N ILE G 12 35.24 -48.64 4.98
CA ILE G 12 34.06 -49.15 5.76
C ILE G 12 33.16 -50.02 4.89
N ILE G 13 32.86 -49.54 3.68
CA ILE G 13 31.90 -50.16 2.73
C ILE G 13 32.63 -50.22 1.42
N PRO G 14 32.79 -51.43 0.84
CA PRO G 14 33.63 -51.62 -0.33
C PRO G 14 33.04 -50.77 -1.45
N GLY G 15 33.87 -50.06 -2.20
CA GLY G 15 33.38 -49.23 -3.29
C GLY G 15 32.87 -47.87 -2.79
N TRP G 16 32.89 -47.61 -1.47
CA TRP G 16 32.41 -46.32 -0.90
C TRP G 16 33.54 -45.49 -0.30
N PHE G 17 33.36 -44.18 -0.43
CA PHE G 17 34.22 -43.18 0.24
C PHE G 17 33.71 -43.01 1.67
N SER G 18 34.64 -42.96 2.62
CA SER G 18 34.34 -42.77 4.05
C SER G 18 35.21 -41.63 4.58
N GLU G 19 34.51 -40.61 5.15
CA GLU G 19 35.15 -39.39 5.70
C GLU G 19 35.47 -39.60 7.18
N ILE G 20 36.72 -39.91 7.49
CA ILE G 20 37.13 -40.26 8.87
C ILE G 20 38.12 -39.18 9.31
N SER G 21 38.03 -38.74 10.55
CA SER G 21 38.93 -37.68 11.05
C SER G 21 38.81 -37.62 12.55
N PRO G 22 39.91 -37.32 13.26
CA PRO G 22 39.87 -37.09 14.70
C PRO G 22 39.17 -35.76 15.08
N MET G 23 38.93 -34.88 14.12
CA MET G 23 38.05 -33.67 14.25
C MET G 23 36.56 -34.03 14.42
N TRP G 24 36.19 -35.23 13.98
CA TRP G 24 34.89 -35.83 14.34
C TRP G 24 35.10 -37.30 14.69
N PRO G 25 35.64 -37.58 15.90
CA PRO G 25 35.88 -38.93 16.39
C PRO G 25 34.66 -39.84 16.44
N GLY G 26 34.85 -41.12 16.07
CA GLY G 26 33.81 -42.14 16.23
C GLY G 26 32.64 -42.02 15.24
N GLU G 27 32.81 -41.30 14.14
CA GLU G 27 31.77 -41.31 13.10
C GLU G 27 32.35 -41.08 11.73
N ALA G 28 31.55 -41.39 10.73
CA ALA G 28 31.91 -41.18 9.34
C ALA G 28 30.65 -41.16 8.47
N HIS G 29 30.60 -40.21 7.55
CA HIS G 29 29.58 -40.15 6.48
C HIS G 29 30.25 -40.83 5.28
N SER G 30 29.53 -41.71 4.60
CA SER G 30 30.06 -42.50 3.47
C SER G 30 29.17 -42.22 2.28
N LEU G 31 29.79 -42.05 1.14
CA LEU G 31 29.11 -41.90 -0.14
C LEU G 31 29.58 -43.02 -1.08
N LYS G 32 28.63 -43.64 -1.78
CA LYS G 32 28.93 -44.65 -2.80
C LYS G 32 29.61 -43.89 -3.94
N VAL G 33 30.72 -44.43 -4.45
CA VAL G 33 31.49 -43.84 -5.58
C VAL G 33 31.06 -44.52 -6.88
N GLU G 34 30.54 -43.79 -7.87
CA GLU G 34 30.29 -44.31 -9.24
C GLU G 34 31.59 -44.40 -10.03
N LYS G 35 32.50 -43.45 -9.84
CA LYS G 35 33.71 -43.32 -10.69
C LYS G 35 34.67 -42.32 -10.01
N ILE G 36 35.95 -42.64 -9.83
CA ILE G 36 36.95 -41.65 -9.34
C ILE G 36 37.36 -40.82 -10.55
N LEU G 37 37.24 -39.48 -10.50
CA LEU G 37 37.48 -38.65 -11.68
C LEU G 37 38.91 -38.13 -11.64
N PHE G 38 39.52 -37.96 -10.48
CA PHE G 38 40.87 -37.35 -10.41
C PHE G 38 41.43 -37.70 -9.05
N GLN G 39 42.69 -38.10 -9.00
CA GLN G 39 43.55 -38.14 -7.79
C GLN G 39 44.85 -37.45 -8.11
N GLY G 40 45.34 -36.65 -7.17
CA GLY G 40 46.60 -35.89 -7.22
C GLY G 40 47.17 -35.63 -5.82
N LYS G 41 48.46 -35.40 -5.76
CA LYS G 41 49.13 -34.82 -4.59
C LYS G 41 49.81 -33.54 -5.09
N SER G 42 49.22 -32.37 -4.78
CA SER G 42 49.83 -31.02 -4.92
C SER G 42 50.95 -30.89 -3.87
N ASP G 43 51.60 -29.74 -3.80
CA ASP G 43 52.61 -29.46 -2.74
C ASP G 43 51.96 -29.36 -1.36
N TYR G 44 50.63 -29.19 -1.29
CA TYR G 44 49.91 -28.81 -0.04
C TYR G 44 49.09 -29.96 0.56
N GLN G 45 48.53 -30.84 -0.25
CA GLN G 45 47.48 -31.77 0.26
C GLN G 45 47.16 -32.84 -0.77
N ASP G 46 46.41 -33.87 -0.38
CA ASP G 46 45.90 -34.84 -1.37
C ASP G 46 44.55 -34.36 -1.90
N VAL G 47 44.31 -34.53 -3.20
CA VAL G 47 43.08 -34.04 -3.88
C VAL G 47 42.38 -35.19 -4.57
N ILE G 48 41.09 -35.39 -4.32
CA ILE G 48 40.32 -36.41 -5.08
C ILE G 48 39.06 -35.74 -5.58
N VAL G 49 38.66 -36.04 -6.80
CA VAL G 49 37.30 -35.74 -7.32
C VAL G 49 36.63 -37.04 -7.70
N PHE G 50 35.40 -37.26 -7.25
CA PHE G 50 34.68 -38.51 -7.56
C PHE G 50 33.25 -38.19 -7.88
N GLN G 51 32.68 -39.05 -8.70
CA GLN G 51 31.29 -38.95 -9.11
C GLN G 51 30.56 -39.78 -8.07
N SER G 52 29.79 -39.16 -7.20
CA SER G 52 28.95 -39.91 -6.26
C SER G 52 27.70 -40.36 -7.01
N ALA G 53 27.16 -41.50 -6.56
CA ALA G 53 25.81 -42.02 -6.91
C ALA G 53 24.75 -40.92 -6.86
N THR G 54 24.54 -40.25 -5.69
CA THR G 54 23.38 -39.36 -5.44
C THR G 54 23.74 -37.87 -5.19
N TYR G 55 24.99 -37.45 -4.96
CA TYR G 55 25.33 -36.06 -4.56
C TYR G 55 26.13 -35.35 -5.67
N GLY G 56 26.12 -35.92 -6.89
CA GLY G 56 26.90 -35.43 -8.03
C GLY G 56 28.39 -35.53 -7.77
N LYS G 57 29.16 -34.68 -8.39
CA LYS G 57 30.63 -34.62 -8.23
C LYS G 57 30.94 -34.09 -6.83
N VAL G 58 31.98 -34.64 -6.24
CA VAL G 58 32.40 -34.39 -4.85
C VAL G 58 33.87 -34.02 -4.91
N LEU G 59 34.28 -32.99 -4.17
CA LEU G 59 35.70 -32.58 -4.01
C LEU G 59 36.22 -32.91 -2.61
N VAL G 60 37.32 -33.63 -2.53
CA VAL G 60 37.94 -34.12 -1.26
C VAL G 60 39.36 -33.56 -1.20
N LEU G 61 39.74 -33.03 -0.06
CA LEU G 61 41.12 -32.56 0.23
C LEU G 61 41.54 -33.21 1.54
N ASP G 62 42.65 -33.94 1.57
CA ASP G 62 43.17 -34.67 2.77
C ASP G 62 42.07 -35.49 3.41
N GLY G 63 41.20 -36.05 2.59
CA GLY G 63 40.21 -37.04 3.01
C GLY G 63 38.97 -36.39 3.62
N VAL G 64 38.87 -35.06 3.50
CA VAL G 64 37.72 -34.23 4.02
C VAL G 64 36.94 -33.66 2.83
N ILE G 65 35.66 -33.99 2.74
CA ILE G 65 34.69 -33.42 1.76
C ILE G 65 34.69 -31.91 1.88
N GLN G 66 35.01 -31.23 0.79
CA GLN G 66 34.99 -29.75 0.66
C GLN G 66 33.66 -29.29 0.09
N LEU G 67 32.99 -30.10 -0.74
CA LEU G 67 31.74 -29.70 -1.44
C LEU G 67 31.19 -30.87 -2.29
N THR G 68 29.89 -30.84 -2.51
CA THR G 68 29.19 -31.68 -3.50
C THR G 68 28.33 -30.77 -4.36
N GLU G 69 28.09 -31.16 -5.58
CA GLU G 69 27.23 -30.34 -6.45
C GLU G 69 25.83 -30.26 -5.84
N ARG G 70 25.37 -31.26 -5.12
CA ARG G 70 23.95 -31.31 -4.71
C ARG G 70 23.65 -30.25 -3.61
N ASP G 71 24.57 -30.11 -2.64
CA ASP G 71 24.27 -29.38 -1.38
C ASP G 71 25.21 -28.20 -1.23
N GLU G 72 26.08 -27.90 -2.22
CA GLU G 72 27.01 -26.76 -2.00
C GLU G 72 26.24 -25.43 -1.92
N CYS G 73 25.07 -25.30 -2.53
CA CYS G 73 24.27 -24.06 -2.43
C CYS G 73 24.09 -23.61 -0.96
N ALA G 74 23.87 -24.53 -0.03
CA ALA G 74 23.53 -24.17 1.37
C ALA G 74 24.74 -23.56 2.07
N TYR G 75 25.95 -23.92 1.67
CA TYR G 75 27.20 -23.36 2.27
C TYR G 75 27.53 -22.06 1.54
N GLN G 76 27.63 -22.12 0.21
CA GLN G 76 28.15 -21.01 -0.62
C GLN G 76 27.17 -19.83 -0.53
N GLU G 77 25.83 -20.01 -0.56
CA GLU G 77 24.90 -18.87 -0.50
C GLU G 77 24.94 -18.23 0.89
N MET G 78 25.14 -19.03 1.94
CA MET G 78 25.08 -18.55 3.34
C MET G 78 26.38 -17.83 3.68
N ILE G 79 27.53 -18.35 3.30
CA ILE G 79 28.81 -17.66 3.61
C ILE G 79 28.98 -16.33 2.86
N THR G 80 28.26 -16.15 1.76
CA THR G 80 28.39 -14.98 0.88
C THR G 80 27.28 -13.95 1.21
N HIS G 81 26.03 -14.41 1.25
CA HIS G 81 24.87 -13.48 1.34
C HIS G 81 24.66 -13.04 2.79
N LEU G 82 25.03 -13.85 3.77
CA LEU G 82 24.93 -13.34 5.18
C LEU G 82 25.75 -12.06 5.37
N PRO G 83 27.07 -11.99 5.08
CA PRO G 83 27.81 -10.74 5.20
C PRO G 83 27.36 -9.65 4.21
N LEU G 84 27.19 -10.05 2.96
CA LEU G 84 27.08 -9.05 1.87
C LEU G 84 25.68 -8.45 1.81
N CYS G 85 24.62 -9.16 2.23
CA CYS G 85 23.26 -8.54 2.30
C CYS G 85 23.06 -7.79 3.62
N SER G 86 24.00 -7.86 4.55
CA SER G 86 23.90 -7.17 5.86
C SER G 86 24.43 -5.73 5.80
N ILE G 87 25.28 -5.42 4.84
CA ILE G 87 25.89 -4.06 4.70
C ILE G 87 25.45 -3.51 3.36
N SER G 88 25.48 -2.18 3.22
CA SER G 88 25.02 -1.44 2.01
C SER G 88 26.14 -1.34 0.98
N ASN G 89 25.82 -1.61 -0.29
CA ASN G 89 26.76 -1.32 -1.42
C ASN G 89 28.17 -1.81 -1.12
N PRO G 90 28.38 -3.15 -0.88
CA PRO G 90 29.72 -3.67 -0.81
C PRO G 90 30.32 -3.46 -2.22
N LYS G 91 31.56 -2.98 -2.27
CA LYS G 91 32.31 -2.77 -3.54
C LYS G 91 33.54 -3.67 -3.66
N LYS G 92 34.30 -3.79 -2.58
CA LYS G 92 35.61 -4.48 -2.50
C LYS G 92 35.49 -5.67 -1.54
N VAL G 93 35.69 -6.89 -2.07
CA VAL G 93 35.54 -8.20 -1.37
C VAL G 93 36.81 -9.02 -1.50
N LEU G 94 37.36 -9.48 -0.36
CA LEU G 94 38.45 -10.49 -0.32
C LEU G 94 37.86 -11.89 0.00
N VAL G 95 38.10 -12.88 -0.87
CA VAL G 95 37.81 -14.30 -0.61
C VAL G 95 39.11 -15.08 -0.40
N ILE G 96 39.21 -15.80 0.70
CA ILE G 96 40.35 -16.67 1.10
C ILE G 96 39.88 -18.09 1.00
N GLY G 97 40.34 -18.78 -0.03
CA GLY G 97 39.96 -20.16 -0.38
C GLY G 97 39.18 -20.19 -1.71
N GLY G 98 39.60 -21.00 -2.71
CA GLY G 98 38.96 -20.99 -4.05
C GLY G 98 37.82 -21.98 -4.27
N GLY G 99 37.80 -23.11 -3.55
CA GLY G 99 36.85 -24.21 -3.82
C GLY G 99 36.74 -24.48 -5.31
N ASP G 100 35.50 -24.52 -5.78
CA ASP G 100 35.12 -24.77 -7.18
C ASP G 100 34.61 -23.51 -7.88
N GLY G 101 34.85 -22.34 -7.27
CA GLY G 101 34.40 -21.04 -7.79
C GLY G 101 33.00 -20.63 -7.40
N GLY G 102 32.29 -21.47 -6.67
CA GLY G 102 30.86 -21.28 -6.32
C GLY G 102 30.66 -20.10 -5.41
N VAL G 103 31.60 -19.85 -4.49
CA VAL G 103 31.61 -18.62 -3.63
C VAL G 103 31.78 -17.37 -4.49
N LEU G 104 32.78 -17.33 -5.43
CA LEU G 104 32.92 -16.22 -6.40
C LEU G 104 31.64 -16.04 -7.22
N ARG G 105 30.99 -17.10 -7.64
CA ARG G 105 29.71 -16.99 -8.40
C ARG G 105 28.64 -16.24 -7.55
N GLU G 106 28.54 -16.59 -6.26
CA GLU G 106 27.59 -15.93 -5.30
C GLU G 106 27.92 -14.44 -5.12
N VAL G 107 29.17 -14.11 -4.85
CA VAL G 107 29.59 -12.70 -4.66
C VAL G 107 29.17 -11.91 -5.92
N ALA G 108 29.33 -12.50 -7.09
CA ALA G 108 29.10 -11.86 -8.39
C ALA G 108 27.65 -11.46 -8.51
N ARG G 109 26.73 -12.11 -7.78
CA ARG G 109 25.31 -11.73 -7.88
C ARG G 109 25.15 -10.28 -7.39
N HIS G 110 26.10 -9.79 -6.60
CA HIS G 110 26.04 -8.45 -5.97
C HIS G 110 26.44 -7.40 -7.01
N SER G 111 25.47 -6.76 -7.69
CA SER G 111 25.74 -5.79 -8.78
C SER G 111 26.56 -4.60 -8.25
N SER G 112 26.53 -4.30 -6.94
CA SER G 112 27.36 -3.20 -6.36
C SER G 112 28.85 -3.58 -6.34
N VAL G 113 29.19 -4.85 -6.37
CA VAL G 113 30.59 -5.28 -6.13
C VAL G 113 31.43 -4.89 -7.35
N GLU G 114 32.63 -4.35 -7.14
CA GLU G 114 33.47 -3.84 -8.26
C GLU G 114 34.67 -4.75 -8.41
N GLN G 115 35.12 -5.25 -7.29
CA GLN G 115 36.39 -5.94 -7.14
C GLN G 115 36.21 -7.15 -6.21
N ILE G 116 36.57 -8.35 -6.71
CA ILE G 116 36.65 -9.60 -5.90
C ILE G 116 38.08 -10.15 -5.91
N ASP G 117 38.91 -9.86 -4.90
CA ASP G 117 40.25 -10.49 -4.72
C ASP G 117 40.08 -11.89 -4.10
N ILE G 118 40.72 -12.89 -4.70
CA ILE G 118 40.65 -14.25 -4.14
C ILE G 118 42.00 -14.91 -4.10
N CYS G 119 42.31 -15.47 -2.94
CA CYS G 119 43.58 -16.16 -2.67
C CYS G 119 43.33 -17.63 -2.48
N GLU G 120 43.99 -18.43 -3.28
CA GLU G 120 43.93 -19.91 -3.22
C GLU G 120 45.39 -20.34 -3.31
N ILE G 121 45.96 -20.84 -2.22
CA ILE G 121 47.39 -21.20 -2.11
C ILE G 121 47.74 -22.37 -3.05
N ASP G 122 46.76 -23.20 -3.47
CA ASP G 122 46.99 -24.48 -4.20
C ASP G 122 46.41 -24.46 -5.61
N LYS G 123 47.31 -24.41 -6.59
CA LYS G 123 46.91 -24.28 -7.99
C LYS G 123 46.14 -25.52 -8.42
N MET G 124 46.43 -26.67 -7.84
CA MET G 124 45.77 -27.90 -8.32
C MET G 124 44.25 -27.75 -8.06
N VAL G 125 43.92 -27.09 -6.96
CA VAL G 125 42.50 -26.86 -6.54
C VAL G 125 41.81 -26.04 -7.64
N VAL G 126 42.38 -24.91 -8.02
CA VAL G 126 41.80 -24.14 -9.16
C VAL G 126 41.69 -25.02 -10.41
N ASP G 127 42.76 -25.77 -10.75
CA ASP G 127 42.79 -26.52 -12.05
C ASP G 127 41.69 -27.57 -12.01
N VAL G 128 41.68 -28.34 -10.93
CA VAL G 128 40.58 -29.31 -10.70
C VAL G 128 39.22 -28.64 -10.82
N ALA G 129 39.03 -27.47 -10.22
CA ALA G 129 37.72 -26.77 -10.24
C ALA G 129 37.29 -26.62 -11.70
N LYS G 130 38.19 -26.05 -12.48
CA LYS G 130 37.89 -25.61 -13.88
C LYS G 130 37.69 -26.83 -14.78
N GLN G 131 38.45 -27.88 -14.52
CA GLN G 131 38.36 -29.18 -15.23
C GLN G 131 37.06 -29.91 -14.85
N TYR G 132 36.80 -30.12 -13.56
CA TYR G 132 35.79 -31.13 -13.15
C TYR G 132 34.46 -30.47 -12.75
N PHE G 133 34.45 -29.18 -12.40
CA PHE G 133 33.21 -28.41 -12.05
C PHE G 133 33.07 -27.15 -12.93
N PRO G 134 33.12 -27.25 -14.27
CA PRO G 134 33.16 -26.08 -15.14
C PRO G 134 31.94 -25.16 -15.01
N ASN G 135 30.74 -25.73 -14.85
CA ASN G 135 29.48 -24.93 -14.86
C ASN G 135 29.47 -23.94 -13.69
N VAL G 136 30.14 -24.31 -12.61
CA VAL G 136 30.30 -23.49 -11.39
C VAL G 136 31.64 -22.73 -11.43
N ALA G 137 32.70 -23.33 -11.99
CA ALA G 137 34.04 -22.69 -12.05
C ALA G 137 34.05 -21.44 -12.96
N VAL G 138 32.97 -21.17 -13.69
CA VAL G 138 32.80 -19.88 -14.44
C VAL G 138 32.96 -18.71 -13.45
N GLY G 139 32.60 -18.89 -12.19
CA GLY G 139 32.81 -17.93 -11.09
C GLY G 139 34.15 -17.22 -11.19
N TYR G 140 35.19 -17.94 -11.57
CA TYR G 140 36.59 -17.43 -11.67
C TYR G 140 36.75 -16.47 -12.85
N GLU G 141 35.80 -16.52 -13.80
CA GLU G 141 35.85 -15.89 -15.16
C GLU G 141 35.19 -14.50 -15.14
N ASP G 142 34.32 -14.20 -14.17
CA ASP G 142 33.76 -12.82 -13.99
C ASP G 142 34.91 -11.82 -13.99
N PRO G 143 34.81 -10.75 -14.81
CA PRO G 143 35.89 -9.78 -14.96
C PRO G 143 36.29 -9.05 -13.68
N ARG G 144 35.49 -9.11 -12.61
CA ARG G 144 35.80 -8.36 -11.37
C ARG G 144 36.78 -9.17 -10.54
N VAL G 145 37.00 -10.42 -10.95
CA VAL G 145 37.73 -11.44 -10.17
C VAL G 145 39.21 -11.25 -10.43
N ASN G 146 39.98 -11.06 -9.35
CA ASN G 146 41.46 -11.02 -9.34
C ASN G 146 41.91 -12.28 -8.62
N LEU G 147 42.41 -13.29 -9.35
CA LEU G 147 42.88 -14.59 -8.78
C LEU G 147 44.35 -14.50 -8.35
N ILE G 148 44.60 -14.70 -7.08
CA ILE G 148 45.98 -14.78 -6.58
C ILE G 148 46.21 -16.23 -6.16
N ILE G 149 47.27 -16.81 -6.68
CA ILE G 149 47.77 -18.15 -6.22
C ILE G 149 48.86 -17.87 -5.19
N GLY G 150 48.51 -17.62 -3.93
CA GLY G 150 49.48 -17.47 -2.84
C GLY G 150 48.83 -17.62 -1.46
N ASP G 151 49.66 -17.50 -0.41
CA ASP G 151 49.22 -17.53 1.00
C ASP G 151 48.24 -16.35 1.19
N GLY G 152 47.04 -16.61 1.70
CA GLY G 152 46.04 -15.56 1.91
C GLY G 152 46.55 -14.61 2.96
N VAL G 153 47.23 -15.14 3.98
CA VAL G 153 47.83 -14.35 5.10
C VAL G 153 48.78 -13.29 4.52
N ALA G 154 49.78 -13.74 3.77
CA ALA G 154 50.70 -12.87 3.01
C ALA G 154 49.91 -11.78 2.27
N PHE G 155 48.91 -12.18 1.48
CA PHE G 155 48.19 -11.24 0.59
C PHE G 155 47.49 -10.23 1.48
N LEU G 156 46.96 -10.68 2.62
CA LEU G 156 46.32 -9.78 3.61
C LEU G 156 47.34 -8.73 4.08
N LYS G 157 48.60 -9.11 4.34
CA LYS G 157 49.56 -8.11 4.87
C LYS G 157 49.92 -7.08 3.78
N ASN G 158 49.87 -7.44 2.48
CA ASN G 158 50.12 -6.54 1.32
C ASN G 158 48.94 -5.58 1.10
N ALA G 159 47.79 -5.88 1.68
CA ALA G 159 46.53 -5.15 1.45
C ALA G 159 46.63 -3.75 2.07
N ALA G 160 46.06 -2.78 1.39
CA ALA G 160 45.97 -1.39 1.89
C ALA G 160 44.98 -1.40 3.06
N GLU G 161 45.36 -0.83 4.21
CA GLU G 161 44.45 -0.63 5.38
C GLU G 161 43.11 -0.09 4.89
N GLY G 162 42.00 -0.59 5.47
CA GLY G 162 40.67 -0.05 5.18
C GLY G 162 40.31 -0.34 3.73
N THR G 163 40.90 -1.34 3.08
CA THR G 163 40.55 -1.60 1.66
C THR G 163 39.13 -2.22 1.54
N TYR G 164 38.85 -3.27 2.32
CA TYR G 164 37.73 -4.19 2.01
C TYR G 164 36.46 -3.82 2.78
N ASP G 165 35.34 -3.91 2.07
CA ASP G 165 33.95 -3.98 2.55
C ASP G 165 33.72 -5.29 3.30
N ALA G 166 34.33 -6.38 2.85
CA ALA G 166 33.98 -7.73 3.30
C ALA G 166 35.15 -8.67 3.03
N VAL G 167 35.45 -9.52 4.01
CA VAL G 167 36.38 -10.68 3.85
C VAL G 167 35.61 -11.98 4.10
N ILE G 168 35.70 -12.93 3.17
CA ILE G 168 35.04 -14.24 3.29
C ILE G 168 36.11 -15.33 3.35
N VAL G 169 36.16 -16.02 4.50
CA VAL G 169 37.20 -17.02 4.87
C VAL G 169 36.64 -18.43 4.64
N ASP G 170 36.78 -18.88 3.39
CA ASP G 170 36.23 -20.18 2.94
C ASP G 170 37.29 -21.23 3.21
N SER G 171 37.53 -21.57 4.45
CA SER G 171 38.73 -22.34 4.85
C SER G 171 38.35 -23.82 5.00
N SER G 172 39.35 -24.69 4.81
CA SER G 172 39.27 -26.07 5.34
C SER G 172 39.38 -26.00 6.88
N ASP G 173 39.50 -27.17 7.50
CA ASP G 173 39.29 -27.36 8.95
C ASP G 173 40.58 -26.95 9.62
N PRO G 174 40.57 -26.66 10.94
CA PRO G 174 41.75 -26.15 11.63
C PRO G 174 42.74 -27.26 11.96
N ILE G 175 43.37 -27.77 10.89
CA ILE G 175 44.39 -28.85 10.91
C ILE G 175 45.34 -28.55 9.76
N GLY G 176 46.65 -28.74 9.93
CA GLY G 176 47.56 -28.49 8.79
C GLY G 176 47.59 -27.05 8.31
N PRO G 177 47.20 -26.77 7.04
CA PRO G 177 47.35 -25.43 6.45
C PRO G 177 46.48 -24.30 6.99
N ALA G 178 45.18 -24.58 7.12
CA ALA G 178 44.18 -23.56 7.55
C ALA G 178 44.27 -23.30 9.07
N LYS G 179 45.09 -24.00 9.83
CA LYS G 179 45.13 -23.85 11.32
C LYS G 179 45.26 -22.38 11.75
N GLU G 180 46.08 -21.61 11.02
CA GLU G 180 46.45 -20.20 11.29
C GLU G 180 45.23 -19.27 11.05
N LEU G 181 44.32 -19.64 10.14
CA LEU G 181 43.10 -18.85 9.79
C LEU G 181 42.10 -18.73 10.95
N PHE G 182 42.32 -19.43 12.08
CA PHE G 182 41.40 -19.49 13.23
C PHE G 182 42.02 -18.72 14.38
N GLU G 183 43.17 -18.07 14.16
CA GLU G 183 44.01 -17.46 15.24
C GLU G 183 43.99 -15.93 15.23
N LYS G 184 44.27 -15.30 16.38
CA LYS G 184 44.24 -13.83 16.60
C LYS G 184 44.99 -13.06 15.50
N PRO G 185 46.25 -13.39 15.20
CA PRO G 185 47.02 -12.61 14.23
C PRO G 185 46.35 -12.48 12.86
N PHE G 186 45.80 -13.60 12.40
CA PHE G 186 45.02 -13.61 11.16
C PHE G 186 43.82 -12.63 11.30
N PHE G 187 43.02 -12.77 12.35
CA PHE G 187 41.83 -11.92 12.60
C PHE G 187 42.28 -10.47 12.65
N GLU G 188 43.35 -10.15 13.41
CA GLU G 188 43.80 -8.74 13.53
C GLU G 188 44.27 -8.28 12.14
N SER G 189 44.85 -9.17 11.33
CA SER G 189 45.17 -8.85 9.91
C SER G 189 43.89 -8.49 9.13
N VAL G 190 42.83 -9.27 9.33
CA VAL G 190 41.47 -8.99 8.75
C VAL G 190 40.94 -7.64 9.27
N ASN G 191 41.01 -7.43 10.58
CA ASN G 191 40.56 -6.16 11.17
C ASN G 191 41.24 -4.97 10.46
N ARG G 192 42.54 -5.02 10.23
CA ARG G 192 43.26 -3.90 9.57
C ARG G 192 42.79 -3.69 8.13
N ALA G 193 42.56 -4.77 7.39
CA ALA G 193 42.28 -4.71 5.93
C ALA G 193 40.84 -4.25 5.69
N LEU G 194 40.01 -4.36 6.73
CA LEU G 194 38.60 -3.92 6.63
C LEU G 194 38.54 -2.41 6.85
N ARG G 195 37.80 -1.72 5.98
CA ARG G 195 37.30 -0.38 6.34
C ARG G 195 36.66 -0.42 7.74
N PRO G 196 36.42 0.75 8.39
CA PRO G 196 35.58 0.81 9.59
C PRO G 196 34.17 0.28 9.31
N GLY G 197 33.74 -0.59 10.21
CA GLY G 197 32.46 -1.31 10.04
C GLY G 197 32.43 -2.33 8.91
N GLY G 198 33.57 -2.65 8.31
CA GLY G 198 33.60 -3.78 7.37
C GLY G 198 33.32 -5.08 8.08
N VAL G 199 33.05 -6.12 7.30
CA VAL G 199 32.51 -7.43 7.82
C VAL G 199 33.42 -8.56 7.37
N VAL G 200 33.59 -9.52 8.28
CA VAL G 200 34.21 -10.81 8.02
C VAL G 200 33.19 -11.93 8.30
N CYS G 201 33.22 -12.96 7.44
CA CYS G 201 32.43 -14.20 7.59
C CYS G 201 33.39 -15.38 7.37
N THR G 202 33.60 -16.17 8.42
CA THR G 202 34.55 -17.28 8.50
C THR G 202 33.78 -18.59 8.54
N GLN G 203 34.26 -19.62 7.85
CA GLN G 203 33.78 -20.98 8.13
C GLN G 203 34.12 -21.29 9.61
N ALA G 204 33.15 -21.70 10.45
CA ALA G 204 33.38 -21.86 11.91
C ALA G 204 32.71 -23.14 12.45
N GLU G 205 32.70 -24.20 11.63
CA GLU G 205 32.62 -25.61 12.08
C GLU G 205 31.24 -25.97 12.58
N SER G 206 31.12 -27.05 13.35
CA SER G 206 29.77 -27.57 13.73
C SER G 206 29.53 -27.32 15.20
N LEU G 207 28.35 -26.78 15.54
CA LEU G 207 27.94 -26.63 16.94
C LEU G 207 27.89 -27.98 17.61
N TRP G 208 27.40 -29.02 16.96
CA TRP G 208 27.35 -30.40 17.56
C TRP G 208 28.74 -30.91 17.94
N LEU G 209 29.77 -30.68 17.10
CA LEU G 209 31.07 -31.38 17.25
C LEU G 209 32.15 -30.52 17.87
N HIS G 210 32.06 -29.21 17.76
CA HIS G 210 33.23 -28.37 17.99
C HIS G 210 32.92 -27.15 18.89
N MET G 211 32.10 -27.32 19.92
CA MET G 211 31.77 -26.23 20.89
C MET G 211 33.06 -25.66 21.44
N ASP G 212 34.07 -26.46 21.71
CA ASP G 212 35.30 -25.96 22.39
C ASP G 212 36.06 -25.06 21.43
N ILE G 213 36.24 -25.54 20.21
CA ILE G 213 36.91 -24.77 19.15
C ILE G 213 36.14 -23.45 18.94
N ILE G 214 34.81 -23.50 18.88
CA ILE G 214 33.94 -22.37 18.48
C ILE G 214 34.00 -21.27 19.56
N GLU G 215 33.83 -21.66 20.82
CA GLU G 215 34.01 -20.81 22.01
C GLU G 215 35.37 -20.09 21.96
N ASP G 216 36.47 -20.73 21.54
CA ASP G 216 37.78 -20.03 21.43
C ASP G 216 37.74 -18.99 20.29
N ILE G 217 37.20 -19.38 19.14
CA ILE G 217 37.05 -18.47 17.97
C ILE G 217 36.17 -17.26 18.33
N VAL G 218 35.08 -17.47 19.06
CA VAL G 218 34.11 -16.40 19.36
C VAL G 218 34.81 -15.40 20.26
N SER G 219 35.60 -15.88 21.21
CA SER G 219 36.16 -15.02 22.28
C SER G 219 37.35 -14.29 21.66
N ASN G 220 38.04 -14.93 20.74
CA ASN G 220 39.09 -14.24 19.94
C ASN G 220 38.46 -13.14 19.10
N CYS G 221 37.38 -13.46 18.42
CA CYS G 221 36.64 -12.50 17.57
C CYS G 221 36.16 -11.32 18.40
N ARG G 222 35.65 -11.57 19.60
CA ARG G 222 35.16 -10.47 20.48
C ARG G 222 36.32 -9.52 20.85
N ASP G 223 37.55 -10.04 20.99
CA ASP G 223 38.74 -9.23 21.35
C ASP G 223 39.26 -8.48 20.13
N ILE G 224 39.15 -8.98 18.91
CA ILE G 224 39.66 -8.25 17.72
C ILE G 224 38.58 -7.32 17.16
N PHE G 225 37.35 -7.82 16.95
CA PHE G 225 36.27 -7.09 16.27
C PHE G 225 35.37 -6.39 17.31
N LYS G 226 35.53 -5.07 17.40
CA LYS G 226 34.78 -4.24 18.40
C LYS G 226 33.51 -3.65 17.79
N GLY G 227 33.15 -4.02 16.56
CA GLY G 227 31.79 -3.91 16.00
C GLY G 227 30.90 -5.07 16.46
N SER G 228 30.09 -5.66 15.60
CA SER G 228 29.09 -6.72 15.95
C SER G 228 29.77 -8.08 15.81
N VAL G 229 29.50 -9.00 16.73
CA VAL G 229 30.04 -10.37 16.66
C VAL G 229 28.89 -11.35 16.84
N ASN G 230 28.68 -12.17 15.83
CA ASN G 230 27.56 -13.13 15.75
C ASN G 230 27.98 -14.48 15.12
N TYR G 231 27.16 -15.49 15.39
CA TYR G 231 27.36 -16.88 14.94
C TYR G 231 26.07 -17.34 14.23
N ALA G 232 26.16 -17.74 12.95
CA ALA G 232 25.03 -18.35 12.22
C ALA G 232 25.31 -19.82 11.88
N TRP G 233 24.26 -20.60 11.60
CA TRP G 233 24.47 -21.96 11.05
C TRP G 233 23.53 -22.26 9.87
N THR G 234 23.90 -23.32 9.13
CA THR G 234 23.19 -23.78 7.90
C THR G 234 23.31 -25.33 7.78
N SER G 235 22.33 -25.95 7.12
CA SER G 235 22.19 -27.38 6.83
C SER G 235 23.05 -27.67 5.62
N VAL G 236 24.00 -28.57 5.76
CA VAL G 236 24.79 -29.13 4.62
C VAL G 236 24.96 -30.59 4.92
N PRO G 237 24.08 -31.40 4.32
CA PRO G 237 24.06 -32.85 4.59
C PRO G 237 25.44 -33.52 4.49
N THR G 238 26.32 -33.04 3.59
CA THR G 238 27.61 -33.75 3.37
C THR G 238 28.75 -33.11 4.17
N TYR G 239 28.47 -32.24 5.14
CA TYR G 239 29.52 -31.84 6.12
C TYR G 239 29.23 -32.63 7.37
N PRO G 240 30.25 -32.81 8.23
CA PRO G 240 30.13 -33.65 9.42
C PRO G 240 29.11 -33.06 10.39
N SER G 241 28.16 -33.90 10.82
CA SER G 241 26.99 -33.66 11.73
C SER G 241 25.81 -33.06 10.96
N GLY G 242 25.99 -32.72 9.68
CA GLY G 242 24.90 -32.18 8.84
C GLY G 242 24.74 -30.67 8.91
N VAL G 243 25.52 -29.97 9.73
CA VAL G 243 25.50 -28.49 9.79
C VAL G 243 26.93 -27.96 9.85
N ILE G 244 27.05 -26.71 9.46
CA ILE G 244 28.29 -25.93 9.61
C ILE G 244 27.86 -24.50 9.93
N GLY G 245 28.74 -23.76 10.60
CA GLY G 245 28.43 -22.39 10.98
C GLY G 245 29.49 -21.43 10.64
N PHE G 246 29.20 -20.15 10.89
CA PHE G 246 29.95 -19.00 10.40
C PHE G 246 30.08 -17.97 11.51
N MET G 247 31.31 -17.43 11.68
CA MET G 247 31.44 -16.15 12.44
C MET G 247 31.01 -15.05 11.48
N LEU G 248 30.35 -14.04 12.02
CA LEU G 248 30.07 -12.78 11.31
C LEU G 248 30.52 -11.68 12.28
N CYS G 249 31.54 -10.90 11.91
CA CYS G 249 32.08 -9.81 12.74
C CYS G 249 32.21 -8.57 11.90
N SER G 250 31.90 -7.44 12.48
CA SER G 250 32.20 -6.11 11.93
C SER G 250 33.31 -5.46 12.80
N SER G 251 34.17 -4.72 12.14
CA SER G 251 35.21 -3.87 12.77
C SER G 251 34.49 -2.65 13.34
N GLU G 252 35.14 -2.00 14.30
CA GLU G 252 34.70 -0.77 14.94
C GLU G 252 34.43 0.22 13.81
N GLY G 253 33.25 0.87 13.86
CA GLY G 253 32.81 1.83 12.83
C GLY G 253 31.30 1.90 12.85
N PRO G 254 30.67 2.15 11.69
CA PRO G 254 29.22 2.23 11.63
C PRO G 254 28.54 0.96 12.16
N GLN G 255 27.26 1.10 12.50
CA GLN G 255 26.46 -0.02 13.04
C GLN G 255 26.34 -1.08 11.93
N VAL G 256 26.60 -2.34 12.27
CA VAL G 256 26.22 -3.45 11.36
C VAL G 256 25.23 -4.35 12.09
N ASP G 257 24.15 -4.66 11.43
CA ASP G 257 23.15 -5.62 11.97
C ASP G 257 23.17 -6.81 11.05
N PHE G 258 23.76 -7.92 11.51
CA PHE G 258 23.80 -9.21 10.77
C PHE G 258 22.42 -9.94 10.78
N LYS G 259 21.53 -9.64 11.72
CA LYS G 259 20.28 -10.43 11.94
C LYS G 259 19.27 -10.34 10.78
N LYS G 260 19.36 -9.30 9.97
CA LYS G 260 18.43 -9.01 8.88
C LYS G 260 19.23 -8.44 7.73
N PRO G 261 18.80 -8.71 6.48
CA PRO G 261 19.37 -8.11 5.29
C PRO G 261 18.91 -6.67 5.13
N VAL G 262 19.75 -5.84 4.57
CA VAL G 262 19.40 -4.44 4.18
C VAL G 262 18.58 -4.53 2.90
N SER G 263 18.93 -5.53 2.06
CA SER G 263 18.83 -5.67 0.55
C SER G 263 18.41 -7.10 0.18
N LEU G 264 17.59 -7.24 -0.89
CA LEU G 264 17.19 -8.55 -1.51
C LEU G 264 18.22 -8.92 -2.61
N ILE G 265 18.50 -10.23 -2.81
CA ILE G 265 19.39 -10.72 -3.91
C ILE G 265 18.84 -12.04 -4.47
N CYS G 276 20.43 -17.98 -12.79
CA CYS G 276 19.92 -19.15 -12.02
C CYS G 276 19.59 -18.73 -10.60
N PRO G 277 18.34 -18.93 -10.13
CA PRO G 277 17.96 -18.48 -8.80
C PRO G 277 18.79 -19.10 -7.66
N LEU G 278 18.79 -18.39 -6.53
CA LEU G 278 19.25 -18.84 -5.21
C LEU G 278 18.49 -20.12 -4.85
N LYS G 279 19.17 -21.12 -4.36
CA LYS G 279 18.49 -22.41 -4.09
C LYS G 279 18.19 -22.50 -2.59
N TYR G 280 18.92 -21.75 -1.78
CA TYR G 280 18.87 -21.84 -0.30
C TYR G 280 18.53 -20.49 0.33
N TYR G 281 19.45 -19.53 0.26
CA TYR G 281 19.38 -18.22 0.95
C TYR G 281 18.10 -17.50 0.56
N ASN G 282 17.51 -16.80 1.52
CA ASN G 282 16.43 -15.82 1.34
C ASN G 282 16.40 -14.99 2.61
N ALA G 283 15.55 -13.97 2.67
CA ALA G 283 15.53 -13.02 3.77
C ALA G 283 15.09 -13.71 5.03
N GLU G 284 14.12 -14.63 4.95
CA GLU G 284 13.65 -15.35 6.16
C GLU G 284 14.76 -16.24 6.73
N ILE G 285 15.45 -17.00 5.89
CA ILE G 285 16.50 -17.94 6.39
C ILE G 285 17.71 -17.09 6.89
N HIS G 286 17.91 -15.87 6.36
CA HIS G 286 18.96 -14.96 6.87
C HIS G 286 18.78 -14.82 8.39
N SER G 287 17.59 -14.45 8.88
CA SER G 287 17.38 -14.19 10.32
C SER G 287 17.39 -15.51 11.05
N ALA G 288 16.76 -16.52 10.47
CA ALA G 288 16.63 -17.84 11.12
C ALA G 288 17.99 -18.45 11.43
N ALA G 289 19.00 -18.20 10.60
CA ALA G 289 20.32 -18.83 10.73
C ALA G 289 21.00 -18.42 12.03
N PHE G 290 20.54 -17.36 12.72
CA PHE G 290 21.18 -16.86 13.97
C PHE G 290 20.43 -17.43 15.19
N CYS G 291 19.41 -18.29 15.02
CA CYS G 291 18.62 -18.83 16.14
C CYS G 291 19.18 -20.21 16.48
N LEU G 292 20.02 -20.27 17.50
CA LEU G 292 20.81 -21.45 17.78
C LEU G 292 20.11 -22.32 18.81
N PRO G 293 20.45 -23.62 18.85
CA PRO G 293 19.97 -24.51 19.88
C PRO G 293 20.46 -24.05 21.26
N SER G 294 19.74 -24.39 22.33
CA SER G 294 20.04 -23.90 23.69
C SER G 294 21.45 -24.27 24.18
N PHE G 295 21.99 -25.46 23.85
CA PHE G 295 23.36 -25.83 24.27
C PHE G 295 24.34 -24.82 23.64
N ALA G 296 24.10 -24.37 22.42
CA ALA G 296 25.03 -23.38 21.83
C ALA G 296 24.78 -22.00 22.43
N LYS G 297 23.53 -21.58 22.52
CA LYS G 297 23.15 -20.21 22.94
C LYS G 297 23.92 -19.86 24.20
N LYS G 298 23.80 -20.72 25.21
CA LYS G 298 24.30 -20.44 26.57
C LYS G 298 25.78 -20.02 26.42
N VAL G 299 26.54 -20.84 25.73
CA VAL G 299 28.03 -20.71 25.58
C VAL G 299 28.36 -19.42 24.81
N ILE G 300 27.62 -19.12 23.74
CA ILE G 300 28.06 -18.16 22.69
C ILE G 300 27.77 -16.70 23.07
N ASP G 301 26.70 -16.42 23.81
CA ASP G 301 26.24 -15.04 24.15
C ASP G 301 27.03 -14.33 25.28
N SER G 302 28.21 -14.83 25.67
CA SER G 302 29.08 -14.28 26.74
C SER G 302 30.53 -14.67 26.44
N MET H 9 19.79 -53.97 5.14
CA MET H 9 20.72 -53.02 4.41
C MET H 9 21.83 -52.50 5.34
N SER H 10 21.49 -52.00 6.54
CA SER H 10 22.44 -51.67 7.64
C SER H 10 23.36 -52.87 7.94
N SER H 11 24.57 -52.61 8.42
CA SER H 11 25.69 -53.60 8.53
C SER H 11 26.58 -53.25 9.72
N ILE H 12 27.15 -54.32 10.24
CA ILE H 12 28.16 -54.23 11.30
C ILE H 12 29.42 -54.87 10.71
N ILE H 13 30.56 -54.23 10.98
CA ILE H 13 31.94 -54.76 10.74
C ILE H 13 32.66 -54.52 12.05
N PRO H 14 33.82 -55.17 12.30
CA PRO H 14 34.51 -54.96 13.58
C PRO H 14 34.63 -53.46 13.83
N GLY H 15 34.15 -53.07 15.03
CA GLY H 15 34.18 -51.70 15.59
C GLY H 15 33.09 -50.72 15.07
N TRP H 16 32.31 -51.03 14.01
CA TRP H 16 31.46 -49.99 13.34
C TRP H 16 30.08 -50.51 12.94
N PHE H 17 29.08 -49.67 13.24
CA PHE H 17 27.71 -49.89 12.72
C PHE H 17 27.50 -48.87 11.60
N SER H 18 26.92 -49.31 10.48
CA SER H 18 26.59 -48.48 9.31
C SER H 18 25.11 -48.59 8.95
N GLU H 19 24.34 -47.51 9.18
CA GLU H 19 22.94 -47.37 8.71
C GLU H 19 22.93 -46.99 7.23
N ILE H 20 22.27 -47.78 6.41
CA ILE H 20 21.92 -47.41 5.01
C ILE H 20 20.39 -47.47 4.94
N SER H 21 19.78 -46.33 4.69
CA SER H 21 18.32 -46.10 4.65
C SER H 21 17.86 -46.34 3.22
N PRO H 22 16.76 -47.07 2.97
CA PRO H 22 16.36 -47.42 1.60
C PRO H 22 15.95 -46.16 0.82
N MET H 23 15.42 -45.14 1.50
CA MET H 23 15.01 -43.85 0.88
C MET H 23 16.26 -43.01 0.53
N TRP H 24 17.42 -43.35 1.07
CA TRP H 24 18.67 -42.63 0.81
C TRP H 24 19.78 -43.57 0.32
N PRO H 25 19.71 -44.01 -0.95
CA PRO H 25 20.73 -44.90 -1.52
C PRO H 25 22.09 -44.21 -1.70
N GLY H 26 23.17 -44.96 -1.55
CA GLY H 26 24.51 -44.48 -1.89
C GLY H 26 25.07 -43.54 -0.84
N GLU H 27 24.39 -43.47 0.30
CA GLU H 27 25.02 -42.81 1.46
C GLU H 27 24.82 -43.64 2.72
N ALA H 28 25.68 -43.39 3.68
CA ALA H 28 25.59 -43.99 5.01
C ALA H 28 26.16 -43.07 6.08
N HIS H 29 25.65 -43.20 7.27
CA HIS H 29 26.19 -42.62 8.53
CA HIS H 29 26.21 -42.63 8.53
C HIS H 29 26.74 -43.79 9.38
N SER H 30 28.03 -43.79 9.71
CA SER H 30 28.62 -44.88 10.53
C SER H 30 28.96 -44.33 11.90
N LEU H 31 28.76 -45.15 12.91
CA LEU H 31 29.15 -44.88 14.31
C LEU H 31 30.13 -45.94 14.75
N LYS H 32 31.20 -45.52 15.40
CA LYS H 32 32.16 -46.41 16.11
C LYS H 32 31.39 -46.99 17.30
N VAL H 33 31.47 -48.34 17.47
CA VAL H 33 30.76 -49.13 18.50
C VAL H 33 31.80 -49.68 19.48
N GLU H 34 31.71 -49.37 20.78
CA GLU H 34 32.57 -49.94 21.86
C GLU H 34 32.03 -51.33 22.23
N LYS H 35 30.72 -51.47 22.40
CA LYS H 35 30.14 -52.71 22.99
C LYS H 35 28.65 -52.82 22.60
N ILE H 36 28.24 -53.98 22.11
CA ILE H 36 26.80 -54.30 21.98
C ILE H 36 26.27 -54.63 23.38
N LEU H 37 25.16 -54.02 23.80
CA LEU H 37 24.63 -54.11 25.18
C LEU H 37 23.43 -55.03 25.25
N PHE H 38 22.70 -55.20 24.16
CA PHE H 38 21.43 -55.96 24.13
C PHE H 38 21.05 -56.22 22.68
N GLN H 39 20.52 -57.42 22.44
CA GLN H 39 19.92 -57.87 21.17
C GLN H 39 18.74 -58.79 21.50
N GLY H 40 17.60 -58.54 20.86
CA GLY H 40 16.38 -59.34 20.94
C GLY H 40 15.58 -59.17 19.67
N LYS H 41 14.67 -60.10 19.45
CA LYS H 41 13.49 -59.93 18.60
C LYS H 41 12.32 -59.93 19.59
N SER H 42 11.49 -58.90 19.53
CA SER H 42 10.10 -58.93 20.02
C SER H 42 9.24 -59.57 18.92
N ASP H 43 7.98 -59.71 19.27
CA ASP H 43 6.87 -60.04 18.34
C ASP H 43 6.89 -59.07 17.15
N TYR H 44 7.44 -57.86 17.29
CA TYR H 44 7.24 -56.74 16.34
C TYR H 44 8.49 -56.48 15.50
N GLN H 45 9.68 -56.48 16.09
CA GLN H 45 10.91 -56.01 15.37
C GLN H 45 12.22 -56.48 16.04
N ASP H 46 13.34 -56.23 15.36
CA ASP H 46 14.73 -56.48 15.85
C ASP H 46 15.26 -55.27 16.65
N VAL H 47 15.59 -55.51 17.91
CA VAL H 47 16.07 -54.49 18.88
C VAL H 47 17.57 -54.71 19.09
N ILE H 48 18.36 -53.66 18.87
CA ILE H 48 19.80 -53.62 19.25
C ILE H 48 19.99 -52.39 20.12
N VAL H 49 20.78 -52.53 21.16
CA VAL H 49 21.27 -51.38 21.94
C VAL H 49 22.78 -51.51 21.92
N PHE H 50 23.50 -50.46 21.51
CA PHE H 50 24.96 -50.52 21.64
C PHE H 50 25.48 -49.32 22.37
N GLN H 51 26.66 -49.52 22.94
CA GLN H 51 27.46 -48.41 23.51
C GLN H 51 28.31 -47.87 22.37
N SER H 52 27.98 -46.68 21.83
CA SER H 52 28.77 -46.06 20.74
C SER H 52 30.01 -45.43 21.38
N ALA H 53 31.08 -45.16 20.66
CA ALA H 53 32.27 -44.46 21.20
C ALA H 53 31.91 -43.00 21.52
N THR H 54 31.23 -42.28 20.62
CA THR H 54 31.12 -40.80 20.77
C THR H 54 29.69 -40.28 20.79
N TYR H 55 28.68 -41.14 20.64
CA TYR H 55 27.26 -40.73 20.59
C TYR H 55 26.47 -41.31 21.75
N GLY H 56 27.16 -41.89 22.74
CA GLY H 56 26.56 -42.63 23.88
C GLY H 56 25.83 -43.88 23.42
N LYS H 57 24.79 -44.23 24.14
CA LYS H 57 24.00 -45.44 23.83
C LYS H 57 23.07 -45.14 22.69
N VAL H 58 22.86 -46.15 21.87
CA VAL H 58 22.13 -46.05 20.59
C VAL H 58 21.09 -47.17 20.56
N LEU H 59 19.87 -46.84 20.16
CA LEU H 59 18.75 -47.79 20.02
C LEU H 59 18.50 -47.95 18.53
N VAL H 60 18.46 -49.19 18.05
CA VAL H 60 18.33 -49.55 16.62
C VAL H 60 17.12 -50.50 16.53
N LEU H 61 16.23 -50.23 15.56
CA LEU H 61 15.03 -51.05 15.29
C LEU H 61 15.03 -51.39 13.79
N ASP H 62 15.06 -52.68 13.49
CA ASP H 62 15.22 -53.21 12.12
C ASP H 62 16.31 -52.39 11.44
N GLY H 63 17.44 -52.19 12.10
CA GLY H 63 18.64 -51.55 11.51
C GLY H 63 18.55 -50.03 11.36
N VAL H 64 17.47 -49.39 11.87
CA VAL H 64 17.28 -47.91 11.77
C VAL H 64 17.75 -47.32 13.11
N ILE H 65 18.66 -46.38 13.12
CA ILE H 65 18.89 -45.64 14.39
C ILE H 65 17.58 -44.92 14.72
N GLN H 66 16.97 -45.29 15.83
CA GLN H 66 15.80 -44.62 16.43
C GLN H 66 16.34 -43.39 17.15
N LEU H 67 17.45 -43.52 17.87
CA LEU H 67 17.97 -42.39 18.70
C LEU H 67 19.39 -42.71 19.18
N THR H 68 20.10 -41.65 19.60
CA THR H 68 21.33 -41.67 20.39
C THR H 68 21.23 -40.73 21.58
N GLU H 69 21.96 -41.06 22.64
CA GLU H 69 21.97 -40.17 23.82
C GLU H 69 22.43 -38.77 23.44
N ARG H 70 23.38 -38.65 22.49
CA ARG H 70 24.01 -37.34 22.15
C ARG H 70 23.03 -36.44 21.41
N ASP H 71 22.27 -36.95 20.44
CA ASP H 71 21.47 -36.01 19.65
C ASP H 71 19.96 -36.23 19.84
N GLU H 72 19.53 -37.09 20.74
CA GLU H 72 18.06 -37.38 20.77
C GLU H 72 17.30 -36.10 21.20
N CYS H 73 17.94 -35.22 21.95
CA CYS H 73 17.32 -33.95 22.47
C CYS H 73 16.73 -33.14 21.31
N ALA H 74 17.40 -33.15 20.16
CA ALA H 74 16.96 -32.25 19.06
C ALA H 74 15.57 -32.69 18.60
N TYR H 75 15.41 -33.97 18.40
CA TYR H 75 14.16 -34.62 17.89
C TYR H 75 13.05 -34.53 18.95
N GLN H 76 13.38 -34.93 20.18
CA GLN H 76 12.42 -35.09 21.30
C GLN H 76 11.96 -33.71 21.79
N GLU H 77 12.84 -32.71 21.88
CA GLU H 77 12.46 -31.35 22.35
C GLU H 77 11.64 -30.64 21.27
N MET H 78 12.04 -30.76 19.99
CA MET H 78 11.30 -30.05 18.92
C MET H 78 9.95 -30.71 18.71
N ILE H 79 9.86 -32.02 18.65
CA ILE H 79 8.55 -32.67 18.35
C ILE H 79 7.55 -32.37 19.49
N THR H 80 8.02 -32.12 20.71
CA THR H 80 7.22 -31.95 21.94
C THR H 80 6.77 -30.45 22.06
N HIS H 81 7.75 -29.55 22.07
CA HIS H 81 7.59 -28.12 22.40
C HIS H 81 7.09 -27.38 21.17
N LEU H 82 7.38 -27.80 19.95
CA LEU H 82 6.79 -27.09 18.81
C LEU H 82 5.27 -27.07 18.99
N PRO H 83 4.57 -28.19 19.22
CA PRO H 83 3.11 -28.16 19.43
C PRO H 83 2.75 -27.63 20.84
N LEU H 84 3.35 -28.13 21.91
CA LEU H 84 2.85 -27.81 23.27
C LEU H 84 2.99 -26.30 23.55
N CYS H 85 3.98 -25.62 22.93
CA CYS H 85 4.21 -24.17 23.17
C CYS H 85 3.33 -23.30 22.25
N SER H 86 2.61 -23.92 21.32
CA SER H 86 1.78 -23.23 20.30
C SER H 86 0.29 -23.13 20.80
N ILE H 87 -0.04 -23.70 21.96
CA ILE H 87 -1.40 -23.68 22.58
C ILE H 87 -1.21 -23.39 24.06
N SER H 88 -2.22 -22.71 24.64
CA SER H 88 -2.25 -22.23 26.03
C SER H 88 -2.63 -23.41 26.92
N ASN H 89 -1.88 -23.57 28.00
CA ASN H 89 -2.29 -24.47 29.10
C ASN H 89 -2.74 -25.86 28.61
N PRO H 90 -1.94 -26.61 27.82
CA PRO H 90 -2.28 -27.99 27.50
C PRO H 90 -2.44 -28.80 28.81
N LYS H 91 -3.51 -29.58 28.88
CA LYS H 91 -3.89 -30.40 30.07
C LYS H 91 -3.81 -31.90 29.70
N LYS H 92 -4.35 -32.27 28.52
CA LYS H 92 -4.45 -33.67 28.07
C LYS H 92 -3.70 -33.90 26.74
N VAL H 93 -2.74 -34.82 26.78
CA VAL H 93 -1.75 -35.07 25.68
C VAL H 93 -1.77 -36.58 25.40
N LEU H 94 -1.98 -36.98 24.13
CA LEU H 94 -1.69 -38.34 23.62
C LEU H 94 -0.29 -38.46 22.94
N VAL H 95 0.58 -39.40 23.33
CA VAL H 95 1.85 -39.65 22.60
C VAL H 95 1.75 -41.04 21.97
N ILE H 96 1.99 -41.15 20.66
CA ILE H 96 2.03 -42.45 19.94
C ILE H 96 3.50 -42.85 19.80
N GLY H 97 3.94 -43.87 20.51
CA GLY H 97 5.31 -44.41 20.42
C GLY H 97 6.06 -43.96 21.65
N GLY H 98 6.75 -44.89 22.27
CA GLY H 98 7.33 -44.67 23.61
C GLY H 98 8.80 -44.31 23.54
N GLY H 99 9.52 -44.81 22.53
CA GLY H 99 11.00 -44.81 22.46
C GLY H 99 11.58 -45.06 23.85
N ASP H 100 12.55 -44.26 24.25
CA ASP H 100 13.27 -44.40 25.54
C ASP H 100 12.60 -43.60 26.69
N GLY H 101 11.43 -43.02 26.44
CA GLY H 101 10.84 -42.13 27.45
C GLY H 101 11.11 -40.66 27.23
N GLY H 102 12.00 -40.30 26.30
CA GLY H 102 12.42 -38.90 26.05
C GLY H 102 11.27 -37.95 25.73
N VAL H 103 10.36 -38.32 24.84
CA VAL H 103 9.19 -37.46 24.51
C VAL H 103 8.40 -37.25 25.80
N LEU H 104 8.11 -38.36 26.53
CA LEU H 104 7.27 -38.30 27.75
C LEU H 104 7.95 -37.38 28.74
N ARG H 105 9.28 -37.48 28.85
CA ARG H 105 10.03 -36.55 29.74
C ARG H 105 9.76 -35.09 29.31
N GLU H 106 9.70 -34.77 28.00
CA GLU H 106 9.61 -33.38 27.48
C GLU H 106 8.19 -32.85 27.81
N VAL H 107 7.17 -33.69 27.59
CA VAL H 107 5.75 -33.29 27.85
C VAL H 107 5.61 -32.83 29.32
N ALA H 108 6.29 -33.55 30.23
CA ALA H 108 6.19 -33.47 31.71
C ALA H 108 6.69 -32.11 32.20
N ARG H 109 7.53 -31.43 31.42
CA ARG H 109 7.98 -30.07 31.82
C ARG H 109 6.75 -29.15 31.87
N HIS H 110 5.71 -29.46 31.09
CA HIS H 110 4.50 -28.63 30.89
C HIS H 110 3.62 -28.77 32.15
N SER H 111 3.66 -27.81 33.09
CA SER H 111 3.04 -27.94 34.44
C SER H 111 1.52 -27.87 34.31
N SER H 112 0.97 -27.30 33.22
CA SER H 112 -0.48 -27.33 32.93
C SER H 112 -0.93 -28.76 32.69
N VAL H 113 -0.06 -29.62 32.18
CA VAL H 113 -0.49 -30.98 31.72
C VAL H 113 -0.99 -31.78 32.93
N GLU H 114 -2.11 -32.49 32.77
CA GLU H 114 -2.70 -33.31 33.87
C GLU H 114 -2.66 -34.79 33.54
N GLN H 115 -2.91 -35.13 32.28
CA GLN H 115 -2.99 -36.53 31.81
C GLN H 115 -2.04 -36.68 30.57
N ILE H 116 -1.18 -37.68 30.54
CA ILE H 116 -0.40 -38.03 29.30
C ILE H 116 -0.69 -39.49 28.97
N ASP H 117 -1.48 -39.75 27.94
CA ASP H 117 -1.70 -41.12 27.45
C ASP H 117 -0.57 -41.42 26.48
N ILE H 118 0.08 -42.56 26.68
CA ILE H 118 1.12 -42.97 25.70
C ILE H 118 0.87 -44.40 25.29
N CYS H 119 0.73 -44.62 23.99
CA CYS H 119 0.66 -45.98 23.42
C CYS H 119 2.05 -46.40 22.92
N GLU H 120 2.55 -47.52 23.44
CA GLU H 120 3.72 -48.24 22.86
C GLU H 120 3.29 -49.67 22.57
N ILE H 121 3.36 -50.05 21.29
CA ILE H 121 2.82 -51.34 20.81
C ILE H 121 3.76 -52.44 21.32
N ASP H 122 5.08 -52.24 21.28
CA ASP H 122 6.07 -53.30 21.61
C ASP H 122 6.59 -53.19 23.05
N LYS H 123 6.21 -54.11 23.92
CA LYS H 123 6.61 -54.06 25.34
C LYS H 123 8.14 -54.14 25.49
N MET H 124 8.84 -54.75 24.54
CA MET H 124 10.33 -54.85 24.64
C MET H 124 10.94 -53.43 24.67
N VAL H 125 10.44 -52.56 23.79
CA VAL H 125 10.90 -51.13 23.72
C VAL H 125 10.85 -50.53 25.14
N VAL H 126 9.73 -50.74 25.83
CA VAL H 126 9.58 -50.12 27.17
C VAL H 126 10.66 -50.71 28.09
N ASP H 127 10.80 -52.05 28.01
CA ASP H 127 11.73 -52.81 28.89
C ASP H 127 13.15 -52.38 28.57
N VAL H 128 13.48 -52.33 27.29
CA VAL H 128 14.85 -51.89 26.85
C VAL H 128 15.13 -50.47 27.37
N ALA H 129 14.18 -49.55 27.17
CA ALA H 129 14.23 -48.18 27.72
C ALA H 129 14.55 -48.22 29.21
N LYS H 130 13.77 -48.99 29.99
CA LYS H 130 13.93 -49.01 31.47
C LYS H 130 15.28 -49.64 31.82
N GLN H 131 15.74 -50.65 31.07
CA GLN H 131 17.02 -51.34 31.39
C GLN H 131 18.24 -50.50 30.96
N TYR H 132 18.32 -50.00 29.73
CA TYR H 132 19.59 -49.39 29.19
C TYR H 132 19.54 -47.86 29.06
N PHE H 133 18.37 -47.21 29.21
CA PHE H 133 18.22 -45.74 29.18
C PHE H 133 17.52 -45.24 30.46
N PRO H 134 17.88 -45.76 31.66
CA PRO H 134 17.08 -45.47 32.87
C PRO H 134 16.87 -43.97 33.22
N ASN H 135 17.86 -43.14 32.92
CA ASN H 135 17.80 -41.70 33.25
C ASN H 135 16.76 -41.00 32.39
N VAL H 136 16.45 -41.53 31.21
CA VAL H 136 15.46 -40.94 30.24
C VAL H 136 14.14 -41.67 30.42
N ALA H 137 14.22 -42.96 30.66
CA ALA H 137 13.10 -43.88 31.00
C ALA H 137 12.21 -43.35 32.14
N VAL H 138 12.71 -42.46 33.00
CA VAL H 138 11.91 -41.85 34.11
C VAL H 138 10.73 -41.09 33.50
N GLY H 139 10.84 -40.63 32.26
CA GLY H 139 9.65 -40.16 31.51
C GLY H 139 8.40 -41.05 31.69
N TYR H 140 8.55 -42.37 31.70
CA TYR H 140 7.42 -43.35 31.79
C TYR H 140 6.75 -43.31 33.16
N GLU H 141 7.45 -42.75 34.15
CA GLU H 141 7.15 -42.88 35.60
C GLU H 141 6.55 -41.61 36.19
N ASP H 142 6.42 -40.53 35.42
CA ASP H 142 5.76 -39.30 35.96
C ASP H 142 4.35 -39.72 36.34
N PRO H 143 3.82 -39.29 37.52
CA PRO H 143 2.52 -39.77 37.99
C PRO H 143 1.36 -39.47 37.02
N ARG H 144 1.55 -38.55 36.08
CA ARG H 144 0.47 -38.22 35.12
C ARG H 144 0.48 -39.21 33.98
N VAL H 145 1.47 -40.10 33.92
CA VAL H 145 1.67 -40.94 32.71
C VAL H 145 0.76 -42.16 32.78
N ASN H 146 -0.02 -42.37 31.73
CA ASN H 146 -0.92 -43.54 31.60
C ASN H 146 -0.40 -44.32 30.44
N LEU H 147 0.37 -45.39 30.72
CA LEU H 147 1.13 -46.25 29.77
C LEU H 147 0.23 -47.38 29.25
N ILE H 148 -0.13 -47.32 27.99
CA ILE H 148 -0.96 -48.32 27.28
C ILE H 148 -0.04 -49.14 26.38
N ILE H 149 0.06 -50.47 26.58
CA ILE H 149 0.77 -51.38 25.62
C ILE H 149 -0.21 -51.80 24.52
N GLY H 150 -0.20 -51.17 23.34
CA GLY H 150 -1.06 -51.61 22.23
C GLY H 150 -0.86 -50.77 20.99
N ASP H 151 -1.61 -51.10 19.93
CA ASP H 151 -1.65 -50.25 18.70
C ASP H 151 -2.29 -48.90 19.08
N GLY H 152 -1.54 -47.82 18.87
CA GLY H 152 -2.00 -46.43 18.97
C GLY H 152 -3.10 -46.13 17.97
N VAL H 153 -3.18 -46.85 16.85
CA VAL H 153 -4.25 -46.67 15.80
C VAL H 153 -5.61 -47.05 16.40
N ALA H 154 -5.67 -48.25 16.98
CA ALA H 154 -6.87 -48.76 17.64
C ALA H 154 -7.24 -47.79 18.76
N PHE H 155 -6.26 -47.30 19.53
CA PHE H 155 -6.52 -46.46 20.73
C PHE H 155 -7.15 -45.15 20.28
N LEU H 156 -6.64 -44.64 19.17
CA LEU H 156 -7.12 -43.37 18.56
C LEU H 156 -8.53 -43.56 17.98
N LYS H 157 -8.76 -44.67 17.27
CA LYS H 157 -10.11 -45.10 16.81
C LYS H 157 -11.17 -44.95 17.93
N ASN H 158 -10.84 -45.30 19.16
CA ASN H 158 -11.75 -45.46 20.33
C ASN H 158 -11.64 -44.31 21.32
N ALA H 159 -10.73 -43.35 21.05
CA ALA H 159 -10.48 -42.18 21.91
C ALA H 159 -11.76 -41.37 22.07
N ALA H 160 -11.87 -40.74 23.23
CA ALA H 160 -12.98 -39.86 23.63
C ALA H 160 -12.86 -38.55 22.82
N GLU H 161 -13.85 -38.33 21.95
CA GLU H 161 -13.86 -37.28 20.92
C GLU H 161 -13.63 -35.91 21.60
N GLY H 162 -12.71 -35.12 21.04
CA GLY H 162 -12.60 -33.71 21.37
C GLY H 162 -12.05 -33.47 22.76
N THR H 163 -11.28 -34.41 23.32
CA THR H 163 -10.77 -34.34 24.73
C THR H 163 -9.25 -34.03 24.80
N TYR H 164 -8.52 -34.13 23.68
CA TYR H 164 -7.04 -33.96 23.70
C TYR H 164 -6.74 -32.57 23.15
N ASP H 165 -5.91 -31.86 23.91
CA ASP H 165 -5.21 -30.62 23.54
C ASP H 165 -4.15 -30.90 22.46
N ALA H 166 -3.41 -32.02 22.56
CA ALA H 166 -2.27 -32.32 21.66
C ALA H 166 -2.11 -33.84 21.50
N VAL H 167 -1.78 -34.22 20.25
CA VAL H 167 -1.33 -35.57 19.83
C VAL H 167 0.11 -35.46 19.30
N ILE H 168 1.09 -36.16 19.88
CA ILE H 168 2.47 -36.21 19.34
C ILE H 168 2.66 -37.62 18.75
N VAL H 169 2.83 -37.72 17.44
CA VAL H 169 3.04 -39.03 16.77
C VAL H 169 4.54 -39.23 16.50
N ASP H 170 5.21 -39.94 17.42
CA ASP H 170 6.66 -40.26 17.38
C ASP H 170 6.88 -41.49 16.50
N SER H 171 6.85 -41.30 15.18
CA SER H 171 6.92 -42.46 14.27
C SER H 171 8.19 -42.49 13.44
N SER H 172 8.65 -43.72 13.20
CA SER H 172 9.84 -44.06 12.39
C SER H 172 9.46 -43.86 10.92
N ASP H 173 8.16 -43.69 10.65
CA ASP H 173 7.65 -43.49 9.27
C ASP H 173 7.26 -42.04 9.11
N PRO H 174 8.18 -41.18 8.60
CA PRO H 174 7.87 -39.78 8.43
C PRO H 174 6.85 -39.72 7.29
N ILE H 175 5.85 -38.82 7.41
CA ILE H 175 4.87 -38.45 6.34
C ILE H 175 5.64 -38.10 5.06
N GLY H 176 5.08 -38.52 3.91
CA GLY H 176 5.68 -38.33 2.58
C GLY H 176 4.76 -37.51 1.69
N PRO H 177 5.20 -37.17 0.46
CA PRO H 177 4.38 -36.42 -0.48
C PRO H 177 3.18 -37.18 -1.08
N ALA H 178 3.28 -38.50 -1.29
CA ALA H 178 2.30 -39.28 -2.10
C ALA H 178 0.97 -39.34 -1.35
N LYS H 179 0.02 -38.53 -1.83
CA LYS H 179 -1.43 -38.55 -1.47
C LYS H 179 -1.87 -40.03 -1.27
N GLU H 180 -1.52 -40.89 -2.23
CA GLU H 180 -2.02 -42.30 -2.32
C GLU H 180 -1.46 -43.09 -1.12
N LEU H 181 -0.26 -42.77 -0.58
CA LEU H 181 0.31 -43.48 0.62
C LEU H 181 -0.10 -42.81 1.93
N PHE H 182 -0.80 -41.66 1.90
CA PHE H 182 -1.15 -40.90 3.13
C PHE H 182 -2.16 -41.69 3.98
N GLU H 183 -1.82 -41.91 5.24
CA GLU H 183 -2.68 -42.60 6.24
C GLU H 183 -3.88 -41.71 6.65
N LYS H 184 -4.77 -41.45 5.71
CA LYS H 184 -5.94 -40.53 5.89
C LYS H 184 -6.78 -40.95 7.13
N PRO H 185 -7.20 -42.22 7.29
CA PRO H 185 -8.04 -42.58 8.43
C PRO H 185 -7.37 -42.32 9.79
N PHE H 186 -6.08 -42.68 9.95
CA PHE H 186 -5.27 -42.48 11.18
C PHE H 186 -5.30 -40.98 11.55
N PHE H 187 -5.00 -40.09 10.59
CA PHE H 187 -5.06 -38.62 10.78
C PHE H 187 -6.51 -38.13 11.03
N GLU H 188 -7.53 -38.75 10.42
CA GLU H 188 -8.94 -38.33 10.72
C GLU H 188 -9.31 -38.68 12.20
N SER H 189 -8.78 -39.77 12.75
CA SER H 189 -9.01 -40.17 14.15
C SER H 189 -8.31 -39.15 15.07
N VAL H 190 -7.17 -38.59 14.61
CA VAL H 190 -6.43 -37.53 15.38
C VAL H 190 -7.31 -36.29 15.41
N ASN H 191 -7.69 -35.82 14.24
CA ASN H 191 -8.58 -34.64 14.14
C ASN H 191 -9.75 -34.82 15.13
N ARG H 192 -10.34 -36.01 15.16
CA ARG H 192 -11.63 -36.24 15.88
C ARG H 192 -11.35 -36.28 17.39
N ALA H 193 -10.15 -36.74 17.79
CA ALA H 193 -9.76 -36.86 19.22
C ALA H 193 -9.39 -35.48 19.79
N LEU H 194 -8.87 -34.60 18.96
CA LEU H 194 -8.42 -33.26 19.39
C LEU H 194 -9.67 -32.40 19.66
N ARG H 195 -9.62 -31.60 20.72
CA ARG H 195 -10.56 -30.47 20.93
C ARG H 195 -10.48 -29.59 19.69
N PRO H 196 -11.52 -28.74 19.43
CA PRO H 196 -11.40 -27.68 18.42
C PRO H 196 -10.14 -26.85 18.70
N GLY H 197 -9.30 -26.66 17.70
CA GLY H 197 -8.04 -25.91 17.86
C GLY H 197 -6.95 -26.71 18.59
N GLY H 198 -7.16 -28.00 18.82
CA GLY H 198 -6.09 -28.89 19.28
C GLY H 198 -5.00 -29.13 18.21
N VAL H 199 -3.87 -29.66 18.61
CA VAL H 199 -2.67 -29.67 17.71
C VAL H 199 -2.11 -31.09 17.62
N VAL H 200 -1.54 -31.40 16.45
CA VAL H 200 -0.79 -32.66 16.26
C VAL H 200 0.59 -32.26 15.73
N CYS H 201 1.61 -33.01 16.14
CA CYS H 201 2.97 -32.95 15.56
C CYS H 201 3.42 -34.37 15.21
N THR H 202 3.88 -34.60 13.98
CA THR H 202 4.51 -35.86 13.60
C THR H 202 5.72 -35.62 12.69
N GLN H 203 6.65 -36.59 12.66
CA GLN H 203 7.85 -36.52 11.80
C GLN H 203 7.40 -36.53 10.33
N ALA H 204 8.05 -35.70 9.51
CA ALA H 204 7.85 -35.64 8.04
C ALA H 204 9.21 -35.67 7.38
N GLU H 205 9.20 -35.93 6.07
CA GLU H 205 10.45 -36.25 5.32
C GLU H 205 11.35 -35.02 5.29
N SER H 206 12.66 -35.24 5.40
CA SER H 206 13.68 -34.20 5.21
C SER H 206 13.37 -33.50 3.89
N LEU H 207 13.36 -32.17 3.89
CA LEU H 207 13.27 -31.41 2.62
C LEU H 207 14.47 -31.69 1.73
N TRP H 208 15.56 -32.31 2.19
CA TRP H 208 16.67 -32.63 1.25
C TRP H 208 16.29 -33.85 0.40
N LEU H 209 15.29 -34.64 0.78
CA LEU H 209 15.06 -35.95 0.11
C LEU H 209 14.76 -35.71 -1.38
N HIS H 210 14.00 -34.65 -1.70
CA HIS H 210 13.43 -34.41 -3.05
C HIS H 210 13.39 -32.93 -3.43
N MET H 211 12.51 -32.58 -4.39
CA MET H 211 11.98 -31.23 -4.71
C MET H 211 10.45 -31.25 -4.67
N ASP H 212 9.81 -30.12 -4.29
CA ASP H 212 8.34 -29.90 -4.35
C ASP H 212 7.58 -30.77 -3.35
N ILE H 213 8.29 -31.22 -2.32
CA ILE H 213 7.84 -32.27 -1.36
C ILE H 213 7.05 -31.60 -0.21
N ILE H 214 7.31 -30.32 0.06
CA ILE H 214 6.58 -29.61 1.13
C ILE H 214 5.17 -29.32 0.64
N GLU H 215 4.94 -28.66 -0.50
CA GLU H 215 3.55 -28.38 -0.96
C GLU H 215 2.65 -29.64 -0.80
N ASP H 216 3.13 -30.75 -1.35
CA ASP H 216 2.37 -32.04 -1.41
C ASP H 216 2.06 -32.55 -0.01
N ILE H 217 3.03 -32.45 0.89
CA ILE H 217 2.96 -33.03 2.26
C ILE H 217 1.92 -32.23 3.05
N VAL H 218 2.07 -30.89 2.96
CA VAL H 218 1.14 -29.88 3.55
C VAL H 218 -0.26 -30.13 2.97
N SER H 219 -0.33 -30.34 1.66
CA SER H 219 -1.57 -30.70 0.94
C SER H 219 -2.26 -31.87 1.63
N ASN H 220 -1.50 -32.93 1.87
CA ASN H 220 -2.06 -34.22 2.38
C ASN H 220 -2.58 -33.95 3.79
N CYS H 221 -1.94 -33.03 4.51
CA CYS H 221 -2.34 -32.64 5.89
C CYS H 221 -3.60 -31.73 5.86
N ARG H 222 -3.67 -30.76 4.93
CA ARG H 222 -4.83 -29.83 4.77
C ARG H 222 -6.15 -30.57 4.50
N ASP H 223 -6.09 -31.70 3.77
CA ASP H 223 -7.27 -32.58 3.45
C ASP H 223 -7.96 -32.92 4.78
N ILE H 224 -7.22 -33.29 5.83
CA ILE H 224 -7.85 -33.61 7.14
C ILE H 224 -7.99 -32.33 7.98
N PHE H 225 -6.91 -31.60 8.21
CA PHE H 225 -6.83 -30.57 9.27
C PHE H 225 -7.16 -29.22 8.64
N LYS H 226 -8.14 -28.59 9.29
CA LYS H 226 -8.83 -27.41 8.75
C LYS H 226 -8.37 -26.14 9.48
N GLY H 227 -7.64 -26.22 10.62
CA GLY H 227 -6.89 -25.08 11.20
C GLY H 227 -5.59 -24.81 10.43
N SER H 228 -4.49 -24.61 11.18
CA SER H 228 -3.16 -24.25 10.62
C SER H 228 -2.42 -25.54 10.20
N VAL H 229 -1.79 -25.49 9.03
CA VAL H 229 -0.86 -26.57 8.57
C VAL H 229 0.49 -25.91 8.21
N ASN H 230 1.58 -26.35 8.85
CA ASN H 230 2.95 -25.83 8.62
C ASN H 230 3.96 -26.97 8.74
N TYR H 231 4.96 -26.96 7.85
CA TYR H 231 6.20 -27.75 7.96
C TYR H 231 7.25 -26.98 8.79
N ALA H 232 7.95 -27.72 9.63
CA ALA H 232 9.14 -27.25 10.34
C ALA H 232 10.30 -28.23 10.10
N TRP H 233 11.51 -27.79 10.33
CA TRP H 233 12.68 -28.71 10.21
C TRP H 233 13.68 -28.44 11.33
N THR H 234 14.53 -29.43 11.56
CA THR H 234 15.63 -29.19 12.49
C THR H 234 16.70 -30.24 12.29
N SER H 235 17.87 -29.85 12.80
CA SER H 235 19.12 -30.63 12.78
C SER H 235 19.01 -31.82 13.71
N VAL H 236 19.21 -33.04 13.15
CA VAL H 236 19.37 -34.26 13.94
C VAL H 236 20.51 -35.00 13.24
N PRO H 237 21.75 -34.87 13.73
CA PRO H 237 22.93 -35.34 12.99
C PRO H 237 22.89 -36.81 12.51
N THR H 238 22.23 -37.67 13.25
CA THR H 238 22.29 -39.14 13.02
C THR H 238 21.10 -39.61 12.17
N TYR H 239 20.27 -38.69 11.72
CA TYR H 239 19.19 -38.96 10.77
C TYR H 239 19.76 -38.76 9.38
N PRO H 240 19.27 -39.51 8.37
CA PRO H 240 19.76 -39.35 7.00
C PRO H 240 19.48 -37.91 6.55
N SER H 241 20.50 -37.25 5.99
CA SER H 241 20.62 -35.85 5.49
C SER H 241 20.98 -34.89 6.62
N GLY H 242 20.95 -35.36 7.87
CA GLY H 242 21.27 -34.54 9.06
C GLY H 242 20.11 -33.67 9.52
N VAL H 243 18.93 -33.75 8.88
CA VAL H 243 17.75 -32.97 9.28
C VAL H 243 16.55 -33.89 9.25
N ILE H 244 15.59 -33.57 10.11
CA ILE H 244 14.22 -34.11 10.01
C ILE H 244 13.20 -32.97 9.79
N GLY H 245 12.06 -33.35 9.24
CA GLY H 245 10.88 -32.51 9.06
C GLY H 245 9.86 -32.83 10.13
N PHE H 246 9.01 -31.85 10.48
CA PHE H 246 7.82 -32.03 11.31
C PHE H 246 6.64 -31.37 10.62
N MET H 247 5.47 -31.97 10.75
CA MET H 247 4.20 -31.35 10.37
C MET H 247 3.51 -30.98 11.66
N LEU H 248 3.11 -29.72 11.70
CA LEU H 248 2.31 -29.11 12.78
C LEU H 248 0.94 -28.83 12.18
N CYS H 249 -0.12 -29.34 12.81
CA CYS H 249 -1.51 -29.15 12.33
C CYS H 249 -2.42 -28.87 13.53
N SER H 250 -3.30 -27.89 13.33
CA SER H 250 -4.42 -27.67 14.23
C SER H 250 -5.73 -28.04 13.52
N SER H 251 -6.62 -28.68 14.28
CA SER H 251 -8.07 -28.86 13.99
C SER H 251 -8.84 -27.52 13.96
N GLU H 252 -9.97 -27.56 13.26
CA GLU H 252 -10.93 -26.43 13.10
C GLU H 252 -11.36 -25.96 14.50
N GLY H 253 -11.37 -24.65 14.68
CA GLY H 253 -11.59 -24.03 15.99
C GLY H 253 -10.71 -22.82 16.17
N PRO H 254 -10.36 -22.47 17.42
CA PRO H 254 -9.53 -21.31 17.72
C PRO H 254 -8.21 -21.32 16.92
N GLN H 255 -7.87 -20.19 16.34
CA GLN H 255 -6.65 -19.97 15.52
C GLN H 255 -5.40 -20.39 16.29
N VAL H 256 -4.49 -21.06 15.59
CA VAL H 256 -3.15 -21.46 16.12
C VAL H 256 -2.11 -20.86 15.18
N ASP H 257 -1.11 -20.21 15.78
CA ASP H 257 0.04 -19.73 14.98
C ASP H 257 1.25 -20.52 15.45
N PHE H 258 1.65 -21.51 14.66
CA PHE H 258 2.77 -22.42 15.01
C PHE H 258 4.12 -21.70 14.96
N LYS H 259 4.23 -20.58 14.24
CA LYS H 259 5.54 -19.90 14.04
C LYS H 259 5.93 -19.08 15.25
N LYS H 260 4.97 -18.73 16.09
CA LYS H 260 5.21 -17.85 17.25
C LYS H 260 4.59 -18.51 18.46
N PRO H 261 5.39 -19.04 19.39
CA PRO H 261 4.81 -19.75 20.53
C PRO H 261 3.95 -18.79 21.37
N VAL H 262 2.92 -19.32 21.98
CA VAL H 262 2.09 -18.63 23.00
C VAL H 262 2.76 -18.83 24.36
N SER H 263 3.69 -19.78 24.58
CA SER H 263 4.31 -19.84 25.94
C SER H 263 5.82 -20.16 25.94
N LEU H 264 6.48 -19.90 27.07
CA LEU H 264 7.85 -20.31 27.38
C LEU H 264 7.87 -21.60 28.22
N ILE H 265 9.00 -22.31 28.20
CA ILE H 265 9.23 -23.55 28.99
C ILE H 265 10.68 -23.53 29.47
N ASP H 266 10.89 -23.66 30.80
CA ASP H 266 12.23 -23.80 31.48
C ASP H 266 13.33 -23.08 30.68
N CYS H 276 16.35 -31.47 34.78
CA CYS H 276 17.56 -31.38 33.91
C CYS H 276 17.22 -30.51 32.68
N PRO H 277 17.92 -29.38 32.49
CA PRO H 277 17.46 -28.35 31.56
C PRO H 277 17.43 -28.74 30.07
N LEU H 278 16.68 -27.97 29.25
CA LEU H 278 16.54 -28.13 27.77
C LEU H 278 17.91 -27.99 27.12
N LYS H 279 18.21 -28.86 26.18
CA LYS H 279 19.51 -28.77 25.49
C LYS H 279 19.35 -28.14 24.10
N TYR H 280 18.18 -28.21 23.48
CA TYR H 280 17.99 -27.81 22.07
C TYR H 280 16.92 -26.69 21.91
N TYR H 281 15.65 -27.00 22.18
CA TYR H 281 14.47 -26.12 22.01
C TYR H 281 14.65 -24.87 22.84
N ASN H 282 14.21 -23.75 22.24
CA ASN H 282 13.93 -22.43 22.83
C ASN H 282 12.95 -21.72 21.91
N ALA H 283 12.40 -20.56 22.38
CA ALA H 283 11.42 -19.80 21.60
C ALA H 283 12.05 -19.32 20.29
N GLU H 284 13.37 -19.11 20.28
CA GLU H 284 14.07 -18.51 19.12
C GLU H 284 14.14 -19.50 17.96
N ILE H 285 14.62 -20.68 18.27
CA ILE H 285 14.66 -21.74 17.25
C ILE H 285 13.25 -22.26 16.95
N HIS H 286 12.29 -22.16 17.87
CA HIS H 286 10.85 -22.45 17.52
C HIS H 286 10.48 -21.70 16.23
N SER H 287 10.57 -20.36 16.19
CA SER H 287 10.25 -19.58 14.97
C SER H 287 11.21 -19.94 13.82
N ALA H 288 12.50 -20.03 14.09
CA ALA H 288 13.51 -20.31 13.03
C ALA H 288 13.14 -21.59 12.27
N ALA H 289 12.50 -22.55 12.95
CA ALA H 289 12.29 -23.92 12.41
C ALA H 289 11.28 -23.90 11.25
N PHE H 290 10.51 -22.81 11.12
CA PHE H 290 9.52 -22.69 10.04
C PHE H 290 10.11 -21.90 8.90
N CYS H 291 11.34 -21.39 8.99
CA CYS H 291 11.95 -20.65 7.87
C CYS H 291 12.69 -21.63 6.94
N LEU H 292 12.16 -21.80 5.75
CA LEU H 292 12.61 -22.86 4.82
C LEU H 292 13.54 -22.24 3.78
N PRO H 293 14.54 -23.04 3.32
CA PRO H 293 15.38 -22.62 2.21
C PRO H 293 14.56 -22.55 0.94
N SER H 294 15.07 -21.83 -0.05
CA SER H 294 14.27 -21.38 -1.23
C SER H 294 13.79 -22.59 -2.03
N PHE H 295 14.64 -23.65 -2.22
CA PHE H 295 14.26 -24.83 -3.02
C PHE H 295 13.03 -25.53 -2.45
N ALA H 296 12.75 -25.41 -1.16
CA ALA H 296 11.59 -26.06 -0.55
C ALA H 296 10.33 -25.22 -0.69
N LYS H 297 10.36 -24.12 -1.47
CA LYS H 297 9.24 -23.15 -1.64
C LYS H 297 8.94 -22.94 -3.13
N LYS H 298 9.99 -22.73 -3.95
CA LYS H 298 9.95 -22.73 -5.44
C LYS H 298 9.65 -24.15 -5.97
C ACT I . -32.11 15.16 -2.75
O ACT I . -32.06 16.29 -3.28
OXT ACT I . -31.34 14.22 -3.03
CH3 ACT I . -33.19 14.92 -1.70
C1 PEG J . -46.90 14.31 7.58
O1 PEG J . -48.06 13.93 6.86
C2 PEG J . -46.26 15.55 7.05
O2 PEG J . -45.71 16.32 8.12
C3 PEG J . -44.56 17.08 7.75
C4 PEG J . -44.43 18.27 8.64
O4 PEG J . -43.12 18.79 8.65
C1 PEG K . -26.51 31.59 -6.81
O1 PEG K . -25.26 30.90 -7.00
C2 PEG K . -27.69 30.82 -7.32
O2 PEG K . -28.89 31.54 -7.06
C3 PEG K . -30.01 30.99 -7.75
C4 PEG K . -31.02 30.48 -6.76
O4 PEG K . -32.26 31.12 -6.88
C FMT L . 6.26 18.34 5.93
O1 FMT L . 6.15 17.27 6.49
O2 FMT L . 7.40 18.88 5.61
C1 PEG M . 8.50 -6.54 -32.11
O1 PEG M . 8.46 -7.96 -31.96
C2 PEG M . 8.72 -6.14 -33.54
O2 PEG M . 8.39 -4.76 -33.68
C3 PEG M . 8.63 -4.21 -34.98
C4 PEG M . 7.97 -2.85 -35.10
O4 PEG M . 8.85 -1.83 -35.58
C1 MLI N . -5.85 -2.70 -24.63
C2 MLI N . -5.96 -1.79 -23.41
C3 MLI N . -5.23 -4.00 -24.20
O6 MLI N . -5.73 -0.51 -23.59
O7 MLI N . -6.27 -2.37 -22.28
O8 MLI N . -5.79 -4.67 -23.32
O9 MLI N . -4.17 -4.29 -24.72
C1 PEG O . -11.45 -18.52 -26.40
O1 PEG O . -11.52 -19.14 -27.68
C2 PEG O . -12.51 -19.01 -25.45
O2 PEG O . -11.92 -19.38 -24.20
C3 PEG O . -12.63 -18.91 -23.05
C4 PEG O . -12.53 -19.91 -21.94
O4 PEG O . -13.23 -19.52 -20.77
C1 PEG P . 1.66 -31.54 -33.30
O1 PEG P . 1.77 -31.90 -34.68
C2 PEG P . 0.64 -32.36 -32.55
O2 PEG P . -0.09 -31.54 -31.63
C3 PEG P . -0.48 -32.19 -30.43
C4 PEG P . 0.38 -31.72 -29.29
O4 PEG P . -0.17 -32.05 -28.02
C1 PEG Q . 6.50 -26.07 -34.43
O1 PEG Q . 6.75 -24.68 -34.22
C2 PEG Q . 6.17 -26.37 -35.85
O2 PEG Q . 5.40 -27.57 -35.93
C3 PEG Q . 4.03 -27.37 -36.24
C4 PEG Q . 3.79 -27.72 -37.66
O4 PEG Q . 4.59 -26.98 -38.54
C1 MLI R . 19.52 12.42 14.23
C2 MLI R . 19.47 11.30 13.23
C3 MLI R . 18.37 13.36 14.42
O6 MLI R . 18.38 10.53 13.17
O7 MLI R . 20.62 11.06 12.61
O8 MLI R . 18.46 14.51 13.86
O9 MLI R . 17.48 13.02 15.23
C1 EDO S . -3.03 10.72 18.59
O1 EDO S . -2.12 11.75 18.29
C2 EDO S . -2.81 9.48 17.83
O2 EDO S . -3.68 8.43 18.22
C1 MLI T . -2.57 7.42 30.41
C2 MLI T . -3.39 6.32 31.07
C3 MLI T . -3.32 8.59 29.77
O6 MLI T . -4.40 5.85 30.46
O7 MLI T . -2.99 5.88 32.18
O8 MLI T . -2.88 9.77 29.99
O9 MLI T . -4.34 8.33 29.04
C1 PEG U . 7.01 15.64 25.45
O1 PEG U . 7.25 16.97 26.00
C2 PEG U . 5.59 15.52 24.95
O2 PEG U . 5.35 14.26 24.33
C3 PEG U . 3.95 14.04 24.06
C4 PEG U . 3.78 13.01 23.04
O4 PEG U . 2.45 12.59 22.80
C FMT V . 26.60 16.78 26.78
O1 FMT V . 27.03 16.85 25.64
O2 FMT V . 25.38 17.05 27.13
C FMT W . 20.53 1.54 20.80
C FMT W . 21.76 0.49 20.04
O1 FMT W . 19.72 0.88 21.43
O1 FMT W . 21.97 -0.61 20.48
O2 FMT W . 20.30 2.60 20.04
O2 FMT W . 22.60 1.19 19.37
C ACT X . 23.20 3.03 9.32
O ACT X . 22.53 2.16 8.75
OXT ACT X . 24.43 2.99 9.43
CH3 ACT X . 22.48 4.24 9.91
C1 PEG Y . 26.63 28.90 12.11
O1 PEG Y . 27.83 28.88 12.90
C2 PEG Y . 25.44 29.36 12.89
O2 PEG Y . 24.24 29.01 12.22
C3 PEG Y . 23.08 29.66 12.76
C4 PEG Y . 21.85 28.97 12.24
O4 PEG Y . 20.67 29.71 12.45
C1 PEG Z . 49.26 15.40 1.65
O1 PEG Z . 48.57 16.31 0.81
C2 PEG Z . 50.74 15.62 1.63
O2 PEG Z . 51.31 15.67 2.94
C3 PEG Z . 52.44 16.54 3.00
C4 PEG Z . 53.24 16.31 4.24
O4 PEG Z . 54.28 17.26 4.40
C1 PEG AA . 34.44 -28.92 6.97
O1 PEG AA . 34.72 -30.29 7.26
C2 PEG AA . 34.61 -28.57 5.50
O2 PEG AA . 34.58 -27.15 5.29
C3 PEG AA . 35.13 -26.73 4.03
C4 PEG AA . 34.55 -25.42 3.60
O4 PEG AA . 35.16 -24.86 2.42
C1 MLI BA . 18.40 -24.61 10.13
C2 MLI BA . 19.08 -25.84 10.66
C3 MLI BA . 17.23 -24.31 11.03
O6 MLI BA . 18.34 -26.68 11.19
O7 MLI BA . 20.32 -25.91 10.55
O8 MLI BA . 16.09 -24.21 10.51
O9 MLI BA . 17.45 -24.21 12.25
C ACT CA . 18.17 -30.67 -3.50
O ACT CA . 16.98 -31.00 -3.39
OXT ACT CA . 19.10 -31.23 -2.90
CH3 ACT CA . 18.51 -29.53 -4.46
C ACT DA . 13.06 -15.25 13.50
O ACT DA . 11.89 -15.39 13.90
OXT ACT DA . 13.83 -14.35 13.90
CH3 ACT DA . 13.58 -16.24 12.46
C ACT EA . 31.94 -55.50 17.38
O ACT EA . 32.90 -54.76 17.16
OXT ACT EA . 31.73 -56.57 16.77
CH3 ACT EA . 30.94 -55.10 18.46
#